data_9GGN
#
_entry.id   9GGN
#
_cell.length_a   1.00
_cell.length_b   1.00
_cell.length_c   1.00
_cell.angle_alpha   90.00
_cell.angle_beta   90.00
_cell.angle_gamma   90.00
#
_symmetry.space_group_name_H-M   'P 1'
#
loop_
_entity.id
_entity.type
_entity.pdbx_description
1 polymer 'Isoform 1 of Kelch repeat and BTB domain-containing protein 4'
2 polymer 'Histone deacetylase 2'
3 non-polymer (1r,4r)-N~1~-[(7P)-2-benzyl-7-(2-methyl-2H-tetrazol-5-yl)-9H-pyrimido[4,5-b]indol-4-yl]cyclohexane-1,4-diamine
4 non-polymer 'ZINC ION'
#
loop_
_entity_poly.entity_id
_entity_poly.type
_entity_poly.pdbx_seq_one_letter_code
_entity_poly.pdbx_strand_id
1 'polypeptide(L)'
;MESPEEPGASMDENYFVNYTFKDRSHSGRVAQGIMKLCLEEELFADVTISVEGREFQLHRLVLSAQSCFFRSMFTSNLKE
AHNRVIVLQDVSESVFQLLVDYIYHGTVKLRAEELQEIYEVSDMYQLTSLFEECSRFLARTVQVGNCLQVMWLADRHSDP
ELYTAAKHCAKTHLAQLQNTEEFLHLPHRLLTDIISDGVPCSQNPTEAIEAWINFNKEEREAFAESLRTSLKEIGENVHI
YLIGKESSRTHSLAVSLHCAEDDSISVSGQNSLCHQITAACKHGGDLYVVGGSIPRRMWKCNNATVDWEWCAPLPRDRLQ
HTLVSVPGKDAIYSLGGKTLQDTLSNAVIYYRVGDNVWTETTQLEVAVSGAAGANLNGIIYLLGGEENDLDFFTKPSRLI
QCFDTETDKCHVKPYVLPFAGRMHAAVHKDLVFIVAEGDSLVCYNPLLDSFTRLCLPEAWSSAPSLWKIASCNGSIYVFR
DRYKKGDANTYKLDPATSAVTVTRGIKVLLTNLQFVLA
;
A,C
2 'polypeptide(L)'
;MAYSQGGGKKKVCYYYDGDIGNYYYGQGHPMKPHRIRMTHNLLLNYGLYRKMEIYRPHKATAEEMTKYHSDEYIKFLRSI
RPDNMSEYSKQMQRFNVGEDCPVFDGLFEFCQLSTGGSVAGAVKLNRQQTDMAVNWAGGLHHAKKSEASGFCYVNDIVLA
ILELLKYHQRVLYIDIDIHHGDGVEEAFYTTDRVMTVSFHKYGEYFPGTGDLRDIGAGKGKYYAVNFPMRDGIDDESYGQ
IFKPIISKVMEMYQPSAVVLQCGADSLSGDRLGCFNLTVKGHAKCVEVVKTFNLPLLMLGGGGYTIRNVARCWTYETAVA
LDCEIPNELPYNDYFEYFGPDFKLHISPSNMTNQNTPEYMEKIKQRLFENLRMLPHAPGVQMQAIPEDAVHEDSGDEDGE
DPDKRISIRASDKRIACDEEFSDSEDEGEGGRRNVADHKKGAKKARIEEDKKETEDKKTDVKEEDKSKDNSGEKTDTKGT
KSEQLSNP
;
B,D
#
loop_
_chem_comp.id
_chem_comp.type
_chem_comp.name
_chem_comp.formula
A1ACV non-polymer (1r,4r)-N~1~-[(7P)-2-benzyl-7-(2-methyl-2H-tetrazol-5-yl)-9H-pyrimido[4,5-b]indol-4-yl]cyclohexane-1,4-diamine 'C25 H27 N9'
ZN non-polymer 'ZINC ION' 'Zn 2'
#
# COMPACT_ATOMS: atom_id res chain seq x y z
N GLU A 13 -5.15 -7.38 -38.58
CA GLU A 13 -6.39 -8.12 -38.86
C GLU A 13 -6.36 -9.50 -38.20
N ASN A 14 -7.15 -10.42 -38.74
CA ASN A 14 -7.22 -11.77 -38.19
C ASN A 14 -5.89 -12.47 -38.39
N TYR A 15 -5.34 -13.01 -37.30
CA TYR A 15 -4.03 -13.64 -37.35
C TYR A 15 -4.03 -14.96 -38.11
N PHE A 16 -5.20 -15.51 -38.41
CA PHE A 16 -5.30 -16.79 -39.10
C PHE A 16 -5.39 -16.64 -40.62
N VAL A 17 -5.43 -15.42 -41.14
CA VAL A 17 -5.49 -15.21 -42.57
C VAL A 17 -4.36 -14.29 -43.03
N ASN A 18 -4.16 -13.17 -42.33
CA ASN A 18 -3.11 -12.22 -42.69
C ASN A 18 -2.92 -11.20 -41.57
N TYR A 19 -1.67 -10.82 -41.32
CA TYR A 19 -1.37 -9.79 -40.34
C TYR A 19 0.00 -9.22 -40.62
N THR A 20 0.30 -8.09 -39.98
CA THR A 20 1.58 -7.41 -40.15
C THR A 20 2.54 -7.87 -39.06
N PHE A 21 3.66 -8.47 -39.48
CA PHE A 21 4.65 -9.01 -38.56
C PHE A 21 5.85 -8.07 -38.50
N LYS A 22 5.82 -7.14 -37.56
CA LYS A 22 6.91 -6.20 -37.33
C LYS A 22 7.79 -6.71 -36.19
N ASP A 23 9.10 -6.59 -36.36
CA ASP A 23 10.07 -7.12 -35.40
C ASP A 23 11.04 -6.03 -34.97
N ARG A 24 11.28 -5.95 -33.66
CA ARG A 24 12.32 -5.07 -33.14
C ARG A 24 13.70 -5.71 -33.18
N SER A 25 13.77 -7.02 -33.39
CA SER A 25 15.04 -7.71 -33.51
C SER A 25 15.69 -7.48 -34.88
N HIS A 26 14.91 -7.04 -35.86
CA HIS A 26 15.47 -6.82 -37.20
C HIS A 26 16.53 -5.73 -37.17
N SER A 27 16.28 -4.64 -36.44
CA SER A 27 17.29 -3.59 -36.32
C SER A 27 18.55 -4.12 -35.64
N GLY A 28 18.38 -4.89 -34.56
CA GLY A 28 19.52 -5.47 -33.88
C GLY A 28 20.35 -6.35 -34.79
N ARG A 29 19.68 -7.15 -35.63
CA ARG A 29 20.42 -8.04 -36.52
C ARG A 29 21.11 -7.25 -37.64
N VAL A 30 20.41 -6.30 -38.26
CA VAL A 30 21.00 -5.50 -39.32
C VAL A 30 22.03 -4.52 -38.78
N ALA A 31 22.17 -4.44 -37.46
CA ALA A 31 23.32 -3.75 -36.88
C ALA A 31 24.47 -4.71 -36.57
N GLN A 32 24.17 -5.84 -35.94
CA GLN A 32 25.23 -6.74 -35.50
C GLN A 32 25.92 -7.42 -36.68
N GLY A 33 25.15 -7.90 -37.66
CA GLY A 33 25.77 -8.48 -38.83
C GLY A 33 26.61 -7.48 -39.61
N ILE A 34 26.13 -6.24 -39.72
CA ILE A 34 26.92 -5.20 -40.37
C ILE A 34 28.23 -4.98 -39.62
N MET A 35 28.16 -4.87 -38.29
CA MET A 35 29.37 -4.65 -37.51
C MET A 35 30.34 -5.81 -37.67
N LYS A 36 29.83 -7.05 -37.69
CA LYS A 36 30.70 -8.21 -37.72
C LYS A 36 31.34 -8.45 -39.09
N LEU A 37 30.70 -8.02 -40.17
CA LEU A 37 31.16 -8.36 -41.51
C LEU A 37 31.86 -7.21 -42.23
N CYS A 38 32.25 -6.16 -41.52
CA CYS A 38 33.11 -5.12 -42.09
C CYS A 38 34.43 -5.01 -41.32
N LEU A 39 34.39 -4.62 -40.04
CA LEU A 39 35.62 -4.48 -39.27
C LEU A 39 36.43 -5.77 -39.25
N GLU A 40 35.78 -6.92 -39.48
CA GLU A 40 36.45 -8.20 -39.63
C GLU A 40 35.96 -8.83 -40.93
N GLU A 41 36.87 -9.47 -41.66
CA GLU A 41 36.52 -10.18 -42.89
C GLU A 41 35.93 -9.21 -43.92
N GLU A 42 36.64 -8.11 -44.15
CA GLU A 42 36.19 -7.07 -45.07
C GLU A 42 35.74 -7.66 -46.40
N LEU A 43 34.54 -7.26 -46.83
CA LEU A 43 33.96 -7.78 -48.06
C LEU A 43 33.01 -6.73 -48.64
N PHE A 44 32.78 -6.84 -49.95
CA PHE A 44 31.86 -5.96 -50.67
C PHE A 44 32.19 -4.49 -50.44
N ALA A 45 33.48 -4.17 -50.41
CA ALA A 45 33.94 -2.80 -50.21
C ALA A 45 33.33 -1.86 -51.25
N ASP A 46 33.71 -2.03 -52.52
CA ASP A 46 33.24 -1.25 -53.66
C ASP A 46 33.67 0.20 -53.62
N VAL A 47 34.42 0.63 -52.60
CA VAL A 47 34.92 2.00 -52.50
C VAL A 47 36.30 1.95 -51.85
N THR A 48 37.15 2.89 -52.25
CA THR A 48 38.51 3.00 -51.73
C THR A 48 38.69 4.44 -51.25
N ILE A 49 39.03 4.61 -49.97
CA ILE A 49 39.13 5.91 -49.34
C ILE A 49 40.60 6.19 -49.01
N SER A 50 41.05 7.40 -49.33
CA SER A 50 42.42 7.82 -49.08
C SER A 50 42.45 8.73 -47.86
N VAL A 51 43.23 8.35 -46.85
CA VAL A 51 43.38 9.14 -45.63
C VAL A 51 44.88 9.39 -45.46
N GLU A 52 45.37 10.50 -46.00
CA GLU A 52 46.80 10.84 -46.01
C GLU A 52 47.63 9.63 -46.44
N GLY A 53 47.19 8.98 -47.51
CA GLY A 53 47.88 7.84 -48.06
C GLY A 53 47.44 6.49 -47.52
N ARG A 54 46.64 6.46 -46.46
CA ARG A 54 46.09 5.21 -45.95
C ARG A 54 44.92 4.78 -46.81
N GLU A 55 44.92 3.51 -47.22
CA GLU A 55 43.87 2.95 -48.06
C GLU A 55 42.84 2.25 -47.19
N PHE A 56 41.58 2.67 -47.31
CA PHE A 56 40.47 2.10 -46.56
C PHE A 56 39.47 1.49 -47.53
N GLN A 57 38.93 0.33 -47.16
CA GLN A 57 37.97 -0.39 -47.97
C GLN A 57 36.53 -0.11 -47.52
N LEU A 58 36.26 1.12 -47.07
CA LEU A 58 34.95 1.51 -46.57
C LEU A 58 33.84 1.08 -47.50
N HIS A 59 32.92 0.28 -46.98
CA HIS A 59 31.76 -0.16 -47.74
C HIS A 59 30.81 1.01 -47.99
N ARG A 60 30.19 1.00 -49.17
CA ARG A 60 29.41 2.15 -49.62
C ARG A 60 28.07 2.23 -48.90
N LEU A 61 27.29 1.15 -48.94
CA LEU A 61 25.92 1.18 -48.44
C LEU A 61 25.83 1.69 -47.00
N VAL A 62 26.71 1.21 -46.12
CA VAL A 62 26.65 1.62 -44.73
C VAL A 62 26.77 3.15 -44.61
N LEU A 63 27.81 3.72 -45.20
CA LEU A 63 27.89 5.16 -45.28
C LEU A 63 26.74 5.70 -46.12
N SER A 64 26.56 7.02 -46.05
CA SER A 64 25.48 7.76 -46.70
C SER A 64 24.14 7.48 -46.03
N ALA A 65 24.01 6.33 -45.36
CA ALA A 65 22.79 6.01 -44.62
C ALA A 65 22.73 6.69 -43.27
N GLN A 66 23.80 7.34 -42.86
CA GLN A 66 23.90 8.13 -41.63
C GLN A 66 24.45 9.52 -41.89
N SER A 67 25.39 9.64 -42.82
CA SER A 67 25.96 10.92 -43.21
C SER A 67 25.45 11.29 -44.61
N CYS A 68 24.64 12.34 -44.69
CA CYS A 68 24.12 12.74 -45.98
C CYS A 68 25.21 13.31 -46.89
N PHE A 69 26.27 13.87 -46.28
CA PHE A 69 27.40 14.35 -47.07
C PHE A 69 27.99 13.25 -47.93
N PHE A 70 27.99 12.01 -47.42
CA PHE A 70 28.49 10.90 -48.23
C PHE A 70 27.46 10.42 -49.26
N ARG A 71 26.19 10.71 -49.02
CA ARG A 71 25.19 10.49 -50.05
C ARG A 71 25.45 11.40 -51.24
N SER A 72 25.42 12.72 -51.00
CA SER A 72 25.84 13.70 -51.99
C SER A 72 27.15 13.30 -52.66
N MET A 73 28.12 12.84 -51.87
CA MET A 73 29.42 12.47 -52.41
C MET A 73 29.31 11.30 -53.38
N PHE A 74 28.43 10.34 -53.08
CA PHE A 74 28.39 9.12 -53.88
C PHE A 74 27.10 9.01 -54.70
N THR A 75 26.72 10.10 -55.36
CA THR A 75 25.59 10.11 -56.28
C THR A 75 26.13 10.40 -57.67
N SER A 76 26.63 9.35 -58.33
CA SER A 76 27.30 9.40 -59.63
C SER A 76 27.80 10.78 -60.08
N VAL A 85 39.57 6.87 -55.57
CA VAL A 85 39.32 7.89 -56.58
C VAL A 85 38.72 9.10 -55.87
N ILE A 86 38.93 9.15 -54.55
CA ILE A 86 38.45 10.23 -53.71
C ILE A 86 39.67 10.89 -53.05
N VAL A 87 39.44 12.07 -52.46
CA VAL A 87 40.53 12.82 -51.84
C VAL A 87 40.25 13.01 -50.35
N LEU A 88 39.09 13.59 -50.01
CA LEU A 88 38.66 13.83 -48.63
C LEU A 88 39.81 14.37 -47.76
N GLN A 89 40.27 15.57 -48.13
CA GLN A 89 41.38 16.19 -47.44
C GLN A 89 40.89 16.92 -46.19
N ASP A 90 41.84 17.48 -45.45
CA ASP A 90 41.55 18.21 -44.19
C ASP A 90 40.87 17.29 -43.18
N VAL A 91 41.46 16.12 -42.97
CA VAL A 91 40.95 15.14 -42.02
C VAL A 91 42.13 14.39 -41.43
N SER A 92 42.10 14.21 -40.10
CA SER A 92 43.14 13.47 -39.40
C SER A 92 42.92 11.98 -39.53
N GLU A 93 44.00 11.24 -39.84
CA GLU A 93 43.90 9.80 -40.03
C GLU A 93 43.28 9.11 -38.82
N SER A 94 43.75 9.47 -37.62
CA SER A 94 43.22 8.83 -36.42
C SER A 94 41.77 9.22 -36.17
N VAL A 95 41.43 10.50 -36.42
CA VAL A 95 40.05 10.93 -36.24
C VAL A 95 39.14 10.24 -37.26
N PHE A 96 39.63 10.05 -38.48
CA PHE A 96 38.84 9.33 -39.47
C PHE A 96 38.70 7.86 -39.11
N GLN A 97 39.73 7.27 -38.50
CA GLN A 97 39.60 5.91 -37.99
C GLN A 97 38.52 5.83 -36.92
N LEU A 98 38.51 6.79 -36.01
CA LEU A 98 37.45 6.85 -34.99
C LEU A 98 36.08 7.00 -35.63
N LEU A 99 35.97 7.85 -36.65
CA LEU A 99 34.71 8.06 -37.34
C LEU A 99 34.23 6.78 -37.99
N VAL A 100 35.13 6.04 -38.64
CA VAL A 100 34.75 4.78 -39.27
C VAL A 100 34.34 3.77 -38.22
N ASP A 101 35.07 3.72 -37.10
CA ASP A 101 34.71 2.80 -36.02
C ASP A 101 33.31 3.12 -35.49
N TYR A 102 32.97 4.40 -35.38
CA TYR A 102 31.61 4.79 -35.03
C TYR A 102 30.63 4.27 -36.07
N ILE A 103 30.75 4.76 -37.31
CA ILE A 103 29.80 4.49 -38.38
C ILE A 103 29.61 3.00 -38.60
N TYR A 104 30.57 2.19 -38.16
CA TYR A 104 30.48 0.75 -38.41
C TYR A 104 30.06 -0.06 -37.19
N HIS A 105 30.48 0.35 -35.98
CA HIS A 105 30.18 -0.40 -34.77
C HIS A 105 29.36 0.39 -33.75
N GLY A 106 29.17 1.70 -33.94
CA GLY A 106 28.43 2.53 -33.02
C GLY A 106 29.09 2.80 -31.69
N THR A 107 30.17 2.12 -31.35
CA THR A 107 30.83 2.28 -30.05
C THR A 107 32.19 2.92 -30.25
N VAL A 108 32.41 4.07 -29.61
CA VAL A 108 33.69 4.76 -29.66
C VAL A 108 34.08 5.15 -28.24
N LYS A 109 35.31 4.81 -27.85
CA LYS A 109 35.87 5.22 -26.56
C LYS A 109 36.62 6.52 -26.76
N LEU A 110 35.86 7.62 -26.75
CA LEU A 110 36.43 8.94 -27.02
C LEU A 110 37.36 9.36 -25.89
N ARG A 111 38.25 10.30 -26.20
CA ARG A 111 39.17 10.86 -25.23
C ARG A 111 39.21 12.37 -25.39
N ALA A 112 39.56 13.05 -24.29
CA ALA A 112 39.59 14.51 -24.30
C ALA A 112 40.63 15.07 -25.26
N GLU A 113 41.68 14.30 -25.59
CA GLU A 113 42.70 14.77 -26.50
C GLU A 113 42.13 14.97 -27.91
N GLU A 114 41.27 14.04 -28.35
CA GLU A 114 40.71 14.04 -29.69
C GLU A 114 39.27 14.52 -29.72
N LEU A 115 38.92 15.51 -28.90
CA LEU A 115 37.54 15.96 -28.84
C LEU A 115 37.23 16.96 -29.95
N GLN A 116 37.92 18.11 -29.95
CA GLN A 116 37.62 19.14 -30.94
C GLN A 116 37.84 18.61 -32.35
N GLU A 117 38.89 17.82 -32.55
CA GLU A 117 39.16 17.23 -33.85
C GLU A 117 38.00 16.34 -34.29
N ILE A 118 37.44 15.55 -33.36
CA ILE A 118 36.29 14.72 -33.68
C ILE A 118 34.99 15.51 -33.69
N TYR A 119 35.01 16.75 -33.23
CA TYR A 119 33.79 17.57 -33.19
C TYR A 119 33.53 18.22 -34.55
N GLU A 120 34.46 19.06 -35.01
CA GLU A 120 34.21 19.90 -36.18
C GLU A 120 33.89 19.06 -37.41
N VAL A 121 34.60 17.95 -37.60
CA VAL A 121 34.34 17.10 -38.76
C VAL A 121 32.96 16.47 -38.66
N SER A 122 32.54 16.11 -37.45
CA SER A 122 31.30 15.35 -37.30
C SER A 122 30.09 16.22 -37.60
N ASP A 123 30.13 17.49 -37.19
CA ASP A 123 29.09 18.42 -37.60
C ASP A 123 29.12 18.66 -39.11
N MET A 124 30.27 18.45 -39.74
CA MET A 124 30.36 18.58 -41.19
C MET A 124 29.69 17.41 -41.89
N TYR A 125 29.91 16.19 -41.40
CA TYR A 125 29.44 14.97 -42.05
C TYR A 125 28.07 14.52 -41.56
N GLN A 126 27.20 15.44 -41.16
CA GLN A 126 25.82 15.17 -40.77
C GLN A 126 25.72 13.92 -39.87
N LEU A 127 26.40 13.99 -38.74
CA LEU A 127 26.32 12.95 -37.71
C LEU A 127 25.66 13.58 -36.48
N THR A 128 24.32 13.55 -36.47
CA THR A 128 23.57 14.22 -35.42
C THR A 128 23.95 13.69 -34.04
N SER A 129 24.03 12.36 -33.89
CA SER A 129 24.29 11.79 -32.57
C SER A 129 25.68 12.19 -32.08
N LEU A 130 26.69 12.06 -32.93
CA LEU A 130 28.05 12.46 -32.54
C LEU A 130 28.14 13.96 -32.34
N PHE A 131 27.47 14.74 -33.19
CA PHE A 131 27.42 16.19 -33.00
C PHE A 131 26.93 16.52 -31.60
N GLU A 132 25.80 15.94 -31.21
CA GLU A 132 25.23 16.19 -29.89
C GLU A 132 26.18 15.74 -28.78
N GLU A 133 26.81 14.58 -28.96
CA GLU A 133 27.64 14.05 -27.88
C GLU A 133 28.91 14.88 -27.69
N CYS A 134 29.53 15.36 -28.78
CA CYS A 134 30.68 16.23 -28.63
C CYS A 134 30.28 17.61 -28.13
N SER A 135 29.08 18.08 -28.48
CA SER A 135 28.59 19.33 -27.90
C SER A 135 28.42 19.17 -26.39
N ARG A 136 27.86 18.05 -25.95
CA ARG A 136 27.73 17.77 -24.52
C ARG A 136 29.09 17.67 -23.85
N PHE A 137 30.05 17.01 -24.51
CA PHE A 137 31.40 16.89 -23.97
C PHE A 137 32.03 18.26 -23.78
N LEU A 138 31.90 19.15 -24.78
CA LEU A 138 32.49 20.47 -24.67
C LEU A 138 31.78 21.32 -23.63
N ALA A 139 30.46 21.17 -23.50
CA ALA A 139 29.73 21.89 -22.47
C ALA A 139 30.11 21.40 -21.07
N ARG A 140 30.43 20.12 -20.94
CA ARG A 140 30.78 19.54 -19.65
C ARG A 140 32.20 19.91 -19.24
N THR A 141 33.18 19.56 -20.08
CA THR A 141 34.58 19.76 -19.73
C THR A 141 35.03 21.21 -19.88
N VAL A 142 34.31 22.01 -20.67
CA VAL A 142 34.64 23.40 -21.01
C VAL A 142 36.15 23.62 -21.15
N ARG A 156 29.97 28.25 -32.58
CA ARG A 156 30.49 28.46 -33.92
C ARG A 156 29.62 27.77 -34.97
N HIS A 157 29.21 26.55 -34.67
CA HIS A 157 28.36 25.77 -35.56
C HIS A 157 26.89 26.05 -35.28
N SER A 158 26.02 25.49 -36.14
CA SER A 158 24.59 25.74 -36.07
C SER A 158 23.92 24.83 -35.03
N ASP A 159 24.32 25.03 -33.77
CA ASP A 159 23.70 24.38 -32.63
C ASP A 159 23.55 25.41 -31.52
N PRO A 160 22.45 25.36 -30.76
CA PRO A 160 22.30 26.29 -29.65
C PRO A 160 22.90 25.81 -28.34
N GLU A 161 22.99 24.49 -28.16
CA GLU A 161 23.40 23.93 -26.87
C GLU A 161 24.81 24.39 -26.50
N LEU A 162 25.76 24.25 -27.42
CA LEU A 162 27.13 24.67 -27.15
C LEU A 162 27.21 26.18 -26.94
N TYR A 163 26.46 26.95 -27.74
CA TYR A 163 26.48 28.40 -27.61
C TYR A 163 25.95 28.83 -26.25
N THR A 164 24.81 28.27 -25.83
CA THR A 164 24.25 28.62 -24.54
C THR A 164 25.16 28.18 -23.40
N ALA A 165 25.78 27.00 -23.53
CA ALA A 165 26.71 26.54 -22.50
C ALA A 165 27.91 27.47 -22.38
N ALA A 166 28.46 27.91 -23.50
CA ALA A 166 29.58 28.84 -23.47
C ALA A 166 29.16 30.18 -22.87
N LYS A 167 27.96 30.66 -23.22
CA LYS A 167 27.48 31.92 -22.67
C LYS A 167 27.30 31.84 -21.17
N HIS A 168 26.79 30.70 -20.68
CA HIS A 168 26.60 30.52 -19.24
C HIS A 168 27.91 30.55 -18.48
N CYS A 169 29.03 30.25 -19.13
CA CYS A 169 30.35 30.31 -18.50
C CYS A 169 30.88 31.73 -18.54
N ALA A 170 30.10 32.69 -18.04
CA ALA A 170 30.49 34.08 -18.00
C ALA A 170 30.82 34.58 -16.60
N LYS A 171 30.47 33.82 -15.56
CA LYS A 171 30.80 34.23 -14.19
C LYS A 171 32.30 34.19 -13.93
N THR A 172 33.08 33.50 -14.76
CA THR A 172 34.52 33.42 -14.60
C THR A 172 35.26 34.04 -15.77
N HIS A 173 34.62 34.95 -16.50
CA HIS A 173 35.24 35.56 -17.68
C HIS A 173 36.47 36.38 -17.33
N LEU A 174 36.62 36.79 -16.07
CA LEU A 174 37.79 37.56 -15.65
C LEU A 174 38.90 36.64 -15.17
N GLU A 236 26.38 37.24 -6.86
CA GLU A 236 25.06 37.88 -6.77
C GLU A 236 24.11 37.04 -5.94
N ASN A 237 24.45 35.77 -5.74
CA ASN A 237 23.63 34.87 -4.94
C ASN A 237 24.55 33.88 -4.23
N VAL A 238 24.14 33.51 -3.01
CA VAL A 238 24.93 32.56 -2.22
C VAL A 238 24.91 31.20 -2.89
N HIS A 239 26.08 30.56 -2.99
CA HIS A 239 26.20 29.32 -3.73
C HIS A 239 25.36 28.22 -3.09
N ILE A 240 25.48 28.06 -1.77
CA ILE A 240 24.74 27.04 -1.04
C ILE A 240 24.30 27.62 0.30
N TYR A 241 23.07 27.30 0.71
CA TYR A 241 22.51 27.82 1.95
C TYR A 241 22.77 26.84 3.09
N LEU A 242 23.44 27.31 4.13
CA LEU A 242 23.78 26.45 5.26
C LEU A 242 22.55 26.15 6.10
N ILE A 243 22.46 24.92 6.59
CA ILE A 243 21.37 24.46 7.44
C ILE A 243 20.02 24.67 6.76
N GLN A 270 23.12 35.65 8.46
CA GLN A 270 22.99 34.49 9.34
C GLN A 270 21.76 34.61 10.24
N ASN A 271 20.84 33.68 10.10
CA ASN A 271 19.61 33.65 10.87
C ASN A 271 19.70 32.55 11.93
N SER A 272 18.61 32.38 12.68
CA SER A 272 18.53 31.40 13.76
C SER A 272 17.57 30.28 13.44
N LEU A 273 16.31 30.61 13.14
CA LEU A 273 15.26 29.63 12.84
C LEU A 273 15.14 28.61 13.98
N CYS A 274 14.76 29.10 15.15
CA CYS A 274 14.66 28.25 16.34
C CYS A 274 13.65 27.11 16.15
N HIS A 275 12.72 27.27 15.21
CA HIS A 275 11.74 26.22 14.94
C HIS A 275 12.41 24.95 14.46
N GLN A 276 11.87 23.80 14.88
CA GLN A 276 12.43 22.51 14.50
C GLN A 276 12.28 22.30 13.00
N ILE A 277 13.36 21.86 12.36
CA ILE A 277 13.42 21.69 10.91
C ILE A 277 13.58 20.23 10.57
N THR A 278 12.76 19.74 9.63
CA THR A 278 12.88 18.38 9.13
C THR A 278 13.07 18.30 7.63
N ALA A 279 13.09 19.42 6.91
CA ALA A 279 13.29 19.43 5.47
C ALA A 279 13.49 20.86 5.00
N ALA A 280 14.26 21.02 3.93
CA ALA A 280 14.50 22.34 3.36
C ALA A 280 14.71 22.20 1.86
N CYS A 281 14.57 23.33 1.15
CA CYS A 281 14.83 23.33 -0.28
C CYS A 281 15.17 24.75 -0.72
N LYS A 282 15.77 24.83 -1.91
CA LYS A 282 16.13 26.09 -2.54
C LYS A 282 15.48 26.17 -3.91
N HIS A 283 15.13 27.39 -4.33
CA HIS A 283 14.52 27.61 -5.64
C HIS A 283 15.22 28.74 -6.38
N GLY A 284 16.49 28.98 -6.06
CA GLY A 284 17.25 30.07 -6.66
C GLY A 284 17.65 31.16 -5.69
N GLY A 285 17.41 30.99 -4.40
CA GLY A 285 17.71 32.00 -3.41
C GLY A 285 16.64 32.08 -2.34
N ASP A 286 15.52 31.40 -2.57
CA ASP A 286 14.39 31.37 -1.64
C ASP A 286 14.46 30.05 -0.87
N LEU A 287 14.94 30.12 0.37
CA LEU A 287 15.09 28.93 1.21
C LEU A 287 13.74 28.61 1.81
N TYR A 288 13.04 27.63 1.24
CA TYR A 288 11.75 27.18 1.74
C TYR A 288 11.99 25.99 2.66
N VAL A 289 11.80 26.19 3.96
CA VAL A 289 12.07 25.17 4.97
C VAL A 289 10.76 24.69 5.57
N VAL A 290 10.52 23.38 5.47
CA VAL A 290 9.45 22.76 6.23
C VAL A 290 9.87 22.66 7.69
N GLY A 291 8.96 22.98 8.60
CA GLY A 291 9.33 22.95 10.01
C GLY A 291 8.29 23.62 10.90
N GLY A 292 8.78 24.16 12.00
CA GLY A 292 7.94 24.80 13.00
C GLY A 292 7.68 23.90 14.19
N SER A 293 6.65 24.26 14.95
CA SER A 293 6.20 23.38 16.03
C SER A 293 5.53 22.15 15.46
N ILE A 294 4.64 22.34 14.49
CA ILE A 294 4.07 21.26 13.70
C ILE A 294 4.76 21.28 12.34
N PRO A 295 5.23 20.14 11.82
CA PRO A 295 6.05 20.17 10.60
C PRO A 295 5.36 20.78 9.39
N ARG A 296 4.03 20.80 9.36
CA ARG A 296 3.33 21.29 8.18
C ARG A 296 3.62 22.76 7.90
N ARG A 297 3.96 23.52 8.95
CA ARG A 297 4.31 24.93 8.77
C ARG A 297 5.49 25.09 7.83
N MET A 298 5.36 26.01 6.87
CA MET A 298 6.38 26.27 5.87
C MET A 298 6.92 27.69 6.07
N TRP A 299 8.22 27.81 6.29
CA TRP A 299 8.86 29.10 6.47
C TRP A 299 9.68 29.45 5.25
N LYS A 300 9.65 30.72 4.87
CA LYS A 300 10.36 31.21 3.69
C LYS A 300 11.41 32.22 4.12
N CYS A 301 12.66 32.00 3.70
CA CYS A 301 13.76 32.90 4.01
C CYS A 301 14.29 33.57 2.75
N ASN A 302 13.38 33.99 1.86
CA ASN A 302 13.77 34.59 0.60
C ASN A 302 14.64 35.83 0.84
N ASN A 303 15.70 35.94 0.04
CA ASN A 303 16.67 37.04 0.16
C ASN A 303 17.27 37.10 1.56
N TRP A 310 7.09 32.65 4.92
CA TRP A 310 5.79 32.02 5.08
C TRP A 310 5.28 31.50 3.74
N CYS A 311 4.50 30.41 3.79
CA CYS A 311 3.96 29.78 2.59
C CYS A 311 2.68 29.03 2.97
N ALA A 312 1.97 28.58 1.94
CA ALA A 312 0.76 27.82 2.17
C ALA A 312 1.07 26.56 2.99
N PRO A 313 0.25 26.22 3.98
CA PRO A 313 0.51 25.03 4.78
C PRO A 313 0.53 23.77 3.92
N LEU A 314 1.43 22.85 4.29
CA LEU A 314 1.51 21.57 3.62
C LEU A 314 0.31 20.71 4.02
N PRO A 315 -0.56 20.32 3.08
CA PRO A 315 -1.75 19.56 3.46
C PRO A 315 -1.52 18.06 3.58
N ARG A 316 -0.40 17.67 4.19
CA ARG A 316 -0.07 16.26 4.42
C ARG A 316 0.81 16.16 5.65
N ASP A 317 0.74 15.00 6.32
CA ASP A 317 1.57 14.71 7.49
C ASP A 317 2.70 13.82 7.01
N ARG A 318 3.89 14.40 6.82
CA ARG A 318 5.02 13.68 6.26
C ARG A 318 6.25 13.87 7.14
N LEU A 319 7.07 12.83 7.21
CA LEU A 319 8.38 12.87 7.84
C LEU A 319 9.40 12.28 6.89
N GLN A 320 10.55 12.95 6.75
CA GLN A 320 11.59 12.55 5.82
C GLN A 320 11.07 12.53 4.38
N HIS A 321 10.54 13.67 3.97
CA HIS A 321 10.00 13.83 2.62
C HIS A 321 11.00 14.58 1.74
N THR A 322 11.06 14.18 0.47
CA THR A 322 12.04 14.71 -0.47
C THR A 322 11.48 15.98 -1.10
N LEU A 323 12.15 17.10 -0.87
CA LEU A 323 11.66 18.42 -1.27
C LEU A 323 12.43 18.86 -2.52
N VAL A 324 11.93 18.45 -3.67
CA VAL A 324 12.56 18.78 -4.95
C VAL A 324 12.08 20.14 -5.41
N SER A 325 12.92 20.87 -6.14
CA SER A 325 12.58 22.17 -6.71
C SER A 325 12.99 22.21 -8.18
N VAL A 326 12.05 21.90 -9.08
CA VAL A 326 12.32 21.84 -10.51
C VAL A 326 11.92 23.18 -11.11
N PRO A 327 12.87 24.03 -11.53
CA PRO A 327 12.49 25.34 -12.07
C PRO A 327 11.84 25.28 -13.45
N GLY A 328 11.99 24.17 -14.19
CA GLY A 328 11.41 24.11 -15.53
C GLY A 328 9.90 24.20 -15.53
N LYS A 329 9.26 23.66 -14.49
CA LYS A 329 7.82 23.73 -14.32
C LYS A 329 7.54 24.35 -12.97
N ASP A 330 8.14 25.52 -12.73
CA ASP A 330 8.48 26.02 -11.40
C ASP A 330 7.44 25.68 -10.36
N ALA A 331 7.87 24.96 -9.32
CA ALA A 331 7.04 24.38 -8.29
C ALA A 331 7.97 23.68 -7.30
N ILE A 332 7.39 23.21 -6.21
CA ILE A 332 8.14 22.48 -5.18
C ILE A 332 7.42 21.17 -4.90
N TYR A 333 8.13 20.07 -4.98
CA TYR A 333 7.53 18.75 -4.88
C TYR A 333 7.95 18.09 -3.59
N SER A 334 7.05 17.28 -3.02
CA SER A 334 7.26 16.68 -1.71
C SER A 334 7.20 15.16 -1.80
N LEU A 335 7.98 14.60 -2.70
CA LEU A 335 7.88 13.18 -3.02
C LEU A 335 8.38 12.32 -1.87
N GLY A 336 7.62 11.29 -1.51
CA GLY A 336 8.02 10.36 -0.47
C GLY A 336 7.85 10.93 0.92
N GLY A 337 7.93 10.05 1.90
CA GLY A 337 7.87 10.46 3.29
C GLY A 337 7.37 9.34 4.17
N LYS A 338 7.32 9.64 5.47
CA LYS A 338 6.78 8.75 6.47
C LYS A 338 5.50 9.35 7.07
N THR A 339 4.61 8.48 7.53
CA THR A 339 3.33 8.90 8.07
C THR A 339 3.35 8.80 9.59
N LEU A 340 2.34 9.45 10.22
CA LEU A 340 2.17 9.37 11.66
C LEU A 340 1.88 7.96 12.14
N GLN A 341 1.37 7.09 11.27
CA GLN A 341 1.12 5.70 11.59
C GLN A 341 2.34 4.83 11.34
N ASP A 342 3.50 5.44 11.10
CA ASP A 342 4.75 4.73 10.83
C ASP A 342 4.61 3.85 9.58
N THR A 343 4.23 4.49 8.48
CA THR A 343 4.16 3.84 7.18
C THR A 343 4.83 4.75 6.15
N LEU A 344 5.32 4.14 5.08
CA LEU A 344 6.04 4.88 4.06
C LEU A 344 5.05 5.47 3.05
N SER A 345 5.23 6.75 2.74
CA SER A 345 4.29 7.48 1.88
C SER A 345 4.80 7.45 0.44
N ASN A 346 4.05 6.77 -0.43
CA ASN A 346 4.30 6.81 -1.86
C ASN A 346 3.46 7.86 -2.57
N ALA A 347 3.52 9.10 -2.09
CA ALA A 347 2.66 10.17 -2.58
C ALA A 347 3.50 11.38 -2.93
N VAL A 348 3.16 12.03 -4.04
CA VAL A 348 3.80 13.26 -4.49
C VAL A 348 2.77 14.37 -4.52
N ILE A 349 3.04 15.45 -3.81
CA ILE A 349 2.22 16.66 -3.84
C ILE A 349 3.11 17.84 -4.18
N TYR A 350 2.60 18.74 -5.03
CA TYR A 350 3.40 19.85 -5.53
C TYR A 350 2.79 21.17 -5.08
N TYR A 351 3.64 22.17 -4.97
CA TYR A 351 3.27 23.52 -4.56
C TYR A 351 3.61 24.46 -5.72
N ARG A 352 2.59 25.08 -6.28
CA ARG A 352 2.78 26.08 -7.33
C ARG A 352 3.31 27.37 -6.72
N VAL A 353 4.42 27.88 -7.27
CA VAL A 353 5.09 29.02 -6.66
C VAL A 353 4.23 30.27 -6.78
N GLY A 354 3.65 30.51 -7.95
CA GLY A 354 3.00 31.78 -8.23
C GLY A 354 1.64 31.97 -7.59
N ASP A 355 1.04 30.91 -7.03
CA ASP A 355 -0.31 31.02 -6.49
C ASP A 355 -0.46 30.39 -5.11
N ASN A 356 0.60 29.85 -4.52
CA ASN A 356 0.56 29.22 -3.20
C ASN A 356 -0.51 28.12 -3.16
N VAL A 357 -0.50 27.27 -4.19
CA VAL A 357 -1.49 26.21 -4.35
C VAL A 357 -0.78 24.88 -4.15
N TRP A 358 -1.03 24.25 -3.02
CA TRP A 358 -0.51 22.90 -2.74
C TRP A 358 -1.41 21.88 -3.43
N THR A 359 -1.21 21.74 -4.74
CA THR A 359 -1.96 20.75 -5.49
C THR A 359 -1.33 19.37 -5.34
N GLU A 360 -1.95 18.37 -5.95
CA GLU A 360 -1.52 16.98 -5.83
C GLU A 360 -1.31 16.39 -7.22
N THR A 361 -0.24 15.61 -7.37
CA THR A 361 0.14 15.00 -8.63
C THR A 361 0.15 13.48 -8.48
N THR A 362 0.52 12.79 -9.56
CA THR A 362 0.52 11.34 -9.56
C THR A 362 1.50 10.79 -8.53
N GLN A 363 1.15 9.64 -7.96
CA GLN A 363 1.93 9.02 -6.89
C GLN A 363 3.22 8.42 -7.44
N LEU A 364 4.10 8.02 -6.52
CA LEU A 364 5.30 7.29 -6.87
C LEU A 364 4.98 5.85 -7.22
N GLU A 365 6.02 5.06 -7.50
CA GLU A 365 5.89 3.63 -7.73
C GLU A 365 6.28 2.80 -6.53
N VAL A 366 7.30 3.24 -5.79
CA VAL A 366 7.75 2.55 -4.58
C VAL A 366 7.89 3.59 -3.47
N ALA A 367 7.30 3.31 -2.33
CA ALA A 367 7.35 4.25 -1.20
C ALA A 367 8.77 4.32 -0.64
N VAL A 368 9.21 5.55 -0.36
CA VAL A 368 10.54 5.80 0.20
C VAL A 368 10.44 6.94 1.21
N SER A 369 11.51 7.10 1.99
CA SER A 369 11.60 8.17 2.98
C SER A 369 13.07 8.50 3.20
N GLY A 370 13.35 9.79 3.36
CA GLY A 370 14.73 10.23 3.53
C GLY A 370 15.62 9.93 2.35
N ALA A 371 15.08 10.01 1.14
CA ALA A 371 15.82 9.74 -0.08
C ALA A 371 16.40 11.04 -0.64
N ALA A 372 17.56 10.92 -1.28
CA ALA A 372 18.16 12.07 -1.93
C ALA A 372 17.35 12.46 -3.15
N GLY A 373 17.39 13.75 -3.48
CA GLY A 373 16.67 14.24 -4.64
C GLY A 373 17.49 15.19 -5.49
N ALA A 374 17.37 15.09 -6.80
CA ALA A 374 18.14 15.97 -7.68
C ALA A 374 17.40 16.19 -8.99
N ASN A 375 17.38 17.43 -9.45
CA ASN A 375 16.68 17.77 -10.68
C ASN A 375 17.65 17.88 -11.85
N LEU A 376 17.16 17.55 -13.04
CA LEU A 376 17.95 17.63 -14.26
C LEU A 376 16.99 17.86 -15.42
N ASN A 377 17.03 19.07 -15.97
CA ASN A 377 16.26 19.43 -17.17
C ASN A 377 14.81 18.94 -17.07
N GLY A 378 14.16 19.30 -15.97
CA GLY A 378 12.78 18.92 -15.73
C GLY A 378 12.60 17.64 -14.94
N ILE A 379 13.37 16.60 -15.27
CA ILE A 379 13.20 15.31 -14.59
C ILE A 379 13.69 15.41 -13.16
N ILE A 380 13.03 14.71 -12.26
CA ILE A 380 13.42 14.64 -10.85
C ILE A 380 13.86 13.23 -10.54
N TYR A 381 15.07 13.08 -10.00
CA TYR A 381 15.65 11.79 -9.67
C TYR A 381 15.63 11.61 -8.16
N LEU A 382 15.05 10.50 -7.73
CA LEU A 382 14.96 10.11 -6.33
C LEU A 382 15.89 8.93 -6.09
N LEU A 383 16.86 9.14 -5.19
CA LEU A 383 17.96 8.22 -4.96
C LEU A 383 17.85 7.59 -3.58
N GLY A 384 17.90 6.26 -3.54
CA GLY A 384 18.04 5.54 -2.28
C GLY A 384 16.93 5.82 -1.29
N GLY A 385 17.31 6.00 -0.04
CA GLY A 385 16.38 6.14 1.06
C GLY A 385 16.14 4.83 1.76
N GLU A 386 14.99 4.75 2.42
CA GLU A 386 14.56 3.54 3.10
C GLU A 386 13.28 3.01 2.45
N GLU A 387 13.14 1.69 2.47
CA GLU A 387 12.00 1.02 1.85
C GLU A 387 11.41 0.01 2.82
N ASN A 388 10.26 -0.54 2.43
CA ASN A 388 9.52 -1.45 3.29
C ASN A 388 10.16 -2.84 3.27
N ASP A 389 10.63 -3.29 4.43
CA ASP A 389 11.31 -4.56 4.57
C ASP A 389 10.57 -5.40 5.61
N LEU A 390 10.30 -6.66 5.26
CA LEU A 390 9.70 -7.63 6.18
C LEU A 390 8.32 -7.20 6.68
N ASP A 391 7.65 -6.33 5.92
CA ASP A 391 6.24 -6.00 6.14
C ASP A 391 6.03 -5.15 7.39
N PHE A 392 7.10 -4.90 8.15
CA PHE A 392 6.99 -4.06 9.34
C PHE A 392 8.11 -3.05 9.51
N PHE A 393 9.24 -3.16 8.83
CA PHE A 393 10.40 -2.33 9.14
C PHE A 393 10.86 -1.59 7.89
N THR A 394 11.96 -0.85 8.04
CA THR A 394 12.54 -0.07 6.96
C THR A 394 13.99 -0.50 6.76
N LYS A 395 14.33 -0.86 5.52
CA LYS A 395 15.68 -1.22 5.14
C LYS A 395 16.26 -0.19 4.17
N PRO A 396 17.54 0.15 4.31
CA PRO A 396 18.17 1.08 3.36
C PRO A 396 18.05 0.56 1.94
N SER A 397 17.67 1.44 1.03
CA SER A 397 17.38 1.08 -0.35
C SER A 397 18.38 1.70 -1.30
N ARG A 398 18.66 0.98 -2.39
CA ARG A 398 19.51 1.44 -3.48
C ARG A 398 18.67 1.38 -4.76
N LEU A 399 17.96 2.47 -5.03
CA LEU A 399 17.01 2.52 -6.14
C LEU A 399 17.16 3.84 -6.89
N ILE A 400 16.72 3.84 -8.15
CA ILE A 400 16.68 5.04 -8.97
C ILE A 400 15.22 5.25 -9.37
N GLN A 401 14.67 6.41 -9.04
CA GLN A 401 13.31 6.76 -9.46
C GLN A 401 13.34 8.05 -10.26
N CYS A 402 12.50 8.13 -11.29
CA CYS A 402 12.43 9.31 -12.14
C CYS A 402 10.99 9.78 -12.24
N PHE A 403 10.77 11.06 -11.93
CA PHE A 403 9.49 11.73 -12.06
C PHE A 403 9.61 12.80 -13.14
N ASP A 404 8.87 12.63 -14.24
CA ASP A 404 8.90 13.56 -15.36
C ASP A 404 7.96 14.72 -15.06
N THR A 405 8.50 15.84 -14.57
CA THR A 405 7.69 16.98 -14.18
C THR A 405 6.99 17.65 -15.36
N GLU A 406 7.19 17.17 -16.58
CA GLU A 406 6.43 17.64 -17.75
C GLU A 406 5.37 16.63 -18.18
N THR A 407 5.73 15.35 -18.26
CA THR A 407 4.76 14.31 -18.58
C THR A 407 3.96 13.85 -17.36
N ASP A 408 4.43 14.19 -16.15
CA ASP A 408 3.77 13.79 -14.90
C ASP A 408 3.62 12.28 -14.82
N LYS A 409 4.74 11.57 -15.04
CA LYS A 409 4.78 10.12 -14.95
C LYS A 409 6.02 9.69 -14.18
N CYS A 410 5.90 8.57 -13.48
CA CYS A 410 6.99 8.04 -12.67
C CYS A 410 7.43 6.70 -13.22
N HIS A 411 8.74 6.45 -13.13
CA HIS A 411 9.27 5.13 -13.45
C HIS A 411 10.47 4.84 -12.57
N VAL A 412 10.85 3.56 -12.52
CA VAL A 412 12.00 3.12 -11.73
C VAL A 412 13.05 2.58 -12.70
N LYS A 413 14.24 3.17 -12.66
CA LYS A 413 15.29 2.77 -13.58
C LYS A 413 15.88 1.42 -13.18
N PRO A 414 16.13 0.53 -14.14
CA PRO A 414 16.74 -0.76 -13.79
C PRO A 414 18.11 -0.63 -13.13
N TYR A 415 18.85 0.43 -13.42
CA TYR A 415 20.15 0.62 -12.80
C TYR A 415 20.00 0.75 -11.29
N VAL A 416 20.88 0.09 -10.54
CA VAL A 416 20.86 0.09 -9.08
C VAL A 416 22.19 0.62 -8.58
N LEU A 417 22.14 1.52 -7.60
CA LEU A 417 23.36 2.15 -7.09
C LEU A 417 24.24 1.12 -6.41
N PRO A 418 25.57 1.19 -6.60
CA PRO A 418 26.46 0.34 -5.80
C PRO A 418 26.40 0.63 -4.31
N PHE A 419 26.17 1.88 -3.92
CA PHE A 419 26.19 2.29 -2.52
C PHE A 419 24.78 2.56 -2.04
N ALA A 420 24.38 1.91 -0.95
CA ALA A 420 23.06 2.07 -0.36
C ALA A 420 23.17 2.74 1.01
N GLY A 421 22.03 3.22 1.49
CA GLY A 421 21.94 3.84 2.81
C GLY A 421 21.31 5.21 2.78
N ARG A 422 21.91 6.17 3.48
CA ARG A 422 21.45 7.56 3.48
C ARG A 422 22.42 8.34 2.60
N MET A 423 22.01 8.59 1.35
CA MET A 423 22.85 9.24 0.37
C MET A 423 22.44 10.70 0.15
N HIS A 424 23.42 11.50 -0.26
CA HIS A 424 23.20 12.89 -0.63
C HIS A 424 23.77 13.08 -2.03
N ALA A 425 22.97 13.69 -2.90
CA ALA A 425 23.32 13.85 -4.30
C ALA A 425 23.44 15.32 -4.67
N ALA A 426 24.28 15.59 -5.66
CA ALA A 426 24.47 16.93 -6.20
C ALA A 426 24.52 16.84 -7.71
N VAL A 427 24.13 17.92 -8.38
CA VAL A 427 24.05 17.96 -9.84
C VAL A 427 25.19 18.83 -10.36
N HIS A 428 25.99 18.27 -11.27
CA HIS A 428 27.09 18.99 -11.88
C HIS A 428 27.03 18.77 -13.38
N LYS A 429 26.82 19.86 -14.13
CA LYS A 429 26.69 19.80 -15.58
C LYS A 429 25.58 18.83 -15.98
N ASP A 430 25.94 17.74 -16.64
CA ASP A 430 24.98 16.75 -17.10
C ASP A 430 25.01 15.47 -16.26
N LEU A 431 25.69 15.48 -15.12
CA LEU A 431 25.87 14.30 -14.30
C LEU A 431 25.46 14.59 -12.86
N VAL A 432 25.42 13.55 -12.05
CA VAL A 432 25.03 13.64 -10.65
C VAL A 432 26.04 12.87 -9.81
N PHE A 433 26.64 13.55 -8.83
CA PHE A 433 27.49 12.89 -7.86
C PHE A 433 26.64 12.43 -6.68
N ILE A 434 26.90 11.22 -6.20
CA ILE A 434 26.16 10.64 -5.08
C ILE A 434 27.16 10.18 -4.02
N VAL A 435 26.89 10.51 -2.76
CA VAL A 435 27.72 10.02 -1.66
C VAL A 435 26.81 9.37 -0.64
N ALA A 436 27.14 8.13 -0.25
CA ALA A 436 26.29 7.35 0.64
C ALA A 436 26.95 7.08 1.99
N GLU A 437 28.12 6.44 2.00
CA GLU A 437 28.75 6.05 3.25
C GLU A 437 30.23 5.84 2.98
N GLY A 438 31.07 6.71 3.54
CA GLY A 438 32.50 6.63 3.36
C GLY A 438 33.02 7.71 2.45
N ASP A 439 34.19 7.44 1.87
CA ASP A 439 34.88 8.39 1.01
C ASP A 439 34.73 8.04 -0.48
N SER A 440 33.80 7.15 -0.82
CA SER A 440 33.59 6.72 -2.19
C SER A 440 32.39 7.46 -2.77
N LEU A 441 32.64 8.29 -3.78
CA LEU A 441 31.60 9.01 -4.49
C LEU A 441 31.30 8.30 -5.80
N VAL A 442 30.03 8.30 -6.20
CA VAL A 442 29.54 7.53 -7.34
C VAL A 442 28.94 8.52 -8.33
N CYS A 443 29.60 8.68 -9.47
CA CYS A 443 29.05 9.51 -10.53
C CYS A 443 27.88 8.78 -11.19
N TYR A 444 27.04 9.56 -11.88
CA TYR A 444 25.84 9.02 -12.51
C TYR A 444 25.48 9.89 -13.69
N ASN A 445 25.56 9.30 -14.90
CA ASN A 445 25.11 9.99 -16.09
C ASN A 445 23.75 9.42 -16.49
N PRO A 446 22.66 10.17 -16.33
CA PRO A 446 21.34 9.59 -16.57
C PRO A 446 21.14 9.11 -18.00
N LEU A 447 21.74 9.78 -18.98
CA LEU A 447 21.56 9.38 -20.37
C LEU A 447 22.32 8.10 -20.68
N LEU A 448 23.53 7.97 -20.15
CA LEU A 448 24.38 6.81 -20.42
C LEU A 448 24.14 5.65 -19.48
N ASP A 449 23.46 5.88 -18.35
CA ASP A 449 23.13 4.83 -17.38
C ASP A 449 24.38 4.08 -16.92
N SER A 450 25.46 4.83 -16.65
CA SER A 450 26.72 4.25 -16.23
C SER A 450 27.32 5.07 -15.11
N PHE A 451 28.19 4.44 -14.34
CA PHE A 451 28.82 5.02 -13.17
C PHE A 451 30.33 5.06 -13.36
N THR A 452 30.97 6.06 -12.75
CA THR A 452 32.42 6.17 -12.76
C THR A 452 33.07 5.59 -11.52
N ARG A 453 32.42 5.70 -10.35
CA ARG A 453 32.89 5.10 -9.11
C ARG A 453 34.30 5.57 -8.76
N LEU A 454 34.41 6.88 -8.52
CA LEU A 454 35.69 7.43 -8.10
C LEU A 454 36.01 7.02 -6.67
N CYS A 455 37.24 7.34 -6.25
CA CYS A 455 37.73 6.97 -4.94
C CYS A 455 38.40 8.17 -4.28
N LEU A 456 38.26 8.27 -2.97
CA LEU A 456 38.81 9.39 -2.21
C LEU A 456 38.98 9.00 -0.75
N LEU A 466 29.70 9.98 7.33
CA LEU A 466 28.70 10.40 6.36
C LEU A 466 29.05 11.75 5.76
N TRP A 467 29.14 11.80 4.43
CA TRP A 467 29.47 13.02 3.71
C TRP A 467 28.26 13.50 2.92
N LYS A 468 28.36 14.74 2.45
CA LYS A 468 27.29 15.34 1.64
C LYS A 468 27.93 16.18 0.54
N ILE A 469 27.52 15.93 -0.70
CA ILE A 469 28.10 16.59 -1.87
C ILE A 469 27.22 17.77 -2.26
N ALA A 470 27.86 18.93 -2.47
CA ALA A 470 27.19 20.14 -2.95
C ALA A 470 27.94 20.63 -4.18
N SER A 471 27.29 20.54 -5.34
CA SER A 471 27.93 20.87 -6.62
C SER A 471 27.56 22.28 -7.03
N CYS A 472 28.56 23.14 -7.17
CA CYS A 472 28.35 24.49 -7.67
C CYS A 472 29.61 24.95 -8.39
N ASN A 473 29.43 25.97 -9.24
CA ASN A 473 30.51 26.48 -10.08
C ASN A 473 31.12 25.39 -10.95
N ILE A 476 32.28 21.15 -7.39
CA ILE A 476 31.78 20.25 -6.36
C ILE A 476 32.47 20.51 -5.04
N TYR A 477 31.86 20.03 -3.95
CA TYR A 477 32.43 20.19 -2.61
C TYR A 477 31.76 19.20 -1.68
N VAL A 478 32.57 18.38 -1.01
CA VAL A 478 32.05 17.38 -0.07
C VAL A 478 32.25 17.90 1.35
N PHE A 479 31.21 17.80 2.17
CA PHE A 479 31.24 18.25 3.55
C PHE A 479 30.98 17.07 4.46
N ARG A 480 31.81 16.93 5.50
CA ARG A 480 31.67 15.84 6.45
C ARG A 480 30.59 16.17 7.48
N ASP A 481 29.66 15.24 7.69
CA ASP A 481 28.61 15.47 8.67
C ASP A 481 29.17 15.45 10.10
N ARG A 482 30.05 14.50 10.39
CA ARG A 482 30.66 14.39 11.72
C ARG A 482 31.88 15.31 11.76
N TYR A 483 31.61 16.60 11.92
CA TYR A 483 32.67 17.62 11.95
C TYR A 483 33.37 17.55 13.30
N LYS A 484 34.21 16.55 13.45
CA LYS A 484 34.97 16.34 14.69
C LYS A 484 36.31 17.09 14.63
N TYR A 491 37.32 23.03 0.56
CA TYR A 491 37.51 21.61 0.30
C TYR A 491 36.87 21.24 -1.04
N LYS A 492 37.05 22.11 -2.03
CA LYS A 492 36.44 21.90 -3.33
C LYS A 492 37.09 20.73 -4.05
N LEU A 493 36.33 20.16 -4.99
CA LEU A 493 36.74 18.97 -5.72
C LEU A 493 36.90 19.29 -7.20
N ASP A 494 37.82 18.59 -7.85
CA ASP A 494 38.03 18.70 -9.29
C ASP A 494 37.88 17.33 -9.93
N PRO A 495 36.76 17.06 -10.63
CA PRO A 495 36.52 15.71 -11.15
C PRO A 495 37.35 15.35 -12.37
N ALA A 496 38.08 16.30 -12.97
CA ALA A 496 38.83 16.00 -14.19
C ALA A 496 39.92 14.97 -13.92
N THR A 497 40.67 15.15 -12.83
CA THR A 497 41.75 14.25 -12.46
C THR A 497 41.50 13.53 -11.15
N SER A 498 40.26 13.59 -10.63
CA SER A 498 39.90 13.03 -9.33
C SER A 498 40.79 13.58 -8.21
N ALA A 499 41.23 14.83 -8.35
CA ALA A 499 42.09 15.48 -7.38
C ALA A 499 41.27 16.46 -6.55
N VAL A 500 41.45 16.40 -5.23
CA VAL A 500 40.67 17.22 -4.30
C VAL A 500 41.57 18.30 -3.73
N THR A 501 40.97 19.44 -3.43
CA THR A 501 41.65 20.54 -2.76
C THR A 501 41.16 20.67 -1.33
N VAL A 502 41.98 21.28 -0.48
CA VAL A 502 41.68 21.49 0.93
C VAL A 502 41.78 22.97 1.22
N THR A 503 40.67 23.57 1.65
CA THR A 503 40.63 24.99 1.94
C THR A 503 39.59 25.31 3.02
N LEU A 513 25.04 21.00 8.95
CA LEU A 513 25.04 19.60 9.35
C LEU A 513 23.64 19.00 9.23
N GLN A 514 22.63 19.79 9.58
CA GLN A 514 21.25 19.31 9.51
C GLN A 514 20.82 19.08 8.07
N PHE A 515 20.84 20.15 7.25
CA PHE A 515 20.45 20.04 5.85
C PHE A 515 21.31 21.03 5.06
N VAL A 516 22.34 20.53 4.39
CA VAL A 516 23.25 21.41 3.67
C VAL A 516 22.57 22.03 2.45
N LEU A 517 21.58 21.35 1.89
CA LEU A 517 20.87 21.85 0.71
C LEU A 517 20.12 23.14 1.02
N LYS B 11 -33.91 34.24 21.72
CA LYS B 11 -33.72 33.09 22.60
C LYS B 11 -32.24 32.81 22.80
N VAL B 12 -31.42 33.85 22.70
CA VAL B 12 -29.97 33.73 22.82
C VAL B 12 -29.57 33.80 24.28
N CYS B 13 -28.82 32.81 24.75
CA CYS B 13 -28.19 32.82 26.07
C CYS B 13 -26.70 32.54 25.87
N TYR B 14 -25.91 33.61 25.73
CA TYR B 14 -24.52 33.49 25.29
C TYR B 14 -23.58 33.40 26.50
N TYR B 15 -22.77 32.35 26.52
CA TYR B 15 -21.85 32.08 27.62
C TYR B 15 -20.44 32.51 27.21
N TYR B 16 -19.89 33.51 27.90
CA TYR B 16 -18.55 34.00 27.63
C TYR B 16 -17.72 33.90 28.90
N ASP B 17 -16.63 33.16 28.83
CA ASP B 17 -15.70 33.09 29.95
C ASP B 17 -14.97 34.41 30.15
N GLY B 18 -14.85 34.82 31.41
CA GLY B 18 -14.29 36.14 31.69
C GLY B 18 -12.86 36.29 31.24
N ASP B 19 -12.01 35.29 31.50
CA ASP B 19 -10.58 35.38 31.22
C ASP B 19 -10.08 34.10 30.57
N ILE B 20 -10.84 33.56 29.62
CA ILE B 20 -10.38 32.39 28.87
C ILE B 20 -9.06 32.70 28.17
N GLY B 21 -8.93 33.88 27.58
CA GLY B 21 -7.71 34.24 26.87
C GLY B 21 -6.60 34.73 27.78
N ASN B 22 -6.39 34.05 28.90
CA ASN B 22 -5.32 34.38 29.82
C ASN B 22 -4.34 33.23 30.01
N TYR B 23 -4.50 32.13 29.28
CA TYR B 23 -3.63 30.96 29.40
C TYR B 23 -2.84 30.84 28.10
N TYR B 24 -1.54 31.15 28.16
CA TYR B 24 -0.70 31.03 26.98
C TYR B 24 -0.53 29.56 26.61
N TYR B 25 -0.20 29.32 25.34
CA TYR B 25 -0.03 27.97 24.84
C TYR B 25 1.36 27.68 24.29
N GLY B 26 2.21 28.70 24.15
CA GLY B 26 3.56 28.49 23.67
C GLY B 26 3.90 29.45 22.54
N GLN B 27 5.17 29.82 22.46
CA GLN B 27 5.64 30.65 21.36
C GLN B 27 5.57 29.89 20.05
N GLY B 28 5.05 30.55 19.01
CA GLY B 28 4.94 29.97 17.69
C GLY B 28 4.20 28.64 17.67
N HIS B 29 3.33 28.43 18.65
CA HIS B 29 2.53 27.21 18.75
C HIS B 29 1.24 27.37 17.94
N PRO B 30 0.78 26.29 17.29
CA PRO B 30 -0.37 26.44 16.39
C PRO B 30 -1.65 26.88 17.09
N MET B 31 -2.04 26.18 18.15
CA MET B 31 -3.29 26.50 18.83
C MET B 31 -3.13 27.78 19.63
N LYS B 32 -4.18 28.60 19.62
CA LYS B 32 -4.14 29.92 20.26
C LYS B 32 -5.38 30.10 21.12
N PRO B 33 -5.25 30.13 22.45
CA PRO B 33 -6.43 30.36 23.31
C PRO B 33 -6.99 31.77 23.19
N HIS B 34 -6.34 32.65 22.43
CA HIS B 34 -6.84 33.99 22.18
C HIS B 34 -7.87 34.03 21.06
N ARG B 35 -8.12 32.88 20.43
CA ARG B 35 -9.10 32.81 19.35
C ARG B 35 -10.48 33.24 19.82
N ILE B 36 -10.83 32.86 21.05
CA ILE B 36 -12.19 33.10 21.52
C ILE B 36 -12.33 34.52 22.07
N ARG B 37 -11.23 35.11 22.57
CA ARG B 37 -11.30 36.49 23.05
C ARG B 37 -11.53 37.45 21.90
N MET B 38 -10.65 37.43 20.89
CA MET B 38 -10.80 38.29 19.72
C MET B 38 -12.09 38.02 18.98
N THR B 39 -12.72 36.87 19.22
CA THR B 39 -13.97 36.53 18.55
C THR B 39 -15.10 37.45 19.01
N HIS B 40 -15.39 37.43 20.31
CA HIS B 40 -16.43 38.28 20.89
C HIS B 40 -15.94 39.67 21.26
N ASN B 41 -14.63 39.96 21.14
CA ASN B 41 -14.12 41.25 21.58
C ASN B 41 -14.30 42.35 20.53
N LEU B 42 -15.26 42.17 19.63
CA LEU B 42 -15.86 43.26 18.87
C LEU B 42 -17.11 43.79 19.56
N LEU B 43 -17.22 43.60 20.87
CA LEU B 43 -18.38 43.98 21.67
C LEU B 43 -18.41 45.45 22.03
N LEU B 44 -17.38 46.22 21.68
CA LEU B 44 -17.41 47.65 21.99
C LEU B 44 -18.36 48.42 21.10
N ASN B 45 -18.73 47.87 19.94
CA ASN B 45 -19.79 48.44 19.10
C ASN B 45 -20.69 47.33 18.57
N TYR B 46 -21.06 46.37 19.40
CA TYR B 46 -21.82 45.20 18.97
C TYR B 46 -23.21 45.31 19.60
N GLY B 47 -24.18 45.71 18.79
CA GLY B 47 -25.53 45.92 19.30
C GLY B 47 -26.21 44.64 19.76
N LEU B 48 -25.99 43.54 19.04
CA LEU B 48 -26.64 42.27 19.34
C LEU B 48 -26.57 41.89 20.81
N TYR B 49 -25.55 42.37 21.52
CA TYR B 49 -25.42 42.05 22.94
C TYR B 49 -26.57 42.60 23.76
N ARG B 50 -27.10 43.77 23.37
CA ARG B 50 -28.29 44.29 24.04
C ARG B 50 -29.47 43.34 23.88
N LYS B 51 -29.59 42.70 22.72
CA LYS B 51 -30.60 41.69 22.46
C LYS B 51 -30.17 40.29 22.88
N MET B 52 -29.03 40.16 23.55
CA MET B 52 -28.51 38.87 23.99
C MET B 52 -28.36 38.85 25.50
N GLU B 53 -28.58 37.69 26.09
CA GLU B 53 -28.40 37.48 27.53
C GLU B 53 -27.02 36.87 27.76
N ILE B 54 -26.08 37.68 28.24
CA ILE B 54 -24.71 37.25 28.49
C ILE B 54 -24.63 36.65 29.88
N TYR B 55 -23.91 35.54 30.00
CA TYR B 55 -23.74 34.84 31.28
C TYR B 55 -22.25 34.60 31.51
N ARG B 56 -21.95 34.00 32.66
CA ARG B 56 -20.60 33.58 33.01
C ARG B 56 -20.62 32.11 33.40
N PRO B 57 -19.59 31.34 33.04
CA PRO B 57 -19.61 29.91 33.29
C PRO B 57 -19.07 29.52 34.66
N HIS B 58 -19.62 28.43 35.19
CA HIS B 58 -19.19 27.88 36.47
CA HIS B 58 -19.19 27.88 36.47
C HIS B 58 -18.07 26.88 36.24
N LYS B 59 -16.92 27.11 36.88
CA LYS B 59 -15.77 26.23 36.73
C LYS B 59 -16.11 24.80 37.15
N ALA B 60 -16.10 23.88 36.20
CA ALA B 60 -16.50 22.51 36.47
C ALA B 60 -15.51 21.84 37.43
N THR B 61 -16.05 21.05 38.35
CA THR B 61 -15.24 20.32 39.32
C THR B 61 -14.79 18.98 38.75
N ALA B 62 -13.80 18.38 39.42
CA ALA B 62 -13.29 17.08 38.99
C ALA B 62 -14.35 16.00 39.11
N GLU B 63 -15.24 16.11 40.11
CA GLU B 63 -16.26 15.09 40.31
C GLU B 63 -17.19 14.98 39.11
N GLU B 64 -17.52 16.12 38.49
CA GLU B 64 -18.36 16.09 37.29
C GLU B 64 -17.59 15.52 36.11
N MET B 65 -16.30 15.81 36.01
CA MET B 65 -15.51 15.38 34.86
C MET B 65 -15.17 13.90 34.91
N THR B 66 -15.07 13.31 36.10
CA THR B 66 -14.69 11.91 36.21
C THR B 66 -15.83 10.95 35.85
N LYS B 67 -16.95 11.46 35.33
CA LYS B 67 -18.02 10.58 34.91
C LYS B 67 -17.59 9.67 33.75
N TYR B 68 -16.70 10.17 32.89
CA TYR B 68 -16.20 9.39 31.76
C TYR B 68 -14.70 9.19 31.83
N HIS B 69 -13.93 10.23 32.13
CA HIS B 69 -12.48 10.09 32.25
C HIS B 69 -12.13 9.21 33.43
N SER B 70 -11.10 8.39 33.27
CA SER B 70 -10.64 7.54 34.35
C SER B 70 -10.07 8.38 35.48
N ASP B 71 -10.38 7.99 36.72
CA ASP B 71 -10.03 8.81 37.89
C ASP B 71 -8.55 9.12 37.92
N GLU B 72 -7.71 8.18 37.50
CA GLU B 72 -6.27 8.42 37.44
C GLU B 72 -5.95 9.59 36.51
N TYR B 73 -6.68 9.70 35.40
CA TYR B 73 -6.43 10.79 34.46
C TYR B 73 -6.67 12.14 35.12
N ILE B 74 -7.80 12.29 35.82
CA ILE B 74 -8.11 13.58 36.43
C ILE B 74 -7.15 13.86 37.58
N LYS B 75 -6.81 12.83 38.36
CA LYS B 75 -5.83 13.02 39.43
C LYS B 75 -4.49 13.48 38.87
N PHE B 76 -4.13 12.96 37.69
CA PHE B 76 -2.93 13.43 37.00
C PHE B 76 -3.08 14.89 36.57
N LEU B 77 -4.21 15.23 35.95
CA LEU B 77 -4.36 16.52 35.27
C LEU B 77 -4.23 17.69 36.23
N ARG B 78 -4.68 17.54 37.48
CA ARG B 78 -4.69 18.62 38.45
C ARG B 78 -3.32 18.89 39.07
N SER B 79 -2.25 18.36 38.49
CA SER B 79 -0.92 18.49 39.06
C SER B 79 0.09 19.21 38.18
N ILE B 80 -0.01 19.10 36.85
CA ILE B 80 1.03 19.60 35.98
C ILE B 80 1.10 21.12 36.08
N ARG B 81 2.28 21.67 35.82
CA ARG B 81 2.56 23.10 35.89
C ARG B 81 3.85 23.36 35.10
N PRO B 82 4.34 24.60 34.99
CA PRO B 82 5.69 24.81 34.44
C PRO B 82 6.76 24.03 35.19
N ASP B 83 6.45 23.58 36.40
CA ASP B 83 7.27 22.65 37.16
C ASP B 83 6.49 21.36 37.40
N ASN B 84 7.03 20.48 38.23
CA ASN B 84 6.39 19.21 38.59
C ASN B 84 6.24 18.32 37.35
N MET B 85 7.28 18.28 36.53
CA MET B 85 7.31 17.46 35.32
C MET B 85 8.22 16.25 35.42
N SER B 86 9.35 16.39 36.13
CA SER B 86 10.28 15.27 36.25
C SER B 86 9.64 14.10 36.99
N GLU B 87 8.90 14.38 38.06
CA GLU B 87 8.26 13.32 38.84
C GLU B 87 7.25 12.56 38.00
N TYR B 88 6.49 13.26 37.16
CA TYR B 88 5.48 12.65 36.30
C TYR B 88 6.02 12.29 34.92
N SER B 89 7.34 12.35 34.72
CA SER B 89 7.92 12.00 33.43
C SER B 89 7.66 10.56 33.05
N LYS B 90 7.36 9.69 34.02
CA LYS B 90 7.00 8.32 33.70
C LYS B 90 5.53 8.17 33.34
N GLN B 91 4.68 9.12 33.76
CA GLN B 91 3.29 9.13 33.36
C GLN B 91 2.98 10.18 32.30
N MET B 92 3.84 11.18 32.13
CA MET B 92 3.65 12.15 31.05
C MET B 92 3.67 11.46 29.69
N GLN B 93 4.53 10.45 29.53
CA GLN B 93 4.53 9.65 28.32
C GLN B 93 3.44 8.58 28.30
N ARG B 94 2.82 8.31 29.45
CA ARG B 94 1.70 7.39 29.53
C ARG B 94 0.36 8.08 29.31
N PHE B 95 0.35 9.39 29.08
CA PHE B 95 -0.88 10.14 28.83
C PHE B 95 -0.78 11.03 27.60
N ASN B 96 0.31 10.90 26.81
CA ASN B 96 0.53 11.59 25.55
C ASN B 96 0.75 13.09 25.71
N VAL B 97 0.78 13.61 26.93
CA VAL B 97 0.99 15.04 27.13
C VAL B 97 2.47 15.36 27.00
N GLY B 98 2.77 16.61 26.65
CA GLY B 98 4.13 17.11 26.73
C GLY B 98 4.74 17.48 25.39
N GLU B 99 4.53 16.65 24.37
CA GLU B 99 5.13 16.85 23.07
C GLU B 99 4.15 17.45 22.07
N ASP B 100 3.04 16.77 21.81
CA ASP B 100 2.04 17.28 20.87
C ASP B 100 1.11 18.27 21.55
N CYS B 101 0.44 17.83 22.62
CA CYS B 101 -0.35 18.70 23.47
C CYS B 101 0.49 19.14 24.65
N PRO B 102 1.04 20.36 24.63
CA PRO B 102 2.03 20.73 25.66
C PRO B 102 1.40 21.01 27.01
N VAL B 103 2.23 21.45 27.97
CA VAL B 103 1.79 21.79 29.30
C VAL B 103 2.04 23.28 29.53
N PHE B 104 0.98 24.01 29.87
CA PHE B 104 1.07 25.45 30.07
C PHE B 104 0.41 25.82 31.39
N ASP B 105 0.50 27.09 31.76
CA ASP B 105 -0.07 27.56 33.01
C ASP B 105 -1.58 27.37 33.03
N GLY B 106 -2.09 26.92 34.18
CA GLY B 106 -3.52 26.74 34.34
C GLY B 106 -4.14 25.74 33.38
N LEU B 107 -3.42 24.65 33.11
CA LEU B 107 -3.93 23.65 32.18
C LEU B 107 -5.19 22.99 32.71
N PHE B 108 -5.37 22.96 34.04
CA PHE B 108 -6.55 22.39 34.66
C PHE B 108 -7.60 23.45 34.98
N GLU B 109 -7.44 24.67 34.46
CA GLU B 109 -8.39 25.75 34.66
C GLU B 109 -9.14 26.11 33.39
N PHE B 110 -8.42 26.31 32.28
CA PHE B 110 -9.07 26.66 31.02
C PHE B 110 -10.03 25.56 30.58
N CYS B 111 -9.57 24.31 30.55
CA CYS B 111 -10.43 23.20 30.16
C CYS B 111 -11.58 23.03 31.14
N GLN B 112 -11.29 23.17 32.44
CA GLN B 112 -12.33 23.00 33.45
C GLN B 112 -13.44 24.03 33.27
N LEU B 113 -13.08 25.29 33.07
CA LEU B 113 -14.09 26.32 32.88
C LEU B 113 -14.82 26.15 31.55
N SER B 114 -14.12 25.70 30.51
CA SER B 114 -14.79 25.47 29.23
C SER B 114 -15.84 24.37 29.34
N THR B 115 -15.49 23.26 29.98
CA THR B 115 -16.48 22.20 30.15
C THR B 115 -17.58 22.60 31.13
N GLY B 116 -17.26 23.47 32.10
CA GLY B 116 -18.29 23.99 32.96
C GLY B 116 -19.32 24.80 32.20
N GLY B 117 -18.85 25.68 31.31
CA GLY B 117 -19.78 26.39 30.45
C GLY B 117 -20.56 25.47 29.53
N SER B 118 -19.91 24.44 29.00
CA SER B 118 -20.59 23.50 28.12
C SER B 118 -21.72 22.79 28.86
N VAL B 119 -21.45 22.29 30.06
CA VAL B 119 -22.47 21.61 30.83
C VAL B 119 -23.49 22.59 31.39
N ALA B 120 -23.12 23.87 31.53
CA ALA B 120 -24.11 24.87 31.92
C ALA B 120 -25.13 25.09 30.81
N GLY B 121 -24.66 25.21 29.57
CA GLY B 121 -25.58 25.28 28.45
C GLY B 121 -26.40 24.00 28.32
N ALA B 122 -25.77 22.86 28.57
CA ALA B 122 -26.51 21.59 28.54
C ALA B 122 -27.62 21.57 29.57
N VAL B 123 -27.34 22.04 30.79
CA VAL B 123 -28.36 22.08 31.84
C VAL B 123 -29.46 23.06 31.47
N LYS B 124 -29.08 24.22 30.92
CA LYS B 124 -30.08 25.21 30.54
C LYS B 124 -31.03 24.65 29.49
N LEU B 125 -30.50 23.96 28.49
CA LEU B 125 -31.38 23.29 27.54
C LEU B 125 -32.15 22.13 28.18
N ASN B 126 -31.63 21.55 29.26
CA ASN B 126 -32.25 20.38 29.85
C ASN B 126 -33.55 20.70 30.56
N ARG B 127 -33.75 21.96 30.98
CA ARG B 127 -34.95 22.39 31.66
C ARG B 127 -35.91 23.13 30.74
N GLN B 128 -35.74 22.99 29.42
CA GLN B 128 -36.56 23.66 28.42
C GLN B 128 -36.57 25.18 28.58
N GLN B 129 -35.57 25.73 29.27
CA GLN B 129 -35.50 27.18 29.47
C GLN B 129 -35.42 27.90 28.13
N THR B 130 -34.39 27.60 27.34
CA THR B 130 -34.21 28.13 26.00
C THR B 130 -34.03 26.97 25.04
N ASP B 131 -34.00 27.28 23.75
CA ASP B 131 -33.88 26.25 22.71
C ASP B 131 -32.57 26.31 21.94
N MET B 132 -31.78 27.38 22.09
CA MET B 132 -30.46 27.45 21.51
C MET B 132 -29.49 28.05 22.52
N ALA B 133 -28.31 27.44 22.64
CA ALA B 133 -27.28 27.94 23.53
C ALA B 133 -25.92 27.76 22.89
N VAL B 134 -25.13 28.83 22.85
CA VAL B 134 -23.80 28.82 22.26
C VAL B 134 -22.77 28.97 23.37
N ASN B 135 -21.73 28.15 23.33
CA ASN B 135 -20.58 28.26 24.23
C ASN B 135 -19.32 27.98 23.42
N TRP B 136 -18.78 29.03 22.79
CA TRP B 136 -17.66 28.87 21.88
C TRP B 136 -16.41 28.32 22.55
N ALA B 137 -16.41 28.16 23.87
CA ALA B 137 -15.24 27.67 24.59
C ALA B 137 -15.15 26.15 24.59
N GLY B 138 -16.12 25.46 24.01
CA GLY B 138 -16.07 24.02 23.88
C GLY B 138 -15.21 23.59 22.72
N GLY B 139 -15.65 22.59 21.97
CA GLY B 139 -14.96 22.19 20.76
C GLY B 139 -13.62 21.50 20.97
N LEU B 140 -13.53 20.63 21.98
CA LEU B 140 -12.36 19.78 22.21
C LEU B 140 -12.83 18.35 22.04
N HIS B 141 -12.74 17.84 20.81
CA HIS B 141 -13.26 16.52 20.47
C HIS B 141 -12.18 15.48 20.22
N HIS B 142 -10.91 15.84 20.41
CA HIS B 142 -9.81 14.92 20.17
C HIS B 142 -9.43 14.09 21.39
N ALA B 143 -9.52 14.69 22.59
CA ALA B 143 -9.17 14.00 23.82
C ALA B 143 -9.87 12.64 23.93
N LYS B 144 -9.25 11.73 24.68
CA LYS B 144 -9.74 10.38 24.85
C LYS B 144 -9.87 10.07 26.34
N LYS B 145 -10.35 8.85 26.64
CA LYS B 145 -10.64 8.48 28.01
C LYS B 145 -9.40 8.52 28.89
N SER B 146 -8.25 8.10 28.36
CA SER B 146 -7.04 7.96 29.15
C SER B 146 -5.86 8.78 28.63
N GLU B 147 -5.99 9.46 27.50
CA GLU B 147 -4.89 10.23 26.94
C GLU B 147 -5.43 11.48 26.26
N ALA B 148 -4.52 12.42 26.00
CA ALA B 148 -4.84 13.66 25.31
C ALA B 148 -4.22 13.68 23.93
N SER B 149 -4.92 14.30 22.99
CA SER B 149 -4.46 14.40 21.62
C SER B 149 -5.00 15.69 21.00
N GLY B 150 -4.21 16.29 20.13
CA GLY B 150 -4.66 17.46 19.39
C GLY B 150 -4.98 18.66 20.25
N PHE B 151 -4.11 18.97 21.21
CA PHE B 151 -4.24 20.13 22.08
C PHE B 151 -5.54 20.09 22.89
N CYS B 152 -6.15 18.92 23.03
CA CYS B 152 -7.42 18.73 23.72
C CYS B 152 -7.18 17.84 24.94
N TYR B 153 -7.12 18.46 26.12
CA TYR B 153 -6.95 17.70 27.35
C TYR B 153 -8.28 17.13 27.84
N VAL B 154 -9.26 18.01 28.08
CA VAL B 154 -10.59 17.63 28.55
C VAL B 154 -11.58 17.83 27.40
N ASN B 155 -12.35 16.80 27.10
CA ASN B 155 -13.28 16.81 25.98
C ASN B 155 -14.66 17.25 26.47
N ASP B 156 -14.99 18.51 26.17
CA ASP B 156 -16.24 19.10 26.66
C ASP B 156 -17.46 18.44 26.03
N ILE B 157 -17.35 18.07 24.75
CA ILE B 157 -18.50 17.56 24.02
C ILE B 157 -19.02 16.27 24.67
N VAL B 158 -18.10 15.40 25.08
CA VAL B 158 -18.51 14.12 25.66
C VAL B 158 -19.23 14.34 26.98
N LEU B 159 -18.73 15.27 27.80
CA LEU B 159 -19.40 15.56 29.07
C LEU B 159 -20.78 16.16 28.84
N ALA B 160 -20.90 17.07 27.87
CA ALA B 160 -22.20 17.66 27.56
C ALA B 160 -23.18 16.60 27.08
N ILE B 161 -22.71 15.68 26.22
CA ILE B 161 -23.59 14.63 25.71
C ILE B 161 -23.99 13.69 26.83
N LEU B 162 -23.08 13.39 27.76
CA LEU B 162 -23.45 12.58 28.92
C LEU B 162 -24.49 13.29 29.78
N GLU B 163 -24.36 14.60 29.92
CA GLU B 163 -25.34 15.38 30.66
C GLU B 163 -26.72 15.29 30.00
N LEU B 164 -26.76 15.40 28.67
CA LEU B 164 -28.03 15.32 27.96
C LEU B 164 -28.56 13.89 27.82
N LEU B 165 -27.72 12.88 28.08
CA LEU B 165 -28.11 11.49 27.83
C LEU B 165 -29.26 11.03 28.71
N LYS B 166 -29.50 11.69 29.84
CA LYS B 166 -30.57 11.26 30.74
C LYS B 166 -31.91 11.93 30.39
N TYR B 167 -31.89 13.25 30.21
CA TYR B 167 -33.12 13.96 29.86
C TYR B 167 -33.54 13.65 28.43
N HIS B 168 -32.59 13.53 27.52
CA HIS B 168 -32.86 13.19 26.13
C HIS B 168 -32.21 11.86 25.79
N GLN B 169 -32.89 11.06 24.98
CA GLN B 169 -32.42 9.73 24.63
C GLN B 169 -31.78 9.67 23.25
N ARG B 170 -31.78 10.78 22.50
CA ARG B 170 -31.24 10.82 21.16
C ARG B 170 -30.58 12.18 20.93
N VAL B 171 -29.27 12.18 20.74
CA VAL B 171 -28.50 13.41 20.57
C VAL B 171 -27.70 13.32 19.28
N LEU B 172 -27.53 14.47 18.64
CA LEU B 172 -26.65 14.61 17.49
C LEU B 172 -25.37 15.33 17.88
N TYR B 173 -24.28 14.98 17.21
CA TYR B 173 -23.05 15.74 17.24
C TYR B 173 -22.63 15.98 15.80
N ILE B 174 -22.57 17.25 15.38
CA ILE B 174 -22.20 17.62 14.02
C ILE B 174 -20.93 18.44 14.10
N ASP B 175 -19.86 17.95 13.48
CA ASP B 175 -18.56 18.62 13.47
C ASP B 175 -18.14 18.90 12.04
N ILE B 176 -17.94 20.18 11.73
CA ILE B 176 -17.39 20.59 10.45
C ILE B 176 -15.93 21.01 10.58
N ASP B 177 -15.27 20.61 11.67
CA ASP B 177 -13.84 20.84 11.80
C ASP B 177 -13.07 19.98 10.80
N ILE B 178 -11.95 20.52 10.32
CA ILE B 178 -11.13 19.80 9.34
C ILE B 178 -10.69 18.46 9.91
N HIS B 179 -10.26 18.45 11.17
CA HIS B 179 -9.76 17.23 11.78
C HIS B 179 -10.91 16.34 12.24
N HIS B 180 -10.76 15.03 12.03
CA HIS B 180 -11.78 14.08 12.45
C HIS B 180 -12.00 14.13 13.95
N GLY B 181 -13.26 14.01 14.36
CA GLY B 181 -13.58 13.93 15.77
C GLY B 181 -13.54 12.50 16.27
N ASP B 182 -12.43 12.13 16.89
CA ASP B 182 -12.21 10.75 17.32
C ASP B 182 -12.71 10.52 18.74
N GLY B 183 -12.23 11.31 19.70
CA GLY B 183 -12.68 11.15 21.07
C GLY B 183 -14.18 11.33 21.23
N VAL B 184 -14.73 12.36 20.59
CA VAL B 184 -16.17 12.58 20.61
C VAL B 184 -16.93 11.45 19.93
N GLU B 185 -16.23 10.57 19.22
CA GLU B 185 -16.82 9.39 18.61
C GLU B 185 -16.49 8.11 19.35
N GLU B 186 -15.26 7.99 19.87
CA GLU B 186 -14.89 6.79 20.62
C GLU B 186 -15.58 6.74 21.97
N ALA B 187 -15.90 7.89 22.55
CA ALA B 187 -16.52 7.93 23.86
C ALA B 187 -17.95 7.38 23.84
N PHE B 188 -18.56 7.29 22.66
CA PHE B 188 -19.89 6.72 22.52
C PHE B 188 -19.96 5.80 21.30
N TYR B 189 -18.84 5.16 20.97
CA TYR B 189 -18.77 4.34 19.76
C TYR B 189 -19.74 3.18 19.85
N THR B 190 -19.69 2.41 20.94
CA THR B 190 -20.53 1.23 21.08
C THR B 190 -21.97 1.55 21.43
N THR B 191 -22.25 2.74 21.95
CA THR B 191 -23.60 3.10 22.35
C THR B 191 -24.45 3.41 21.11
N ASP B 192 -25.74 3.09 21.21
CA ASP B 192 -26.69 3.33 20.14
C ASP B 192 -27.55 4.57 20.39
N ARG B 193 -27.12 5.45 21.29
CA ARG B 193 -27.92 6.62 21.67
C ARG B 193 -27.51 7.90 20.97
N VAL B 194 -26.23 8.07 20.64
CA VAL B 194 -25.70 9.30 20.09
C VAL B 194 -25.34 9.09 18.63
N MET B 195 -25.67 10.06 17.77
CA MET B 195 -25.31 10.06 16.37
C MET B 195 -24.18 11.06 16.16
N THR B 196 -22.98 10.57 15.86
CA THR B 196 -21.84 11.42 15.56
C THR B 196 -21.69 11.58 14.06
N VAL B 197 -21.33 12.79 13.64
CA VAL B 197 -21.12 13.12 12.22
C VAL B 197 -19.94 14.08 12.15
N SER B 198 -18.94 13.72 11.36
CA SER B 198 -17.73 14.53 11.22
C SER B 198 -17.38 14.69 9.75
N PHE B 199 -17.11 15.92 9.34
CA PHE B 199 -16.68 16.24 7.97
C PHE B 199 -15.21 16.60 8.02
N HIS B 200 -14.34 15.64 7.66
CA HIS B 200 -12.91 15.78 7.89
C HIS B 200 -12.14 15.41 6.62
N LYS B 201 -10.90 15.87 6.55
CA LYS B 201 -9.97 15.39 5.54
C LYS B 201 -9.33 14.09 6.01
N TYR B 202 -9.58 13.01 5.27
CA TYR B 202 -8.88 11.76 5.51
C TYR B 202 -7.67 11.67 4.60
N GLY B 203 -6.70 10.86 5.02
CA GLY B 203 -5.54 10.60 4.19
C GLY B 203 -4.29 11.27 4.71
N GLU B 204 -3.46 10.50 5.43
CA GLU B 204 -2.24 10.97 6.07
C GLU B 204 -2.41 12.38 6.65
N TYR B 205 -3.51 12.58 7.37
CA TYR B 205 -3.75 13.78 8.15
C TYR B 205 -3.60 13.45 9.62
N PHE B 206 -3.89 14.43 10.48
CA PHE B 206 -3.61 14.29 11.91
C PHE B 206 -4.28 13.08 12.53
N PRO B 207 -5.61 12.97 12.60
CA PRO B 207 -6.21 11.88 13.39
C PRO B 207 -5.87 10.50 12.88
N GLY B 208 -5.70 10.32 11.58
CA GLY B 208 -5.46 9.00 11.03
C GLY B 208 -6.63 8.06 11.12
N THR B 209 -7.80 8.55 11.55
CA THR B 209 -8.99 7.71 11.68
C THR B 209 -10.18 8.40 11.00
N GLY B 210 -11.38 7.89 11.26
CA GLY B 210 -12.56 8.44 10.63
C GLY B 210 -12.62 8.21 9.13
N ASP B 211 -12.22 7.03 8.67
CA ASP B 211 -12.33 6.70 7.26
C ASP B 211 -13.78 6.50 6.87
N LEU B 212 -14.00 6.11 5.61
CA LEU B 212 -15.34 5.81 5.14
C LEU B 212 -15.86 4.50 5.72
N ARG B 213 -14.97 3.62 6.17
CA ARG B 213 -15.35 2.27 6.57
C ARG B 213 -15.45 2.10 8.09
N ASP B 214 -14.76 2.94 8.86
CA ASP B 214 -14.75 2.82 10.32
C ASP B 214 -16.00 3.51 10.88
N ILE B 215 -17.10 2.77 10.87
CA ILE B 215 -18.38 3.26 11.37
C ILE B 215 -18.97 2.19 12.28
N GLY B 216 -19.20 2.55 13.53
CA GLY B 216 -19.95 1.71 14.44
C GLY B 216 -19.10 0.70 15.19
N ALA B 217 -19.67 0.17 16.27
CA ALA B 217 -19.03 -0.88 17.06
C ALA B 217 -20.12 -1.57 17.86
N GLY B 218 -20.38 -2.84 17.56
CA GLY B 218 -21.34 -3.61 18.34
C GLY B 218 -22.72 -2.97 18.26
N LYS B 219 -23.34 -2.79 19.43
CA LYS B 219 -24.66 -2.16 19.47
C LYS B 219 -24.65 -0.75 18.91
N GLY B 220 -23.49 -0.10 18.85
CA GLY B 220 -23.38 1.19 18.21
C GLY B 220 -23.05 1.11 16.73
N LYS B 221 -23.26 -0.06 16.13
CA LYS B 221 -22.99 -0.23 14.70
C LYS B 221 -23.83 0.75 13.88
N TYR B 222 -23.20 1.36 12.88
CA TYR B 222 -23.79 2.33 11.97
C TYR B 222 -24.16 3.63 12.66
N TYR B 223 -23.86 3.78 13.95
CA TYR B 223 -24.16 5.01 14.67
C TYR B 223 -23.00 6.00 14.59
N ALA B 224 -22.55 6.27 13.38
CA ALA B 224 -21.49 7.23 13.11
C ALA B 224 -21.48 7.56 11.63
N VAL B 225 -20.98 8.74 11.29
CA VAL B 225 -20.93 9.20 9.91
C VAL B 225 -19.65 10.01 9.71
N ASN B 226 -18.89 9.63 8.69
CA ASN B 226 -17.61 10.27 8.38
C ASN B 226 -17.63 10.72 6.93
N PHE B 227 -17.25 11.97 6.69
CA PHE B 227 -17.17 12.52 5.34
C PHE B 227 -15.72 12.86 5.05
N PRO B 228 -14.98 12.00 4.34
CA PRO B 228 -13.60 12.32 3.95
C PRO B 228 -13.55 13.20 2.71
N MET B 229 -13.21 14.46 2.91
CA MET B 229 -13.03 15.42 1.83
C MET B 229 -11.56 15.46 1.41
N ARG B 230 -11.23 16.41 0.53
CA ARG B 230 -9.86 16.59 0.05
C ARG B 230 -9.56 18.08 0.03
N ASP B 231 -8.49 18.45 -0.67
CA ASP B 231 -8.00 19.83 -0.64
C ASP B 231 -8.80 20.73 -1.56
N GLY B 232 -8.87 22.00 -1.19
CA GLY B 232 -9.45 23.04 -2.04
C GLY B 232 -10.95 22.92 -2.27
N ILE B 233 -11.71 22.51 -1.26
CA ILE B 233 -13.15 22.46 -1.37
C ILE B 233 -13.71 23.89 -1.37
N ASP B 234 -14.82 24.08 -2.07
CA ASP B 234 -15.44 25.38 -2.21
C ASP B 234 -16.85 25.35 -1.62
N ASP B 235 -17.39 26.54 -1.35
CA ASP B 235 -18.72 26.64 -0.75
C ASP B 235 -19.81 26.14 -1.69
N GLU B 236 -19.70 26.49 -2.98
CA GLU B 236 -20.74 26.13 -3.95
C GLU B 236 -21.00 24.63 -3.98
N SER B 237 -19.99 23.84 -3.66
CA SER B 237 -20.16 22.40 -3.53
C SER B 237 -20.23 21.93 -2.09
N TYR B 238 -19.55 22.62 -1.16
CA TYR B 238 -19.56 22.19 0.23
C TYR B 238 -20.96 22.27 0.82
N GLY B 239 -21.66 23.38 0.59
CA GLY B 239 -23.02 23.50 1.12
C GLY B 239 -23.97 22.48 0.52
N GLN B 240 -23.87 22.27 -0.79
CA GLN B 240 -24.75 21.31 -1.47
C GLN B 240 -24.45 19.88 -1.04
N ILE B 241 -23.22 19.59 -0.64
CA ILE B 241 -22.87 18.26 -0.15
C ILE B 241 -23.12 18.13 1.35
N PHE B 242 -23.27 19.25 2.07
CA PHE B 242 -23.39 19.24 3.52
C PHE B 242 -24.83 19.26 4.00
N LYS B 243 -25.68 20.09 3.39
CA LYS B 243 -27.07 20.22 3.86
C LYS B 243 -27.84 18.90 3.81
N PRO B 244 -27.82 18.12 2.72
CA PRO B 244 -28.64 16.89 2.69
C PRO B 244 -28.22 15.86 3.72
N ILE B 245 -26.99 15.88 4.21
CA ILE B 245 -26.59 14.91 5.23
C ILE B 245 -27.41 15.11 6.50
N ILE B 246 -27.52 16.36 6.97
CA ILE B 246 -28.35 16.61 8.14
C ILE B 246 -29.82 16.44 7.79
N SER B 247 -30.22 16.90 6.59
CA SER B 247 -31.61 16.77 6.19
C SER B 247 -32.06 15.31 6.19
N LYS B 248 -31.15 14.38 5.96
CA LYS B 248 -31.43 12.95 5.98
C LYS B 248 -31.33 12.38 7.39
N VAL B 249 -30.27 12.72 8.11
CA VAL B 249 -30.03 12.12 9.43
C VAL B 249 -31.10 12.53 10.42
N MET B 250 -31.57 13.79 10.35
CA MET B 250 -32.62 14.22 11.25
C MET B 250 -33.89 13.43 11.04
N GLU B 251 -34.30 13.28 9.77
CA GLU B 251 -35.53 12.56 9.47
C GLU B 251 -35.39 11.06 9.74
N MET B 252 -34.18 10.53 9.68
CA MET B 252 -33.97 9.10 9.91
C MET B 252 -33.68 8.75 11.36
N TYR B 253 -33.40 9.73 12.22
CA TYR B 253 -33.02 9.46 13.59
C TYR B 253 -34.12 9.73 14.61
N GLN B 254 -35.13 10.51 14.26
CA GLN B 254 -36.18 10.94 15.18
C GLN B 254 -35.57 11.46 16.49
N PRO B 255 -34.73 12.49 16.42
CA PRO B 255 -33.91 12.87 17.58
C PRO B 255 -34.56 13.87 18.51
N SER B 256 -33.81 14.26 19.55
CA SER B 256 -34.27 15.22 20.54
C SER B 256 -33.47 16.52 20.51
N ALA B 257 -32.13 16.44 20.52
CA ALA B 257 -31.29 17.62 20.58
C ALA B 257 -30.04 17.43 19.72
N VAL B 258 -29.41 18.54 19.37
CA VAL B 258 -28.23 18.53 18.52
C VAL B 258 -27.12 19.31 19.19
N VAL B 259 -25.89 18.98 18.81
CA VAL B 259 -24.68 19.69 19.22
C VAL B 259 -23.93 20.12 17.97
N LEU B 260 -23.56 21.40 17.90
CA LEU B 260 -22.95 21.99 16.71
C LEU B 260 -21.52 22.40 17.04
N GLN B 261 -20.56 21.53 16.77
CA GLN B 261 -19.14 21.86 16.84
C GLN B 261 -18.79 22.62 15.57
N CYS B 262 -18.45 23.90 15.70
CA CYS B 262 -18.15 24.76 14.56
C CYS B 262 -16.66 25.08 14.57
N GLY B 263 -15.89 24.34 13.77
CA GLY B 263 -14.49 24.61 13.65
C GLY B 263 -14.22 25.69 12.63
N ALA B 264 -13.66 26.82 13.07
CA ALA B 264 -13.36 27.93 12.19
C ALA B 264 -11.98 27.82 11.53
N ASP B 265 -11.32 26.68 11.66
CA ASP B 265 -10.13 26.40 10.87
C ASP B 265 -10.48 25.87 9.48
N SER B 266 -11.77 25.66 9.20
CA SER B 266 -12.23 25.09 7.93
C SER B 266 -12.57 26.16 6.89
N LEU B 267 -11.91 27.31 6.94
CA LEU B 267 -12.14 28.41 6.01
C LEU B 267 -10.82 28.82 5.36
N SER B 268 -10.91 29.77 4.44
CA SER B 268 -9.77 30.11 3.60
C SER B 268 -8.64 30.75 4.42
N GLY B 269 -7.42 30.57 3.94
CA GLY B 269 -6.25 31.22 4.51
C GLY B 269 -5.86 30.76 5.89
N ASP B 270 -6.50 29.71 6.41
CA ASP B 270 -6.20 29.24 7.75
C ASP B 270 -4.89 28.48 7.77
N ARG B 271 -4.04 28.79 8.76
CA ARG B 271 -2.86 27.97 9.00
C ARG B 271 -3.26 26.55 9.36
N LEU B 272 -2.60 25.57 8.74
CA LEU B 272 -2.97 24.16 8.82
C LEU B 272 -4.36 23.90 8.26
N GLY B 273 -4.95 24.86 7.55
CA GLY B 273 -6.28 24.71 7.00
C GLY B 273 -6.29 24.57 5.49
N CYS B 274 -6.64 23.37 5.02
CA CYS B 274 -6.55 23.08 3.59
C CYS B 274 -7.76 23.59 2.84
N PHE B 275 -8.95 23.53 3.44
CA PHE B 275 -10.16 23.98 2.77
C PHE B 275 -10.05 25.46 2.42
N ASN B 276 -10.97 25.92 1.57
CA ASN B 276 -11.06 27.33 1.17
C ASN B 276 -12.54 27.69 1.03
N LEU B 277 -13.12 28.21 2.11
CA LEU B 277 -14.54 28.54 2.15
C LEU B 277 -14.72 30.05 2.21
N THR B 278 -15.87 30.51 1.71
CA THR B 278 -16.18 31.92 1.64
C THR B 278 -16.81 32.41 2.95
N VAL B 279 -17.16 33.70 2.98
CA VAL B 279 -17.75 34.26 4.18
C VAL B 279 -19.13 33.66 4.43
N LYS B 280 -20.02 33.78 3.45
CA LYS B 280 -21.37 33.24 3.57
C LYS B 280 -21.42 31.73 3.34
N GLY B 281 -20.36 31.15 2.78
CA GLY B 281 -20.32 29.70 2.64
C GLY B 281 -20.24 28.99 3.98
N HIS B 282 -19.49 29.55 4.93
CA HIS B 282 -19.42 28.96 6.26
C HIS B 282 -20.75 29.09 7.00
N ALA B 283 -21.51 30.15 6.72
CA ALA B 283 -22.75 30.40 7.43
C ALA B 283 -23.88 29.54 6.86
N LYS B 284 -23.65 28.23 6.76
CA LYS B 284 -24.69 27.29 6.39
C LYS B 284 -24.81 26.11 7.36
N CYS B 285 -23.93 26.00 8.35
CA CYS B 285 -24.08 25.06 9.44
C CYS B 285 -24.73 25.69 10.66
N VAL B 286 -24.40 26.95 10.96
CA VAL B 286 -25.01 27.67 12.07
C VAL B 286 -26.37 28.23 11.75
N GLU B 287 -26.83 28.08 10.50
CA GLU B 287 -28.13 28.62 10.08
C GLU B 287 -29.10 27.53 9.66
N VAL B 288 -28.68 26.62 8.78
CA VAL B 288 -29.56 25.54 8.34
C VAL B 288 -29.89 24.59 9.49
N VAL B 289 -29.03 24.53 10.51
CA VAL B 289 -29.33 23.70 11.68
C VAL B 289 -30.48 24.27 12.49
N LYS B 290 -30.71 25.59 12.39
CA LYS B 290 -31.77 26.21 13.18
C LYS B 290 -33.15 25.84 12.67
N THR B 291 -33.28 25.58 11.36
CA THR B 291 -34.60 25.31 10.79
C THR B 291 -35.23 24.06 11.38
N PHE B 292 -34.42 23.11 11.84
CA PHE B 292 -34.96 21.86 12.37
C PHE B 292 -35.73 22.04 13.67
N ASN B 293 -35.60 23.19 14.33
CA ASN B 293 -36.42 23.60 15.48
C ASN B 293 -36.10 22.82 16.75
N LEU B 294 -35.06 22.01 16.75
CA LEU B 294 -34.72 21.23 17.94
C LEU B 294 -33.74 21.99 18.82
N PRO B 295 -33.66 21.63 20.10
CA PRO B 295 -32.65 22.24 20.98
C PRO B 295 -31.25 21.97 20.48
N LEU B 296 -30.35 22.92 20.75
CA LEU B 296 -29.02 22.87 20.16
C LEU B 296 -27.98 23.49 21.07
N LEU B 297 -26.92 22.73 21.35
CA LEU B 297 -25.70 23.33 21.85
C LEU B 297 -24.86 23.82 20.68
N MET B 298 -23.98 24.78 20.97
CA MET B 298 -23.09 25.32 19.95
C MET B 298 -21.72 25.58 20.57
N LEU B 299 -20.72 24.85 20.12
CA LEU B 299 -19.36 24.99 20.62
C LEU B 299 -18.43 25.36 19.48
N GLY B 300 -17.27 25.91 19.83
CA GLY B 300 -16.26 26.28 18.85
C GLY B 300 -15.00 25.49 19.06
N GLY B 301 -14.43 24.99 17.97
CA GLY B 301 -13.25 24.14 18.00
C GLY B 301 -11.99 24.87 17.60
N GLY B 302 -11.08 24.13 16.99
CA GLY B 302 -9.79 24.70 16.64
C GLY B 302 -9.91 25.75 15.55
N GLY B 303 -8.99 26.70 15.58
CA GLY B 303 -8.96 27.77 14.60
C GLY B 303 -7.70 28.60 14.73
N TYR B 304 -7.05 28.88 13.61
CA TYR B 304 -5.76 29.56 13.59
C TYR B 304 -5.84 30.70 12.59
N THR B 305 -4.73 31.43 12.42
CA THR B 305 -4.71 32.68 11.67
C THR B 305 -5.71 33.68 12.28
N ILE B 306 -5.35 34.12 13.48
CA ILE B 306 -6.24 34.84 14.40
C ILE B 306 -7.14 35.84 13.69
N ARG B 307 -6.57 36.59 12.75
CA ARG B 307 -7.32 37.60 12.03
C ARG B 307 -8.58 37.01 11.38
N ASN B 308 -8.38 36.05 10.48
CA ASN B 308 -9.51 35.50 9.74
C ASN B 308 -10.40 34.62 10.62
N VAL B 309 -9.80 33.81 11.49
CA VAL B 309 -10.60 32.94 12.36
C VAL B 309 -11.48 33.77 13.29
N ALA B 310 -11.13 35.03 13.52
CA ALA B 310 -11.98 35.89 14.33
C ALA B 310 -12.98 36.66 13.48
N ARG B 311 -12.53 37.23 12.36
CA ARG B 311 -13.44 37.98 11.49
C ARG B 311 -14.58 37.10 10.99
N CYS B 312 -14.26 35.88 10.57
CA CYS B 312 -15.31 34.96 10.15
C CYS B 312 -16.18 34.51 11.32
N TRP B 313 -15.62 34.47 12.52
CA TRP B 313 -16.40 34.06 13.69
C TRP B 313 -17.37 35.14 14.13
N THR B 314 -17.08 36.41 13.79
CA THR B 314 -17.93 37.50 14.26
C THR B 314 -19.39 37.27 13.91
N TYR B 315 -19.65 36.82 12.69
CA TYR B 315 -21.02 36.74 12.17
C TYR B 315 -21.66 35.38 12.40
N GLU B 316 -20.93 34.43 12.99
CA GLU B 316 -21.54 33.15 13.33
C GLU B 316 -22.66 33.34 14.35
N THR B 317 -22.42 34.15 15.38
CA THR B 317 -23.47 34.45 16.35
C THR B 317 -24.65 35.14 15.67
N ALA B 318 -24.36 36.09 14.78
CA ALA B 318 -25.42 36.82 14.11
C ALA B 318 -26.31 35.87 13.31
N VAL B 319 -25.70 34.98 12.52
CA VAL B 319 -26.47 33.98 11.79
C VAL B 319 -27.15 33.00 12.73
N ALA B 320 -26.65 32.84 13.96
CA ALA B 320 -27.31 32.01 14.95
C ALA B 320 -28.47 32.71 15.64
N LEU B 321 -28.58 34.04 15.51
CA LEU B 321 -29.67 34.79 16.10
C LEU B 321 -30.60 35.46 15.09
N ASP B 322 -30.24 35.47 13.81
CA ASP B 322 -31.06 36.02 12.73
C ASP B 322 -31.19 37.54 12.79
N CYS B 323 -30.06 38.25 12.82
CA CYS B 323 -30.04 39.70 12.63
C CYS B 323 -28.78 40.06 11.86
N GLU B 324 -28.95 40.72 10.73
CA GLU B 324 -27.83 41.02 9.84
C GLU B 324 -26.96 42.11 10.46
N ILE B 325 -25.66 41.88 10.47
CA ILE B 325 -24.67 42.83 10.96
C ILE B 325 -24.02 43.53 9.77
N PRO B 326 -24.06 44.85 9.68
CA PRO B 326 -23.56 45.54 8.49
C PRO B 326 -22.11 45.19 8.22
N ASN B 327 -21.78 45.03 6.92
CA ASN B 327 -20.46 44.57 6.53
C ASN B 327 -19.35 45.49 7.02
N GLU B 328 -19.64 46.78 7.19
CA GLU B 328 -18.68 47.73 7.72
C GLU B 328 -18.62 47.57 9.24
N LEU B 329 -17.61 46.88 9.74
CA LEU B 329 -17.50 46.54 11.15
C LEU B 329 -16.80 47.67 11.88
N PRO B 330 -16.76 47.63 13.22
CA PRO B 330 -16.26 48.78 13.98
C PRO B 330 -14.75 48.90 13.94
N TYR B 331 -14.24 49.94 14.59
CA TYR B 331 -12.81 50.17 14.70
C TYR B 331 -12.13 49.24 15.69
N ASN B 332 -12.88 48.67 16.63
CA ASN B 332 -12.35 47.80 17.68
C ASN B 332 -11.22 48.47 18.44
N PHE B 342 -8.74 47.42 5.47
CA PHE B 342 -9.33 46.31 6.20
C PHE B 342 -10.80 46.15 5.87
N LYS B 343 -11.32 44.93 6.02
CA LYS B 343 -12.71 44.61 5.73
C LYS B 343 -13.01 43.25 6.36
N LEU B 344 -14.21 42.74 6.11
CA LEU B 344 -14.64 41.44 6.60
C LEU B 344 -15.14 40.58 5.44
N HIS B 345 -14.36 40.54 4.37
CA HIS B 345 -14.69 39.74 3.19
C HIS B 345 -13.48 38.91 2.79
N ILE B 346 -13.75 37.72 2.25
CA ILE B 346 -12.72 36.77 1.86
C ILE B 346 -13.07 36.23 0.47
N SER B 347 -12.25 35.29 0.01
CA SER B 347 -12.42 34.66 -1.29
C SER B 347 -12.43 33.14 -1.13
N PRO B 348 -13.09 32.41 -2.04
CA PRO B 348 -13.14 30.95 -1.95
C PRO B 348 -12.12 30.27 -2.86
N MET B 351 -7.32 28.90 -6.53
CA MET B 351 -6.60 27.63 -6.48
C MET B 351 -7.38 26.52 -7.18
N THR B 352 -7.07 25.27 -6.84
CA THR B 352 -7.70 24.11 -7.46
C THR B 352 -8.64 23.41 -6.48
N ASN B 353 -9.38 22.44 -6.99
CA ASN B 353 -10.34 21.68 -6.20
C ASN B 353 -10.23 20.22 -6.63
N GLN B 354 -9.48 19.42 -5.87
CA GLN B 354 -9.39 17.99 -6.13
C GLN B 354 -10.66 17.23 -5.76
N ASN B 355 -11.62 17.86 -5.09
CA ASN B 355 -12.87 17.18 -4.72
C ASN B 355 -13.74 17.03 -5.95
N THR B 356 -13.45 16.01 -6.74
CA THR B 356 -14.19 15.78 -7.97
C THR B 356 -15.67 15.60 -7.67
N PRO B 357 -16.55 16.21 -8.46
CA PRO B 357 -18.00 16.04 -8.19
C PRO B 357 -18.47 14.60 -8.22
N GLU B 358 -17.86 13.74 -9.04
CA GLU B 358 -18.23 12.34 -9.08
C GLU B 358 -17.64 11.55 -7.92
N TYR B 359 -16.80 12.18 -7.10
CA TYR B 359 -16.27 11.60 -5.87
C TYR B 359 -17.09 12.03 -4.66
N MET B 360 -17.36 13.33 -4.54
CA MET B 360 -18.24 13.81 -3.49
C MET B 360 -19.64 13.24 -3.63
N GLU B 361 -20.13 13.13 -4.87
CA GLU B 361 -21.43 12.48 -5.09
C GLU B 361 -21.37 11.02 -4.69
N LYS B 362 -20.26 10.35 -4.97
CA LYS B 362 -20.12 8.94 -4.60
C LYS B 362 -20.18 8.78 -3.08
N ILE B 363 -19.46 9.64 -2.35
CA ILE B 363 -19.48 9.55 -0.89
C ILE B 363 -20.84 9.92 -0.34
N LYS B 364 -21.51 10.89 -0.96
CA LYS B 364 -22.86 11.25 -0.52
C LYS B 364 -23.82 10.08 -0.68
N GLN B 365 -23.74 9.38 -1.81
CA GLN B 365 -24.59 8.21 -2.03
C GLN B 365 -24.24 7.09 -1.05
N ARG B 366 -22.95 6.93 -0.77
CA ARG B 366 -22.52 5.91 0.20
C ARG B 366 -23.11 6.20 1.57
N LEU B 367 -23.04 7.46 2.01
CA LEU B 367 -23.60 7.83 3.30
C LEU B 367 -25.12 7.65 3.31
N PHE B 368 -25.79 8.02 2.22
CA PHE B 368 -27.24 7.85 2.15
C PHE B 368 -27.62 6.38 2.26
N GLU B 369 -26.86 5.51 1.59
CA GLU B 369 -27.16 4.07 1.67
C GLU B 369 -26.80 3.50 3.04
N ASN B 370 -25.78 4.05 3.70
CA ASN B 370 -25.40 3.56 5.01
C ASN B 370 -26.43 3.95 6.07
N LEU B 371 -26.94 5.18 5.98
CA LEU B 371 -27.92 5.65 6.97
C LEU B 371 -29.21 4.84 6.91
N ARG B 372 -29.63 4.46 5.69
CA ARG B 372 -30.86 3.69 5.53
C ARG B 372 -30.76 2.31 6.16
N MET B 373 -29.56 1.83 6.47
CA MET B 373 -29.38 0.53 7.09
C MET B 373 -29.82 0.55 8.54
N GLU C 13 35.33 4.90 -17.37
CA GLU C 13 36.26 5.67 -16.56
C GLU C 13 35.74 7.08 -16.30
N ASN C 14 36.66 8.00 -16.02
CA ASN C 14 36.28 9.38 -15.75
C ASN C 14 35.73 10.02 -17.02
N TYR C 15 34.53 10.60 -16.91
CA TYR C 15 33.87 11.17 -18.08
C TYR C 15 34.53 12.44 -18.59
N PHE C 16 35.45 13.02 -17.81
CA PHE C 16 36.11 14.26 -18.21
C PHE C 16 37.42 14.01 -18.96
N VAL C 17 37.83 12.76 -19.11
CA VAL C 17 39.06 12.46 -19.85
C VAL C 17 38.78 11.46 -20.97
N ASN C 18 38.06 10.38 -20.67
CA ASN C 18 37.75 9.38 -21.68
C ASN C 18 36.68 8.43 -21.15
N TYR C 19 35.79 8.00 -22.03
CA TYR C 19 34.76 7.03 -21.67
C TYR C 19 34.22 6.38 -22.94
N THR C 20 33.49 5.29 -22.75
CA THR C 20 32.90 4.54 -23.85
C THR C 20 31.48 5.03 -24.10
N PHE C 21 31.23 5.55 -25.30
CA PHE C 21 29.94 6.11 -25.66
C PHE C 21 29.19 5.14 -26.57
N LYS C 22 28.39 4.27 -25.95
CA LYS C 22 27.56 3.30 -26.67
C LYS C 22 26.15 3.85 -26.81
N ASP C 23 25.56 3.67 -27.99
CA ASP C 23 24.25 4.22 -28.31
C ASP C 23 23.31 3.13 -28.80
N ARG C 24 22.09 3.12 -28.27
CA ARG C 24 21.05 2.24 -28.78
C ARG C 24 20.35 2.82 -30.00
N SER C 25 20.53 4.11 -30.27
CA SER C 25 19.96 4.74 -31.46
C SER C 25 20.73 4.38 -32.72
N HIS C 26 21.96 3.90 -32.58
CA HIS C 26 22.77 3.57 -33.76
C HIS C 26 22.12 2.44 -34.55
N SER C 27 21.61 1.42 -33.86
CA SER C 27 20.91 0.33 -34.56
C SER C 27 19.67 0.86 -35.27
N GLY C 28 18.90 1.70 -34.59
CA GLY C 28 17.71 2.28 -35.22
C GLY C 28 18.05 3.06 -36.47
N ARG C 29 19.15 3.83 -36.44
CA ARG C 29 19.52 4.62 -37.61
C ARG C 29 20.04 3.73 -38.74
N VAL C 30 20.91 2.77 -38.41
CA VAL C 30 21.45 1.86 -39.43
C VAL C 30 20.39 0.88 -39.92
N ALA C 31 19.21 0.89 -39.32
CA ALA C 31 18.07 0.19 -39.90
C ALA C 31 17.21 1.12 -40.77
N GLN C 32 16.89 2.30 -40.26
CA GLN C 32 15.96 3.19 -40.96
C GLN C 32 16.59 3.75 -42.23
N GLY C 33 17.84 4.18 -42.16
CA GLY C 33 18.50 4.66 -43.37
C GLY C 33 18.66 3.57 -44.42
N ILE C 34 18.97 2.36 -43.98
CA ILE C 34 19.04 1.23 -44.92
C ILE C 34 17.69 1.00 -45.58
N MET C 35 16.62 0.99 -44.78
CA MET C 35 15.29 0.78 -45.35
C MET C 35 14.93 1.88 -46.35
N LYS C 36 15.27 3.12 -46.02
CA LYS C 36 14.85 4.25 -46.84
C LYS C 36 15.64 4.35 -48.15
N LEU C 37 16.89 3.89 -48.17
CA LEU C 37 17.76 4.11 -49.32
C LEU C 37 17.93 2.88 -50.21
N CYS C 38 17.09 1.86 -50.06
CA CYS C 38 17.07 0.75 -51.02
C CYS C 38 15.70 0.64 -51.67
N LEU C 39 14.64 0.33 -50.92
CA LEU C 39 13.31 0.19 -51.51
C LEU C 39 12.90 1.44 -52.28
N GLU C 40 13.48 2.59 -51.95
CA GLU C 40 13.28 3.83 -52.70
C GLU C 40 14.65 4.39 -53.04
N GLU C 41 14.78 4.94 -54.24
CA GLU C 41 16.02 5.58 -54.69
C GLU C 41 17.17 4.57 -54.67
N GLU C 42 16.94 3.43 -55.32
CA GLU C 42 17.92 2.35 -55.36
C GLU C 42 19.30 2.86 -55.76
N LEU C 43 20.31 2.50 -54.96
CA LEU C 43 21.67 2.95 -55.19
C LEU C 43 22.64 1.92 -54.63
N PHE C 44 23.86 1.94 -55.17
CA PHE C 44 24.95 1.06 -54.73
C PHE C 44 24.52 -0.41 -54.76
N ALA C 45 23.78 -0.79 -55.81
CA ALA C 45 23.31 -2.16 -55.97
C ALA C 45 24.47 -3.14 -55.96
N ASP C 46 25.32 -3.07 -56.99
CA ASP C 46 26.52 -3.91 -57.16
C ASP C 46 26.19 -5.37 -57.40
N VAL C 47 24.91 -5.76 -57.42
CA VAL C 47 24.51 -7.14 -57.68
C VAL C 47 23.22 -7.11 -58.47
N THR C 48 23.05 -8.11 -59.34
CA THR C 48 21.86 -8.26 -60.17
C THR C 48 21.30 -9.66 -59.96
N ILE C 49 20.06 -9.75 -59.52
CA ILE C 49 19.42 -11.01 -59.17
C ILE C 49 18.35 -11.33 -60.18
N SER C 50 18.31 -12.58 -60.64
CA SER C 50 17.34 -13.06 -61.62
C SER C 50 16.28 -13.88 -60.90
N VAL C 51 15.02 -13.47 -61.03
CA VAL C 51 13.89 -14.18 -60.43
C VAL C 51 12.91 -14.47 -61.57
N GLU C 52 13.06 -15.64 -62.18
CA GLU C 52 12.27 -16.04 -63.36
C GLU C 52 12.20 -14.92 -64.38
N GLY C 53 13.37 -14.31 -64.64
CA GLY C 53 13.49 -13.24 -65.60
C GLY C 53 13.32 -11.84 -65.04
N ARG C 54 12.89 -11.71 -63.79
CA ARG C 54 12.80 -10.40 -63.16
C ARG C 54 14.18 -9.98 -62.69
N GLU C 55 14.56 -8.74 -63.02
CA GLU C 55 15.85 -8.19 -62.64
C GLU C 55 15.72 -7.38 -61.35
N PHE C 56 16.49 -7.76 -60.34
CA PHE C 56 16.50 -7.09 -59.05
C PHE C 56 17.88 -6.50 -58.79
N GLN C 57 17.90 -5.28 -58.23
CA GLN C 57 19.14 -4.58 -57.91
C GLN C 57 19.54 -4.76 -56.46
N LEU C 58 19.27 -5.95 -55.90
CA LEU C 58 19.56 -6.24 -54.50
C LEU C 58 20.98 -5.83 -54.12
N HIS C 59 21.07 -4.96 -53.13
CA HIS C 59 22.36 -4.52 -52.61
C HIS C 59 23.05 -5.66 -51.87
N ARG C 60 24.38 -5.71 -51.98
CA ARG C 60 25.14 -6.85 -51.51
C ARG C 60 25.27 -6.83 -49.98
N LEU C 61 25.77 -5.73 -49.44
CA LEU C 61 26.10 -5.65 -48.01
C LEU C 61 24.93 -6.06 -47.12
N VAL C 62 23.74 -5.56 -47.42
CA VAL C 62 22.59 -5.87 -46.56
C VAL C 62 22.37 -7.38 -46.49
N LEU C 63 22.27 -8.04 -47.64
CA LEU C 63 22.23 -9.49 -47.64
C LEU C 63 23.57 -10.03 -47.10
N SER C 64 23.55 -11.33 -46.81
CA SER C 64 24.67 -12.06 -46.20
C SER C 64 24.86 -11.68 -44.75
N ALA C 65 24.40 -10.48 -44.36
CA ALA C 65 24.47 -10.04 -42.97
C ALA C 65 23.35 -10.62 -42.12
N GLN C 66 22.41 -11.30 -42.73
CA GLN C 66 21.30 -12.00 -42.09
C GLN C 66 21.16 -13.42 -42.58
N SER C 67 21.42 -13.67 -43.86
CA SER C 67 21.39 -14.99 -44.46
C SER C 67 22.81 -15.43 -44.77
N CYS C 68 23.31 -16.44 -44.06
CA CYS C 68 24.67 -16.92 -44.29
C CYS C 68 24.79 -17.59 -45.66
N PHE C 69 23.69 -18.16 -46.16
CA PHE C 69 23.71 -18.74 -47.49
C PHE C 69 24.13 -17.73 -48.55
N PHE C 70 23.76 -16.46 -48.37
CA PHE C 70 24.20 -15.44 -49.31
C PHE C 70 25.63 -14.99 -49.06
N ARG C 71 26.13 -15.20 -47.85
CA ARG C 71 27.55 -15.00 -47.60
C ARG C 71 28.36 -16.02 -48.40
N SER C 72 28.13 -17.31 -48.12
CA SER C 72 28.71 -18.37 -48.95
C SER C 72 28.54 -18.09 -50.44
N MET C 73 27.36 -17.62 -50.84
CA MET C 73 27.12 -17.35 -52.26
C MET C 73 28.03 -16.25 -52.79
N PHE C 74 28.29 -15.23 -51.97
CA PHE C 74 29.02 -14.06 -52.46
C PHE C 74 30.40 -13.94 -51.85
N THR C 75 31.14 -15.05 -51.80
CA THR C 75 32.53 -15.07 -51.36
C THR C 75 33.38 -15.48 -52.56
N SER C 76 33.68 -14.51 -53.41
CA SER C 76 34.41 -14.68 -54.69
C SER C 76 34.47 -16.11 -55.23
N VAL C 85 24.36 -12.42 -62.87
CA VAL C 85 25.31 -13.49 -63.13
C VAL C 85 25.00 -14.63 -62.15
N ILE C 86 23.79 -14.60 -61.61
CA ILE C 86 23.31 -15.60 -60.66
C ILE C 86 22.07 -16.26 -61.26
N VAL C 87 21.67 -17.38 -60.67
CA VAL C 87 20.52 -18.14 -61.17
C VAL C 87 19.42 -18.21 -60.11
N LEU C 88 19.77 -18.71 -58.92
CA LEU C 88 18.84 -18.84 -57.79
C LEU C 88 17.47 -19.36 -58.24
N GLN C 89 17.48 -20.60 -58.72
CA GLN C 89 16.27 -21.23 -59.22
C GLN C 89 15.48 -21.85 -58.08
N ASP C 90 14.32 -22.41 -58.41
CA ASP C 90 13.41 -23.02 -57.44
C ASP C 90 12.97 -22.01 -56.38
N VAL C 91 12.51 -20.85 -56.85
CA VAL C 91 12.02 -19.80 -55.98
C VAL C 91 10.89 -19.05 -56.69
N SER C 92 9.82 -18.78 -55.96
CA SER C 92 8.69 -18.05 -56.50
C SER C 92 8.96 -16.56 -56.50
N GLU C 93 8.64 -15.89 -57.61
CA GLU C 93 8.91 -14.47 -57.75
C GLU C 93 8.26 -13.67 -56.62
N SER C 94 6.99 -13.97 -56.32
CA SER C 94 6.29 -13.23 -55.28
C SER C 94 6.88 -13.53 -53.90
N VAL C 95 7.23 -14.80 -53.66
CA VAL C 95 7.83 -15.16 -52.38
C VAL C 95 9.20 -14.51 -52.23
N PHE C 96 9.96 -14.41 -53.33
CA PHE C 96 11.25 -13.72 -53.27
C PHE C 96 11.06 -12.23 -53.06
N GLN C 97 10.01 -11.65 -53.63
CA GLN C 97 9.70 -10.24 -53.35
C GLN C 97 9.40 -10.05 -51.87
N LEU C 98 8.62 -10.95 -51.28
CA LEU C 98 8.34 -10.88 -49.85
C LEU C 98 9.63 -11.02 -49.04
N LEU C 99 10.51 -11.93 -49.45
CA LEU C 99 11.78 -12.13 -48.75
C LEU C 99 12.64 -10.87 -48.80
N VAL C 100 12.70 -10.22 -49.97
CA VAL C 100 13.48 -9.00 -50.08
C VAL C 100 12.85 -7.88 -49.25
N ASP C 101 11.53 -7.80 -49.25
CA ASP C 101 10.85 -6.80 -48.43
C ASP C 101 11.16 -7.01 -46.96
N TYR C 102 11.22 -8.27 -46.51
CA TYR C 102 11.66 -8.55 -45.15
C TYR C 102 13.08 -8.08 -44.94
N ILE C 103 14.03 -8.65 -45.69
CA ILE C 103 15.46 -8.43 -45.50
C ILE C 103 15.80 -6.94 -45.57
N TYR C 104 14.93 -6.15 -46.20
CA TYR C 104 15.23 -4.73 -46.37
C TYR C 104 14.47 -3.82 -45.41
N HIS C 105 13.22 -4.16 -45.07
CA HIS C 105 12.41 -3.32 -44.20
C HIS C 105 11.97 -3.99 -42.92
N GLY C 106 12.20 -5.30 -42.76
CA GLY C 106 11.81 -6.02 -41.58
C GLY C 106 10.32 -6.24 -41.38
N THR C 107 9.47 -5.57 -42.14
CA THR C 107 8.02 -5.68 -41.97
C THR C 107 7.41 -6.39 -43.17
N VAL C 108 6.71 -7.50 -42.92
CA VAL C 108 6.02 -8.25 -43.96
C VAL C 108 4.61 -8.55 -43.49
N LYS C 109 3.62 -8.23 -44.32
CA LYS C 109 2.22 -8.57 -44.04
C LYS C 109 1.94 -9.93 -44.67
N LEU C 110 2.29 -10.98 -43.94
CA LEU C 110 2.16 -12.33 -44.45
C LEU C 110 0.68 -12.72 -44.58
N ARG C 111 0.43 -13.72 -45.43
CA ARG C 111 -0.89 -14.26 -45.63
C ARG C 111 -0.84 -15.78 -45.63
N ALA C 112 -1.97 -16.40 -45.27
CA ALA C 112 -2.03 -17.86 -45.19
C ALA C 112 -1.81 -18.53 -46.54
N GLU C 113 -2.09 -17.82 -47.64
CA GLU C 113 -1.89 -18.43 -48.96
C GLU C 113 -0.41 -18.68 -49.23
N GLU C 114 0.45 -17.75 -48.83
CA GLU C 114 1.88 -17.82 -49.11
C GLU C 114 2.69 -18.23 -47.87
N LEU C 115 2.17 -19.15 -47.07
CA LEU C 115 2.86 -19.54 -45.84
C LEU C 115 3.93 -20.59 -46.13
N GLN C 116 3.51 -21.77 -46.60
CA GLN C 116 4.46 -22.85 -46.83
C GLN C 116 5.54 -22.43 -47.81
N GLU C 117 5.14 -21.71 -48.87
CA GLU C 117 6.11 -21.22 -49.85
C GLU C 117 7.14 -20.31 -49.19
N ILE C 118 6.70 -19.44 -48.27
CA ILE C 118 7.64 -18.58 -47.56
C ILE C 118 8.34 -19.31 -46.42
N TYR C 119 7.89 -20.52 -46.08
CA TYR C 119 8.51 -21.27 -45.00
C TYR C 119 9.76 -22.00 -45.47
N GLU C 120 9.60 -22.92 -46.43
CA GLU C 120 10.68 -23.82 -46.80
C GLU C 120 11.92 -23.06 -47.27
N VAL C 121 11.72 -21.99 -48.05
CA VAL C 121 12.87 -21.23 -48.53
C VAL C 121 13.55 -20.52 -47.38
N SER C 122 12.79 -20.05 -46.39
CA SER C 122 13.37 -19.23 -45.33
C SER C 122 14.26 -20.06 -44.42
N ASP C 123 13.86 -21.30 -44.13
CA ASP C 123 14.75 -22.21 -43.42
C ASP C 123 15.97 -22.55 -44.25
N MET C 124 15.87 -22.44 -45.57
CA MET C 124 17.03 -22.68 -46.44
C MET C 124 18.02 -21.52 -46.35
N TYR C 125 17.52 -20.29 -46.35
CA TYR C 125 18.36 -19.09 -46.41
C TYR C 125 18.73 -18.55 -45.03
N GLN C 126 18.84 -19.41 -44.02
CA GLN C 126 19.29 -19.03 -42.67
C GLN C 126 18.65 -17.74 -42.19
N LEU C 127 17.32 -17.76 -42.13
CA LEU C 127 16.54 -16.64 -41.58
C LEU C 127 15.86 -17.14 -40.32
N THR C 128 16.58 -17.06 -39.20
CA THR C 128 16.09 -17.62 -37.94
C THR C 128 14.75 -17.01 -37.55
N SER C 129 14.63 -15.68 -37.63
CA SER C 129 13.41 -15.03 -37.19
C SER C 129 12.21 -15.46 -38.04
N LEU C 130 12.37 -15.44 -39.36
CA LEU C 130 11.29 -15.86 -40.24
C LEU C 130 11.01 -17.35 -40.09
N PHE C 131 12.07 -18.16 -39.93
CA PHE C 131 11.89 -19.58 -39.68
C PHE C 131 10.97 -19.79 -38.48
N GLU C 132 11.30 -19.12 -37.36
CA GLU C 132 10.50 -19.27 -36.15
C GLU C 132 9.08 -18.77 -36.37
N GLU C 133 8.91 -17.66 -37.08
CA GLU C 133 7.57 -17.09 -37.23
C GLU C 133 6.68 -17.96 -38.12
N CYS C 134 7.24 -18.54 -39.17
CA CYS C 134 6.44 -19.45 -39.99
C CYS C 134 6.21 -20.78 -39.28
N SER C 135 7.14 -21.21 -38.44
CA SER C 135 6.88 -22.39 -37.62
C SER C 135 5.72 -22.13 -36.66
N ARG C 136 5.71 -20.95 -36.04
CA ARG C 136 4.59 -20.58 -35.17
C ARG C 136 3.29 -20.49 -35.94
N PHE C 137 3.33 -19.91 -37.15
CA PHE C 137 2.14 -19.81 -37.98
C PHE C 137 1.59 -21.19 -38.30
N LEU C 138 2.47 -22.13 -38.67
CA LEU C 138 2.01 -23.47 -39.01
C LEU C 138 1.49 -24.22 -37.79
N ALA C 139 2.14 -24.01 -36.63
CA ALA C 139 1.64 -24.62 -35.40
C ALA C 139 0.29 -24.06 -35.00
N ARG C 140 0.04 -22.78 -35.29
CA ARG C 140 -1.22 -22.15 -34.91
C ARG C 140 -2.35 -22.55 -35.84
N THR C 141 -2.19 -22.30 -37.14
CA THR C 141 -3.26 -22.54 -38.10
C THR C 141 -3.41 -24.02 -38.45
N VAL C 142 -2.37 -24.83 -38.21
CA VAL C 142 -2.32 -26.26 -38.58
C VAL C 142 -3.02 -26.55 -39.90
N ARG C 156 9.77 -31.70 -40.65
CA ARG C 156 10.59 -32.03 -41.81
C ARG C 156 11.96 -31.36 -41.71
N HIS C 157 11.98 -30.11 -41.29
CA HIS C 157 13.21 -29.36 -41.14
C HIS C 157 13.78 -29.56 -39.73
N SER C 158 14.99 -29.02 -39.53
CA SER C 158 15.72 -29.20 -38.28
C SER C 158 15.25 -28.18 -37.22
N ASP C 159 13.98 -28.31 -36.85
CA ASP C 159 13.40 -27.56 -35.75
C ASP C 159 12.51 -28.49 -34.94
N PRO C 160 12.49 -28.35 -33.61
CA PRO C 160 11.61 -29.20 -32.80
C PRO C 160 10.20 -28.65 -32.64
N GLU C 161 10.05 -27.33 -32.71
CA GLU C 161 8.77 -26.71 -32.39
C GLU C 161 7.67 -27.20 -33.33
N LEU C 162 7.92 -27.15 -34.63
CA LEU C 162 6.92 -27.62 -35.59
C LEU C 162 6.66 -29.12 -35.43
N TYR C 163 7.71 -29.90 -35.19
CA TYR C 163 7.53 -31.34 -35.03
C TYR C 163 6.68 -31.65 -33.80
N THR C 164 6.97 -31.01 -32.68
CA THR C 164 6.19 -31.24 -31.46
C THR C 164 4.75 -30.77 -31.64
N ALA C 165 4.56 -29.64 -32.32
CA ALA C 165 3.21 -29.14 -32.56
C ALA C 165 2.41 -30.11 -33.42
N ALA C 166 3.04 -30.66 -34.47
CA ALA C 166 2.36 -31.63 -35.31
C ALA C 166 2.05 -32.90 -34.53
N LYS C 167 2.99 -33.36 -33.68
CA LYS C 167 2.75 -34.55 -32.89
C LYS C 167 1.60 -34.35 -31.91
N HIS C 168 1.51 -33.16 -31.32
CA HIS C 168 0.42 -32.88 -30.38
C HIS C 168 -0.94 -32.92 -31.06
N CYS C 169 -1.00 -32.71 -32.38
CA CYS C 169 -2.26 -32.79 -33.11
C CYS C 169 -2.57 -34.24 -33.47
N ALA C 170 -2.57 -35.13 -32.47
CA ALA C 170 -2.87 -36.53 -32.68
C ALA C 170 -4.23 -36.94 -32.14
N LYS C 171 -4.88 -36.11 -31.34
CA LYS C 171 -6.22 -36.43 -30.84
C LYS C 171 -7.26 -36.46 -31.94
N THR C 172 -6.98 -35.85 -33.10
CA THR C 172 -7.91 -35.83 -34.22
C THR C 172 -7.34 -36.56 -35.44
N HIS C 173 -6.42 -37.49 -35.23
CA HIS C 173 -5.80 -38.20 -36.34
C HIS C 173 -6.79 -39.06 -37.12
N LEU C 174 -7.93 -39.39 -36.53
CA LEU C 174 -8.95 -40.18 -37.20
C LEU C 174 -9.94 -39.29 -37.94
N GLU C 236 -9.99 -38.73 -22.92
CA GLU C 236 -9.37 -39.30 -21.73
C GLU C 236 -9.51 -38.36 -20.53
N ASN C 237 -9.82 -37.10 -20.81
CA ASN C 237 -10.01 -36.11 -19.76
C ASN C 237 -11.08 -35.12 -20.20
N VAL C 238 -11.85 -34.64 -19.24
CA VAL C 238 -12.92 -33.68 -19.53
C VAL C 238 -12.31 -32.37 -19.98
N HIS C 239 -12.85 -31.80 -21.05
CA HIS C 239 -12.26 -30.60 -21.65
C HIS C 239 -12.30 -29.42 -20.69
N ILE C 240 -13.46 -29.18 -20.08
CA ILE C 240 -13.63 -28.08 -19.13
C ILE C 240 -14.52 -28.56 -17.99
N TYR C 241 -14.19 -28.15 -16.77
CA TYR C 241 -14.91 -28.56 -15.58
C TYR C 241 -15.98 -27.51 -15.25
N LEU C 242 -17.23 -27.94 -15.20
CA LEU C 242 -18.34 -27.02 -14.94
C LEU C 242 -18.35 -26.62 -13.47
N ILE C 243 -18.67 -25.34 -13.23
CA ILE C 243 -18.78 -24.79 -11.88
C ILE C 243 -17.47 -24.97 -11.12
N GLN C 270 -20.92 -35.94 -11.95
CA GLN C 270 -21.55 -34.72 -11.45
C GLN C 270 -21.63 -34.73 -9.92
N ASN C 271 -20.97 -33.77 -9.29
CA ASN C 271 -20.94 -33.62 -7.85
C ASN C 271 -21.85 -32.46 -7.43
N SER C 272 -21.86 -32.19 -6.13
CA SER C 272 -22.69 -31.13 -5.56
C SER C 272 -21.85 -30.00 -5.00
N LEU C 273 -20.93 -30.29 -4.10
CA LEU C 273 -20.07 -29.29 -3.46
C LEU C 273 -20.91 -28.18 -2.81
N CYS C 274 -21.70 -28.57 -1.81
CA CYS C 274 -22.61 -27.64 -1.15
C CYS C 274 -21.86 -26.49 -0.50
N HIS C 275 -20.57 -26.65 -0.23
CA HIS C 275 -19.78 -25.58 0.38
C HIS C 275 -19.70 -24.38 -0.55
N GLN C 276 -19.72 -23.19 0.04
CA GLN C 276 -19.67 -21.95 -0.73
C GLN C 276 -18.33 -21.83 -1.44
N ILE C 277 -18.37 -21.48 -2.72
CA ILE C 277 -17.19 -21.42 -3.58
C ILE C 277 -16.95 -19.98 -4.01
N THR C 278 -15.71 -19.53 -3.89
CA THR C 278 -15.31 -18.21 -4.35
C THR C 278 -14.16 -18.23 -5.34
N ALA C 279 -13.61 -19.39 -5.67
CA ALA C 279 -12.53 -19.51 -6.63
C ALA C 279 -12.28 -20.98 -6.94
N ALA C 280 -11.81 -21.25 -8.16
CA ALA C 280 -11.51 -22.61 -8.57
C ALA C 280 -10.37 -22.58 -9.57
N CYS C 281 -9.74 -23.74 -9.77
CA CYS C 281 -8.68 -23.86 -10.76
C CYS C 281 -8.55 -25.32 -11.18
N LYS C 282 -7.89 -25.51 -12.32
CA LYS C 282 -7.61 -26.83 -12.88
C LYS C 282 -6.10 -26.97 -13.07
N HIS C 283 -5.61 -28.20 -12.91
CA HIS C 283 -4.18 -28.48 -13.10
C HIS C 283 -3.98 -29.70 -14.02
N GLY C 284 -4.95 -29.96 -14.88
CA GLY C 284 -4.91 -31.12 -15.75
C GLY C 284 -5.97 -32.16 -15.49
N GLY C 285 -6.91 -31.89 -14.59
CA GLY C 285 -7.93 -32.86 -14.21
C GLY C 285 -8.24 -32.81 -12.73
N ASP C 286 -7.41 -32.10 -11.98
CA ASP C 286 -7.57 -31.96 -10.53
C ASP C 286 -8.21 -30.60 -10.26
N LEU C 287 -9.50 -30.60 -9.98
CA LEU C 287 -10.24 -29.37 -9.75
C LEU C 287 -9.99 -28.94 -8.31
N TYR C 288 -9.10 -27.97 -8.12
CA TYR C 288 -8.80 -27.43 -6.79
C TYR C 288 -9.65 -26.19 -6.59
N VAL C 289 -10.64 -26.28 -5.71
CA VAL C 289 -11.61 -25.22 -5.46
C VAL C 289 -11.37 -24.63 -4.08
N VAL C 290 -11.10 -23.33 -4.03
CA VAL C 290 -11.13 -22.60 -2.76
C VAL C 290 -12.58 -22.42 -2.34
N GLY C 291 -12.85 -22.64 -1.05
CA GLY C 291 -14.23 -22.52 -0.59
C GLY C 291 -14.42 -23.07 0.79
N GLY C 292 -15.64 -23.56 1.04
CA GLY C 292 -16.04 -24.08 2.33
C GLY C 292 -16.86 -23.08 3.12
N SER C 293 -16.94 -23.34 4.42
CA SER C 293 -17.57 -22.38 5.32
C SER C 293 -16.68 -21.14 5.48
N ILE C 294 -15.40 -21.38 5.70
CA ILE C 294 -14.38 -20.32 5.66
C ILE C 294 -13.63 -20.48 4.35
N PRO C 295 -13.40 -19.39 3.59
CA PRO C 295 -12.84 -19.56 2.24
C PRO C 295 -11.47 -20.23 2.21
N ARG C 296 -10.71 -20.18 3.31
CA ARG C 296 -9.35 -20.73 3.29
C ARG C 296 -9.34 -22.23 3.02
N ARG C 297 -10.43 -22.93 3.34
CA ARG C 297 -10.52 -24.36 3.08
C ARG C 297 -10.38 -24.64 1.59
N MET C 298 -9.54 -25.62 1.24
CA MET C 298 -9.27 -25.99 -0.14
C MET C 298 -9.78 -27.40 -0.37
N TRP C 299 -10.69 -27.58 -1.33
CA TRP C 299 -11.24 -28.88 -1.66
C TRP C 299 -10.66 -29.35 -2.99
N LYS C 300 -10.36 -30.64 -3.07
CA LYS C 300 -9.79 -31.24 -4.27
C LYS C 300 -10.77 -32.27 -4.83
N CYS C 301 -11.09 -32.14 -6.11
CA CYS C 301 -11.98 -33.06 -6.81
C CYS C 301 -11.23 -33.85 -7.89
N ASN C 302 -10.02 -34.28 -7.57
CA ASN C 302 -9.20 -35.00 -8.54
C ASN C 302 -9.91 -36.24 -9.04
N ASN C 303 -9.83 -36.47 -10.35
CA ASN C 303 -10.50 -37.59 -11.01
C ASN C 303 -12.00 -37.59 -10.74
N TRP C 310 -9.09 -32.44 -0.74
CA TRP C 310 -8.47 -31.73 0.38
C TRP C 310 -7.06 -31.28 0.03
N CYS C 311 -6.64 -30.17 0.61
CA CYS C 311 -5.32 -29.60 0.37
C CYS C 311 -4.91 -28.77 1.58
N ALA C 312 -3.65 -28.36 1.59
CA ALA C 312 -3.14 -27.53 2.66
C ALA C 312 -3.96 -26.23 2.75
N PRO C 313 -4.32 -25.80 3.96
CA PRO C 313 -5.10 -24.56 4.10
C PRO C 313 -4.36 -23.37 3.51
N LEU C 314 -5.12 -22.47 2.89
CA LEU C 314 -4.56 -21.23 2.36
C LEU C 314 -4.20 -20.31 3.52
N PRO C 315 -2.94 -19.94 3.70
CA PRO C 315 -2.59 -19.10 4.85
C PRO C 315 -2.76 -17.61 4.60
N ARG C 316 -3.87 -17.23 3.98
CA ARG C 316 -4.19 -15.83 3.72
C ARG C 316 -5.71 -15.67 3.65
N ASP C 317 -6.19 -14.48 3.99
CA ASP C 317 -7.61 -14.15 3.91
C ASP C 317 -7.79 -13.34 2.63
N ARG C 318 -8.31 -13.98 1.59
CA ARG C 318 -8.45 -13.37 0.28
C ARG C 318 -9.86 -13.54 -0.25
N LEU C 319 -10.33 -12.52 -0.98
CA LEU C 319 -11.58 -12.59 -1.71
C LEU C 319 -11.33 -12.11 -3.13
N GLN C 320 -11.86 -12.84 -4.11
CA GLN C 320 -11.64 -12.55 -5.53
C GLN C 320 -10.16 -12.61 -5.88
N HIS C 321 -9.55 -13.75 -5.58
CA HIS C 321 -8.14 -13.97 -5.86
C HIS C 321 -7.97 -14.82 -7.11
N THR C 322 -6.94 -14.52 -7.89
CA THR C 322 -6.72 -15.16 -9.17
C THR C 322 -5.91 -16.44 -8.96
N LEU C 323 -6.52 -17.57 -9.30
CA LEU C 323 -5.96 -18.90 -9.02
C LEU C 323 -5.36 -19.46 -10.30
N VAL C 324 -4.11 -19.10 -10.56
CA VAL C 324 -3.40 -19.55 -11.76
C VAL C 324 -2.78 -20.92 -11.50
N SER C 325 -2.68 -21.73 -12.55
CA SER C 325 -2.06 -23.05 -12.47
C SER C 325 -1.06 -23.21 -13.62
N VAL C 326 0.21 -22.92 -13.34
CA VAL C 326 1.27 -22.97 -14.36
C VAL C 326 1.95 -24.34 -14.25
N PRO C 327 1.74 -25.25 -15.22
CA PRO C 327 2.36 -26.57 -15.10
C PRO C 327 3.87 -26.58 -15.30
N GLY C 328 4.44 -25.53 -15.93
CA GLY C 328 5.87 -25.53 -16.18
C GLY C 328 6.71 -25.55 -14.92
N LYS C 329 6.22 -24.91 -13.85
CA LYS C 329 6.87 -24.90 -12.55
C LYS C 329 5.87 -25.42 -11.52
N ASP C 330 5.30 -26.60 -11.81
CA ASP C 330 3.99 -27.02 -11.34
C ASP C 330 3.71 -26.56 -9.92
N ALA C 331 2.62 -25.80 -9.78
CA ALA C 331 2.25 -25.11 -8.56
C ALA C 331 0.93 -24.39 -8.84
N ILE C 332 0.34 -23.82 -7.79
CA ILE C 332 -0.89 -23.06 -7.91
C ILE C 332 -0.69 -21.70 -7.25
N TYR C 333 -0.97 -20.63 -7.99
CA TYR C 333 -0.68 -19.28 -7.53
C TYR C 333 -1.98 -18.55 -7.22
N SER C 334 -1.92 -17.67 -6.22
CA SER C 334 -3.11 -17.00 -5.72
C SER C 334 -2.96 -15.49 -5.83
N LEU C 335 -2.61 -15.02 -7.03
CA LEU C 335 -2.24 -13.62 -7.21
C LEU C 335 -3.46 -12.71 -7.07
N GLY C 336 -3.29 -11.62 -6.32
CA GLY C 336 -4.34 -10.64 -6.15
C GLY C 336 -5.43 -11.11 -5.21
N GLY C 337 -6.27 -10.17 -4.80
CA GLY C 337 -7.41 -10.48 -3.97
C GLY C 337 -7.83 -9.28 -3.15
N LYS C 338 -8.90 -9.48 -2.37
CA LYS C 338 -9.41 -8.49 -1.44
C LYS C 338 -9.22 -9.00 0.00
N THR C 339 -9.08 -8.06 0.93
CA THR C 339 -8.85 -8.39 2.33
C THR C 339 -10.12 -8.19 3.14
N LEU C 340 -10.11 -8.74 4.36
CA LEU C 340 -11.22 -8.56 5.29
C LEU C 340 -11.42 -7.10 5.68
N GLN C 341 -10.38 -6.27 5.57
CA GLN C 341 -10.47 -4.85 5.85
C GLN C 341 -10.90 -4.05 4.63
N ASP C 342 -11.35 -4.74 3.58
CA ASP C 342 -11.79 -4.10 2.33
C ASP C 342 -10.65 -3.30 1.70
N THR C 343 -9.54 -4.00 1.46
CA THR C 343 -8.39 -3.45 0.76
C THR C 343 -7.93 -4.45 -0.29
N LEU C 344 -7.29 -3.94 -1.33
CA LEU C 344 -6.85 -4.78 -2.43
C LEU C 344 -5.50 -5.39 -2.12
N SER C 345 -5.37 -6.70 -2.34
CA SER C 345 -4.17 -7.44 -1.97
C SER C 345 -3.24 -7.53 -3.17
N ASN C 346 -2.08 -6.88 -3.08
CA ASN C 346 -1.02 -7.03 -4.09
C ASN C 346 0.00 -8.09 -3.68
N ALA C 347 -0.48 -9.30 -3.37
CA ALA C 347 0.37 -10.36 -2.85
C ALA C 347 0.16 -11.63 -3.65
N VAL C 348 1.25 -12.34 -3.92
CA VAL C 348 1.22 -13.63 -4.61
C VAL C 348 1.78 -14.68 -3.67
N ILE C 349 1.00 -15.73 -3.44
CA ILE C 349 1.44 -16.89 -2.69
C ILE C 349 1.20 -18.13 -3.52
N TYR C 350 2.14 -19.07 -3.49
CA TYR C 350 2.09 -20.24 -4.35
C TYR C 350 2.00 -21.50 -3.50
N TYR C 351 1.41 -22.53 -4.07
CA TYR C 351 1.23 -23.83 -3.44
C TYR C 351 1.97 -24.85 -4.27
N ARG C 352 2.99 -25.48 -3.69
CA ARG C 352 3.72 -26.55 -4.35
C ARG C 352 2.88 -27.82 -4.36
N VAL C 353 2.71 -28.41 -5.55
CA VAL C 353 1.80 -29.54 -5.69
C VAL C 353 2.33 -30.76 -4.93
N GLY C 354 3.62 -31.05 -5.08
CA GLY C 354 4.17 -32.30 -4.58
C GLY C 354 4.38 -32.39 -3.09
N ASP C 355 4.27 -31.27 -2.36
CA ASP C 355 4.55 -31.27 -0.93
C ASP C 355 3.51 -30.54 -0.09
N ASN C 356 2.44 -30.01 -0.72
CA ASN C 356 1.39 -29.29 0.00
C ASN C 356 1.98 -28.15 0.83
N VAL C 357 2.86 -27.37 0.20
CA VAL C 357 3.58 -26.28 0.85
C VAL C 357 3.08 -24.98 0.27
N TRP C 358 2.27 -24.25 1.05
CA TRP C 358 1.80 -22.92 0.67
C TRP C 358 2.91 -21.90 0.97
N THR C 359 3.90 -21.87 0.08
CA THR C 359 4.98 -20.89 0.21
C THR C 359 4.54 -19.54 -0.34
N GLU C 360 5.43 -18.56 -0.24
CA GLU C 360 5.15 -17.19 -0.64
C GLU C 360 6.21 -16.72 -1.61
N THR C 361 5.77 -15.99 -2.63
CA THR C 361 6.64 -15.50 -3.70
C THR C 361 6.56 -13.97 -3.74
N THR C 362 7.28 -13.37 -4.69
CA THR C 362 7.32 -11.92 -4.80
C THR C 362 5.94 -11.35 -5.09
N GLN C 363 5.70 -10.15 -4.57
CA GLN C 363 4.42 -9.49 -4.68
C GLN C 363 4.17 -8.98 -6.11
N LEU C 364 2.94 -8.56 -6.36
CA LEU C 364 2.59 -7.91 -7.62
C LEU C 364 3.10 -6.48 -7.64
N GLU C 365 2.79 -5.76 -8.72
CA GLU C 365 3.11 -4.35 -8.85
C GLU C 365 1.91 -3.46 -8.58
N VAL C 366 0.71 -3.87 -8.99
CA VAL C 366 -0.52 -3.13 -8.76
C VAL C 366 -1.55 -4.10 -8.19
N ALA C 367 -2.17 -3.72 -7.09
CA ALA C 367 -3.17 -4.57 -6.45
C ALA C 367 -4.41 -4.67 -7.32
N VAL C 368 -4.94 -5.89 -7.44
CA VAL C 368 -6.15 -6.16 -8.23
C VAL C 368 -6.98 -7.21 -7.51
N SER C 369 -8.22 -7.37 -7.95
CA SER C 369 -9.14 -8.36 -7.42
C SER C 369 -10.13 -8.74 -8.51
N GLY C 370 -10.48 -10.03 -8.56
CA GLY C 370 -11.39 -10.51 -9.58
C GLY C 370 -10.88 -10.34 -10.99
N ALA C 371 -9.57 -10.48 -11.19
CA ALA C 371 -8.95 -10.34 -12.50
C ALA C 371 -8.84 -11.69 -13.18
N ALA C 372 -8.94 -11.66 -14.51
CA ALA C 372 -8.77 -12.89 -15.28
C ALA C 372 -7.31 -13.34 -15.25
N GLY C 373 -7.11 -14.64 -15.36
CA GLY C 373 -5.76 -15.19 -15.35
C GLY C 373 -5.55 -16.22 -16.43
N ALA C 374 -4.37 -16.21 -17.06
CA ALA C 374 -4.11 -17.18 -18.11
C ALA C 374 -2.61 -17.46 -18.19
N ASN C 375 -2.25 -18.73 -18.35
CA ASN C 375 -0.86 -19.12 -18.41
C ASN C 375 -0.42 -19.37 -19.84
N LEU C 376 0.86 -19.09 -20.10
CA LEU C 376 1.44 -19.29 -21.43
C LEU C 376 2.92 -19.56 -21.24
N ASN C 377 3.33 -20.81 -21.49
CA ASN C 377 4.73 -21.22 -21.46
C ASN C 377 5.46 -20.66 -20.25
N GLY C 378 4.90 -20.91 -19.08
CA GLY C 378 5.46 -20.45 -17.82
C GLY C 378 4.94 -19.11 -17.34
N ILE C 379 4.83 -18.13 -18.24
CA ILE C 379 4.41 -16.79 -17.82
C ILE C 379 2.93 -16.82 -17.45
N ILE C 380 2.57 -16.02 -16.44
CA ILE C 380 1.19 -15.89 -16.01
C ILE C 380 0.73 -14.46 -16.31
N TYR C 381 -0.37 -14.34 -17.04
CA TYR C 381 -0.92 -13.05 -17.44
C TYR C 381 -2.17 -12.76 -16.62
N LEU C 382 -2.18 -11.59 -15.98
CA LEU C 382 -3.27 -11.10 -15.16
C LEU C 382 -3.96 -9.96 -15.91
N LEU C 383 -5.24 -10.14 -16.20
CA LEU C 383 -6.00 -9.25 -17.06
C LEU C 383 -7.08 -8.53 -16.27
N GLY C 384 -7.10 -7.20 -16.38
CA GLY C 384 -8.19 -6.41 -15.87
C GLY C 384 -8.41 -6.57 -14.38
N GLY C 385 -9.69 -6.68 -14.00
CA GLY C 385 -10.09 -6.70 -12.61
C GLY C 385 -10.49 -5.33 -12.12
N GLU C 386 -10.42 -5.16 -10.81
CA GLU C 386 -10.69 -3.89 -10.16
C GLU C 386 -9.44 -3.35 -9.50
N GLU C 387 -9.33 -2.02 -9.46
CA GLU C 387 -8.16 -1.36 -8.91
C GLU C 387 -8.61 -0.24 -7.97
N ASN C 388 -7.64 0.32 -7.26
CA ASN C 388 -7.91 1.32 -6.24
C ASN C 388 -8.21 2.67 -6.89
N ASP C 389 -9.42 3.18 -6.68
CA ASP C 389 -9.87 4.44 -7.26
C ASP C 389 -10.31 5.36 -6.14
N LEU C 390 -9.83 6.61 -6.19
CA LEU C 390 -10.23 7.67 -5.26
C LEU C 390 -9.90 7.33 -3.82
N ASP C 391 -8.91 6.45 -3.61
CA ASP C 391 -8.32 6.20 -2.29
C ASP C 391 -9.27 5.44 -1.37
N PHE C 392 -10.51 5.20 -1.82
CA PHE C 392 -11.46 4.43 -1.01
C PHE C 392 -12.25 3.38 -1.77
N PHE C 393 -12.31 3.40 -3.10
CA PHE C 393 -13.24 2.54 -3.82
C PHE C 393 -12.48 1.70 -4.84
N THR C 394 -13.23 0.93 -5.62
CA THR C 394 -12.68 0.06 -6.65
C THR C 394 -13.29 0.41 -8.00
N LYS C 395 -12.43 0.67 -8.98
CA LYS C 395 -12.86 0.94 -10.35
C LYS C 395 -12.41 -0.17 -11.28
N PRO C 396 -13.25 -0.56 -12.24
CA PRO C 396 -12.83 -1.59 -13.22
C PRO C 396 -11.55 -1.15 -13.94
N SER C 397 -10.61 -2.08 -14.05
CA SER C 397 -9.29 -1.80 -14.59
C SER C 397 -9.07 -2.52 -15.90
N ARG C 398 -8.29 -1.90 -16.79
CA ARG C 398 -7.87 -2.48 -18.06
C ARG C 398 -6.34 -2.46 -18.06
N LEU C 399 -5.75 -3.53 -17.53
CA LEU C 399 -4.30 -3.62 -17.34
C LEU C 399 -3.81 -4.99 -17.78
N ILE C 400 -2.52 -5.06 -18.10
CA ILE C 400 -1.86 -6.31 -18.42
C ILE C 400 -0.72 -6.48 -17.42
N GLN C 401 -0.72 -7.60 -16.70
CA GLN C 401 0.35 -7.92 -15.76
C GLN C 401 0.97 -9.26 -16.12
N CYS C 402 2.29 -9.37 -15.97
CA CYS C 402 2.99 -10.60 -16.29
C CYS C 402 3.85 -11.02 -15.11
N PHE C 403 3.67 -12.25 -14.67
CA PHE C 403 4.46 -12.88 -13.61
C PHE C 403 5.26 -14.02 -14.23
N ASP C 404 6.59 -13.90 -14.21
CA ASP C 404 7.47 -14.91 -14.79
C ASP C 404 7.71 -16.00 -13.76
N THR C 405 6.96 -17.10 -13.86
CA THR C 405 7.04 -18.18 -12.88
C THR C 405 8.39 -18.90 -12.89
N GLU C 406 9.32 -18.51 -13.76
CA GLU C 406 10.68 -19.02 -13.73
C GLU C 406 11.67 -18.01 -13.16
N THR C 407 11.58 -16.76 -13.60
CA THR C 407 12.41 -15.69 -13.04
C THR C 407 11.85 -15.12 -11.74
N ASP C 408 10.58 -15.39 -11.45
CA ASP C 408 9.91 -14.88 -10.25
C ASP C 408 9.97 -13.35 -10.19
N LYS C 409 9.57 -12.72 -11.30
CA LYS C 409 9.52 -11.27 -11.39
C LYS C 409 8.21 -10.84 -12.03
N CYS C 410 7.72 -9.67 -11.63
CA CYS C 410 6.47 -9.14 -12.14
C CYS C 410 6.73 -7.85 -12.91
N HIS C 411 5.94 -7.65 -13.97
CA HIS C 411 5.97 -6.38 -14.69
C HIS C 411 4.58 -6.09 -15.24
N VAL C 412 4.37 -4.83 -15.61
CA VAL C 412 3.10 -4.39 -16.17
C VAL C 412 3.35 -3.96 -17.61
N LYS C 413 2.64 -4.60 -18.54
CA LYS C 413 2.84 -4.32 -19.96
C LYS C 413 2.22 -2.97 -20.32
N PRO C 414 2.91 -2.16 -21.14
CA PRO C 414 2.33 -0.87 -21.55
C PRO C 414 1.02 -1.02 -22.32
N TYR C 415 0.82 -2.13 -23.01
CA TYR C 415 -0.43 -2.33 -23.74
C TYR C 415 -1.61 -2.36 -22.79
N VAL C 416 -2.69 -1.68 -23.17
CA VAL C 416 -3.90 -1.58 -22.36
C VAL C 416 -5.08 -2.15 -23.15
N LEU C 417 -5.89 -2.96 -22.50
CA LEU C 417 -7.00 -3.61 -23.18
C LEU C 417 -8.03 -2.57 -23.63
N PRO C 418 -8.61 -2.73 -24.81
CA PRO C 418 -9.74 -1.86 -25.19
C PRO C 418 -10.95 -2.04 -24.30
N PHE C 419 -11.20 -3.24 -23.81
CA PHE C 419 -12.39 -3.55 -23.02
C PHE C 419 -12.02 -3.74 -21.56
N ALA C 420 -12.69 -2.99 -20.69
CA ALA C 420 -12.46 -3.05 -19.25
C ALA C 420 -13.68 -3.62 -18.53
N GLY C 421 -13.47 -4.02 -17.27
CA GLY C 421 -14.54 -4.55 -16.45
C GLY C 421 -14.21 -5.88 -15.82
N ARG C 422 -15.17 -6.82 -15.87
CA ARG C 422 -14.96 -8.18 -15.40
C ARG C 422 -14.78 -9.06 -16.64
N MET C 423 -13.53 -9.38 -16.95
CA MET C 423 -13.19 -10.14 -18.14
C MET C 423 -12.82 -11.58 -17.80
N HIS C 424 -13.05 -12.46 -18.78
CA HIS C 424 -12.67 -13.86 -18.71
C HIS C 424 -11.83 -14.18 -19.93
N ALA C 425 -10.67 -14.80 -19.70
CA ALA C 425 -9.70 -15.07 -20.74
C ALA C 425 -9.51 -16.57 -20.93
N ALA C 426 -9.17 -16.94 -22.16
CA ALA C 426 -8.85 -18.32 -22.51
C ALA C 426 -7.62 -18.33 -23.39
N VAL C 427 -6.88 -19.43 -23.34
CA VAL C 427 -5.62 -19.58 -24.07
C VAL C 427 -5.84 -20.53 -25.23
N HIS C 428 -5.51 -20.08 -26.44
CA HIS C 428 -5.63 -20.89 -27.65
C HIS C 428 -4.34 -20.78 -28.43
N LYS C 429 -3.64 -21.90 -28.59
CA LYS C 429 -2.35 -21.94 -29.27
C LYS C 429 -1.37 -20.95 -28.64
N ASP C 430 -0.99 -19.92 -29.39
CA ASP C 430 -0.05 -18.92 -28.91
C ASP C 430 -0.72 -17.60 -28.59
N LEU C 431 -2.05 -17.55 -28.53
CA LEU C 431 -2.78 -16.32 -28.31
C LEU C 431 -3.77 -16.51 -27.17
N VAL C 432 -4.39 -15.39 -26.77
CA VAL C 432 -5.33 -15.37 -25.66
C VAL C 432 -6.57 -14.60 -26.10
N PHE C 433 -7.74 -15.23 -26.01
CA PHE C 433 -9.00 -14.55 -26.24
C PHE C 433 -9.51 -13.97 -24.93
N ILE C 434 -10.00 -12.74 -24.97
CA ILE C 434 -10.51 -12.06 -23.78
C ILE C 434 -11.92 -11.58 -24.07
N VAL C 435 -12.84 -11.80 -23.13
CA VAL C 435 -14.21 -11.28 -23.25
C VAL C 435 -14.53 -10.51 -21.99
N ALA C 436 -15.00 -9.27 -22.14
CA ALA C 436 -15.24 -8.40 -21.01
C ALA C 436 -16.72 -8.07 -20.84
N GLU C 437 -17.36 -7.49 -21.86
CA GLU C 437 -18.75 -7.03 -21.73
C GLU C 437 -19.33 -6.91 -23.13
N GLY C 438 -20.27 -7.78 -23.45
CA GLY C 438 -20.91 -7.78 -24.74
C GLY C 438 -20.48 -8.97 -25.60
N ASP C 439 -20.63 -8.78 -26.91
CA ASP C 439 -20.31 -9.82 -27.88
C ASP C 439 -18.99 -9.57 -28.60
N SER C 440 -18.16 -8.66 -28.09
CA SER C 440 -16.89 -8.31 -28.70
C SER C 440 -15.76 -9.03 -27.96
N LEU C 441 -15.10 -9.94 -28.65
CA LEU C 441 -13.94 -10.66 -28.12
C LEU C 441 -12.66 -10.01 -28.64
N VAL C 442 -11.64 -9.99 -27.80
CA VAL C 442 -10.39 -9.28 -28.07
C VAL C 442 -9.27 -10.30 -28.04
N CYS C 443 -8.68 -10.57 -29.21
CA CYS C 443 -7.51 -11.43 -29.26
C CYS C 443 -6.30 -10.71 -28.70
N TYR C 444 -5.29 -11.49 -28.31
CA TYR C 444 -4.10 -10.93 -27.70
C TYR C 444 -2.93 -11.86 -27.98
N ASN C 445 -1.95 -11.37 -28.74
CA ASN C 445 -0.72 -12.11 -28.98
C ASN C 445 0.37 -11.51 -28.10
N PRO C 446 0.81 -12.19 -27.05
CA PRO C 446 1.77 -11.57 -26.12
C PRO C 446 3.08 -11.18 -26.78
N LEU C 447 3.55 -11.94 -27.76
CA LEU C 447 4.82 -11.63 -28.39
C LEU C 447 4.70 -10.41 -29.29
N LEU C 448 3.60 -10.30 -30.03
CA LEU C 448 3.41 -9.20 -30.96
C LEU C 448 2.79 -7.95 -30.33
N ASP C 449 2.20 -8.09 -29.13
CA ASP C 449 1.61 -6.96 -28.40
C ASP C 449 0.56 -6.24 -29.25
N SER C 450 -0.28 -7.01 -29.94
CA SER C 450 -1.29 -6.46 -30.82
C SER C 450 -2.59 -7.23 -30.64
N PHE C 451 -3.70 -6.57 -30.99
CA PHE C 451 -5.04 -7.12 -30.83
C PHE C 451 -5.71 -7.24 -32.20
N THR C 452 -6.60 -8.22 -32.32
CA THR C 452 -7.38 -8.40 -33.53
C THR C 452 -8.77 -7.77 -33.43
N ARG C 453 -9.38 -7.77 -32.25
CA ARG C 453 -10.67 -7.11 -32.01
C ARG C 453 -11.74 -7.62 -32.96
N LEU C 454 -12.05 -8.92 -32.82
CA LEU C 454 -13.12 -9.51 -33.62
C LEU C 454 -14.47 -9.01 -33.13
N CYS C 455 -15.51 -9.36 -33.90
CA CYS C 455 -16.87 -8.93 -33.62
C CYS C 455 -17.82 -10.11 -33.73
N LEU C 456 -18.85 -10.12 -32.88
CA LEU C 456 -19.81 -11.21 -32.85
C LEU C 456 -21.11 -10.72 -32.22
N LEU C 466 -22.79 -10.71 -20.00
CA LEU C 466 -21.44 -11.15 -19.66
C LEU C 466 -21.18 -12.56 -20.18
N TRP C 467 -20.12 -12.71 -20.98
CA TRP C 467 -19.74 -13.99 -21.56
C TRP C 467 -18.43 -14.47 -20.94
N LYS C 468 -18.13 -15.74 -21.18
CA LYS C 468 -16.90 -16.34 -20.70
C LYS C 468 -16.36 -17.28 -21.76
N ILE C 469 -15.08 -17.10 -22.13
CA ILE C 469 -14.44 -17.86 -23.19
C ILE C 469 -13.68 -19.03 -22.58
N ALA C 470 -13.89 -20.22 -23.15
CA ALA C 470 -13.16 -21.43 -22.75
C ALA C 470 -12.56 -22.04 -24.00
N SER C 471 -11.24 -22.00 -24.12
CA SER C 471 -10.53 -22.44 -25.32
C SER C 471 -10.03 -23.88 -25.12
N CYS C 472 -10.49 -24.79 -25.98
CA CYS C 472 -10.01 -26.15 -25.97
C CYS C 472 -10.11 -26.72 -27.37
N ASN C 473 -9.35 -27.79 -27.62
CA ASN C 473 -9.25 -28.41 -28.93
C ASN C 473 -8.83 -27.41 -30.00
N ILE C 476 -12.30 -22.99 -29.34
CA ILE C 476 -12.85 -21.99 -28.44
C ILE C 476 -14.35 -22.20 -28.26
N TYR C 477 -14.90 -21.61 -27.20
CA TYR C 477 -16.33 -21.71 -26.93
C TYR C 477 -16.70 -20.63 -25.95
N VAL C 478 -17.69 -19.80 -26.30
CA VAL C 478 -18.16 -18.72 -25.43
C VAL C 478 -19.46 -19.16 -24.78
N PHE C 479 -19.57 -18.95 -23.47
CA PHE C 479 -20.75 -19.30 -22.71
C PHE C 479 -21.33 -18.05 -22.08
N ARG C 480 -22.65 -17.87 -22.22
CA ARG C 480 -23.33 -16.72 -21.66
C ARG C 480 -23.61 -16.93 -20.17
N ASP C 481 -23.24 -15.93 -19.36
CA ASP C 481 -23.49 -16.04 -17.93
C ASP C 481 -24.99 -15.95 -17.61
N ARG C 482 -25.69 -15.03 -18.26
CA ARG C 482 -27.13 -14.87 -18.05
C ARG C 482 -27.86 -15.84 -18.98
N TYR C 483 -27.88 -17.10 -18.57
CA TYR C 483 -28.52 -18.16 -19.35
C TYR C 483 -30.03 -18.05 -19.19
N LYS C 484 -30.60 -17.07 -19.90
CA LYS C 484 -32.03 -16.84 -19.87
C LYS C 484 -32.75 -17.64 -20.95
N TYR C 491 -21.73 -24.58 -29.06
CA TYR C 491 -21.58 -23.18 -29.46
C TYR C 491 -20.11 -22.87 -29.69
N LYS C 492 -19.41 -23.81 -30.32
CA LYS C 492 -17.98 -23.66 -30.54
C LYS C 492 -17.70 -22.57 -31.57
N LEU C 493 -16.48 -22.02 -31.50
CA LEU C 493 -16.06 -20.90 -32.33
C LEU C 493 -14.94 -21.33 -33.25
N ASP C 494 -14.89 -20.70 -34.42
CA ASP C 494 -13.80 -20.92 -35.38
C ASP C 494 -13.14 -19.59 -35.70
N PRO C 495 -11.94 -19.32 -35.18
CA PRO C 495 -11.33 -18.00 -35.38
C PRO C 495 -10.75 -17.76 -36.76
N ALA C 496 -10.68 -18.78 -37.61
CA ALA C 496 -10.08 -18.61 -38.92
C ALA C 496 -10.87 -17.61 -39.77
N THR C 497 -12.19 -17.75 -39.78
CA THR C 497 -13.06 -16.88 -40.56
C THR C 497 -14.01 -16.07 -39.68
N SER C 498 -13.76 -16.03 -38.37
CA SER C 498 -14.63 -15.37 -37.40
C SER C 498 -16.06 -15.88 -37.49
N ALA C 499 -16.22 -17.17 -37.83
CA ALA C 499 -17.53 -17.79 -37.96
C ALA C 499 -17.80 -18.67 -36.74
N VAL C 500 -18.99 -18.52 -36.17
CA VAL C 500 -19.37 -19.24 -34.96
C VAL C 500 -20.37 -20.32 -35.31
N THR C 501 -20.34 -21.41 -34.55
CA THR C 501 -21.30 -22.49 -34.67
C THR C 501 -22.22 -22.49 -33.46
N VAL C 502 -23.40 -23.08 -33.63
CA VAL C 502 -24.41 -23.18 -32.59
C VAL C 502 -24.76 -24.65 -32.40
N THR C 503 -24.52 -25.16 -31.19
CA THR C 503 -24.79 -26.56 -30.90
C THR C 503 -25.12 -26.75 -29.42
N LEU C 513 -21.96 -21.37 -14.39
CA LEU C 513 -22.25 -19.95 -14.28
C LEU C 513 -21.37 -19.29 -13.22
N GLN C 514 -21.12 -20.02 -12.12
CA GLN C 514 -20.29 -19.48 -11.05
C GLN C 514 -18.84 -19.33 -11.50
N PHE C 515 -18.21 -20.45 -11.88
CA PHE C 515 -16.82 -20.43 -12.33
C PHE C 515 -16.66 -21.51 -13.39
N VAL C 516 -16.65 -21.10 -14.66
CA VAL C 516 -16.58 -22.07 -15.74
C VAL C 516 -15.20 -22.74 -15.79
N LEU C 517 -14.17 -22.05 -15.32
CA LEU C 517 -12.81 -22.59 -15.34
C LEU C 517 -12.69 -23.83 -14.44
N LYS D 11 -1.10 -31.70 42.47
CA LYS D 11 -1.89 -30.52 42.79
C LYS D 11 -2.84 -30.18 41.65
N VAL D 12 -3.23 -31.19 40.88
CA VAL D 12 -4.09 -31.01 39.72
C VAL D 12 -5.55 -31.04 40.15
N CYS D 13 -6.29 -30.01 39.77
CA CYS D 13 -7.75 -29.94 39.94
C CYS D 13 -8.37 -29.63 38.58
N TYR D 14 -8.74 -30.69 37.86
CA TYR D 14 -9.14 -30.60 36.47
C TYR D 14 -10.65 -30.46 36.36
N TYR D 15 -11.08 -29.41 35.65
CA TYR D 15 -12.50 -29.10 35.49
C TYR D 15 -12.96 -29.59 34.12
N TYR D 16 -13.87 -30.56 34.11
CA TYR D 16 -14.42 -31.12 32.89
C TYR D 16 -15.92 -30.95 32.90
N ASP D 17 -16.45 -30.26 31.89
CA ASP D 17 -17.90 -30.14 31.74
C ASP D 17 -18.51 -31.47 31.33
N GLY D 18 -19.65 -31.80 31.95
CA GLY D 18 -20.26 -33.11 31.73
C GLY D 18 -20.67 -33.34 30.30
N ASP D 19 -21.30 -32.35 29.68
CA ASP D 19 -21.85 -32.51 28.33
C ASP D 19 -21.53 -31.29 27.47
N ILE D 20 -20.29 -30.81 27.56
CA ILE D 20 -19.85 -29.72 26.68
C ILE D 20 -20.01 -30.10 25.22
N GLY D 21 -19.64 -31.34 24.86
CA GLY D 21 -19.75 -31.79 23.49
C GLY D 21 -21.12 -32.24 23.08
N ASN D 22 -22.14 -31.48 23.49
CA ASN D 22 -23.53 -31.76 23.11
C ASN D 22 -24.16 -30.63 22.32
N TYR D 23 -23.41 -29.59 21.98
CA TYR D 23 -23.92 -28.44 21.24
C TYR D 23 -23.27 -28.45 19.87
N TYR D 24 -24.04 -28.79 18.84
CA TYR D 24 -23.52 -28.80 17.49
C TYR D 24 -23.22 -27.36 17.04
N TYR D 25 -22.33 -27.24 16.05
CA TYR D 25 -21.93 -25.94 15.55
C TYR D 25 -22.22 -25.74 14.07
N GLY D 26 -22.63 -26.78 13.36
CA GLY D 26 -22.96 -26.66 11.95
C GLY D 26 -22.25 -27.71 11.11
N GLN D 27 -22.91 -28.11 10.03
CA GLN D 27 -22.29 -29.05 9.10
C GLN D 27 -21.11 -28.39 8.40
N GLY D 28 -19.99 -29.12 8.32
CA GLY D 28 -18.80 -28.63 7.65
C GLY D 28 -18.31 -27.29 8.18
N HIS D 29 -18.65 -26.98 9.42
CA HIS D 29 -18.23 -25.73 10.07
C HIS D 29 -16.86 -25.90 10.71
N PRO D 30 -16.01 -24.88 10.65
CA PRO D 30 -14.63 -25.06 11.14
C PRO D 30 -14.54 -25.41 12.61
N MET D 31 -15.16 -24.61 13.48
CA MET D 31 -15.06 -24.84 14.91
C MET D 31 -15.88 -26.06 15.30
N LYS D 32 -15.34 -26.84 16.23
CA LYS D 32 -15.97 -28.11 16.63
C LYS D 32 -16.01 -28.19 18.16
N PRO D 33 -17.20 -28.11 18.78
CA PRO D 33 -17.27 -28.24 20.24
C PRO D 33 -16.94 -29.63 20.74
N HIS D 34 -16.69 -30.58 19.84
CA HIS D 34 -16.28 -31.93 20.22
C HIS D 34 -14.78 -32.02 20.45
N ARG D 35 -14.05 -30.91 20.24
CA ARG D 35 -12.62 -30.89 20.46
C ARG D 35 -12.27 -31.24 21.90
N ILE D 36 -13.08 -30.76 22.85
CA ILE D 36 -12.74 -30.92 24.26
C ILE D 36 -13.19 -32.30 24.76
N ARG D 37 -14.23 -32.87 24.16
CA ARG D 37 -14.67 -34.20 24.56
C ARG D 37 -13.63 -35.25 24.18
N MET D 38 -13.27 -35.32 22.90
CA MET D 38 -12.26 -36.27 22.44
C MET D 38 -10.90 -36.02 23.09
N THR D 39 -10.71 -34.82 23.66
CA THR D 39 -9.45 -34.49 24.32
C THR D 39 -9.26 -35.33 25.58
N HIS D 40 -10.17 -35.21 26.53
CA HIS D 40 -10.13 -35.97 27.77
C HIS D 40 -10.78 -37.35 27.67
N ASN D 41 -11.41 -37.70 26.54
CA ASN D 41 -12.12 -38.97 26.44
C ASN D 41 -11.19 -40.14 26.11
N LEU D 42 -9.90 -39.99 26.40
CA LEU D 42 -8.99 -41.11 26.56
C LEU D 42 -8.90 -41.54 28.02
N LEU D 43 -9.93 -41.25 28.82
CA LEU D 43 -9.96 -41.51 30.24
C LEU D 43 -10.31 -42.96 30.58
N LEU D 44 -10.63 -43.78 29.59
CA LEU D 44 -10.94 -45.17 29.88
C LEU D 44 -9.71 -45.99 30.23
N ASN D 45 -8.51 -45.52 29.87
CA ASN D 45 -7.26 -46.11 30.34
C ASN D 45 -6.26 -45.02 30.72
N TYR D 46 -6.73 -43.98 31.41
CA TYR D 46 -5.89 -42.82 31.74
C TYR D 46 -5.65 -42.83 33.24
N GLY D 47 -4.46 -43.27 33.65
CA GLY D 47 -4.16 -43.39 35.07
C GLY D 47 -4.11 -42.05 35.79
N LEU D 48 -3.56 -41.03 35.13
CA LEU D 48 -3.38 -39.72 35.74
C LEU D 48 -4.63 -39.22 36.47
N TYR D 49 -5.81 -39.66 36.05
CA TYR D 49 -7.04 -39.21 36.69
C TYR D 49 -7.11 -39.65 38.14
N ARG D 50 -6.56 -40.83 38.47
CA ARG D 50 -6.49 -41.26 39.86
C ARG D 50 -5.65 -40.28 40.68
N LYS D 51 -4.58 -39.74 40.09
CA LYS D 51 -3.74 -38.74 40.72
C LYS D 51 -4.24 -37.32 40.48
N MET D 52 -5.43 -37.16 39.90
CA MET D 52 -6.01 -35.86 39.62
C MET D 52 -7.34 -35.70 40.34
N GLU D 53 -7.65 -34.48 40.75
CA GLU D 53 -8.93 -34.17 41.38
C GLU D 53 -9.86 -33.62 40.31
N ILE D 54 -10.81 -34.43 39.88
CA ILE D 54 -11.75 -34.05 38.82
C ILE D 54 -12.94 -33.34 39.46
N TYR D 55 -13.37 -32.24 38.83
CA TYR D 55 -14.50 -31.46 39.31
C TYR D 55 -15.51 -31.27 38.18
N ARG D 56 -16.61 -30.59 38.51
CA ARG D 56 -17.63 -30.21 37.56
C ARG D 56 -17.89 -28.71 37.68
N PRO D 57 -18.13 -28.02 36.56
CA PRO D 57 -18.27 -26.57 36.62
C PRO D 57 -19.69 -26.10 36.89
N HIS D 58 -19.79 -24.96 37.56
CA HIS D 58 -21.06 -24.33 37.88
CA HIS D 58 -21.06 -24.33 37.88
C HIS D 58 -21.45 -23.39 36.75
N LYS D 59 -22.63 -23.61 36.17
CA LYS D 59 -23.10 -22.78 35.06
C LYS D 59 -23.20 -21.32 35.48
N ALA D 60 -22.37 -20.48 34.89
CA ALA D 60 -22.33 -19.07 35.27
C ALA D 60 -23.63 -18.36 34.93
N THR D 61 -24.06 -17.49 35.82
CA THR D 61 -25.29 -16.72 35.64
C THR D 61 -25.00 -15.43 34.86
N ALA D 62 -26.07 -14.82 34.35
CA ALA D 62 -25.94 -13.58 33.60
C ALA D 62 -25.41 -12.45 34.48
N GLU D 63 -25.75 -12.46 35.78
CA GLU D 63 -25.31 -11.39 36.67
C GLU D 63 -23.79 -11.35 36.79
N GLU D 64 -23.15 -12.53 36.80
CA GLU D 64 -21.69 -12.55 36.85
C GLU D 64 -21.09 -12.10 35.52
N MET D 65 -21.74 -12.44 34.41
CA MET D 65 -21.17 -12.13 33.10
C MET D 65 -21.34 -10.65 32.73
N THR D 66 -22.37 -9.98 33.26
CA THR D 66 -22.62 -8.59 32.91
C THR D 66 -21.65 -7.62 33.59
N LYS D 67 -20.62 -8.13 34.28
CA LYS D 67 -19.64 -7.24 34.88
C LYS D 67 -18.88 -6.45 33.83
N TYR D 68 -18.65 -7.04 32.65
CA TYR D 68 -17.95 -6.36 31.57
C TYR D 68 -18.83 -6.20 30.33
N HIS D 69 -19.54 -7.24 29.93
CA HIS D 69 -20.43 -7.15 28.78
C HIS D 69 -21.58 -6.19 29.07
N SER D 70 -21.96 -5.42 28.05
CA SER D 70 -23.09 -4.50 28.20
C SER D 70 -24.38 -5.28 28.40
N ASP D 71 -25.23 -4.78 29.30
CA ASP D 71 -26.43 -5.52 29.70
C ASP D 71 -27.29 -5.88 28.51
N GLU D 72 -27.35 -5.00 27.51
CA GLU D 72 -28.11 -5.30 26.30
C GLU D 72 -27.56 -6.54 25.61
N TYR D 73 -26.24 -6.72 25.63
CA TYR D 73 -25.64 -7.89 24.98
C TYR D 73 -26.11 -9.18 25.64
N ILE D 74 -26.08 -9.23 26.98
CA ILE D 74 -26.50 -10.45 27.66
C ILE D 74 -27.99 -10.67 27.51
N LYS D 75 -28.79 -9.60 27.56
CA LYS D 75 -30.22 -9.74 27.35
C LYS D 75 -30.51 -10.29 25.96
N PHE D 76 -29.70 -9.88 24.97
CA PHE D 76 -29.80 -10.45 23.63
C PHE D 76 -29.43 -11.93 23.64
N LEU D 77 -28.30 -12.27 24.27
CA LEU D 77 -27.71 -13.60 24.13
C LEU D 77 -28.63 -14.71 24.63
N ARG D 78 -29.42 -14.44 25.66
CA ARG D 78 -30.27 -15.45 26.29
C ARG D 78 -31.55 -15.72 25.50
N SER D 79 -31.64 -15.28 24.25
CA SER D 79 -32.85 -15.41 23.46
C SER D 79 -32.70 -16.23 22.19
N ILE D 80 -31.53 -16.21 21.54
CA ILE D 80 -31.40 -16.82 20.22
C ILE D 80 -31.59 -18.33 20.33
N ARG D 81 -32.06 -18.94 19.24
CA ARG D 81 -32.33 -20.36 19.13
C ARG D 81 -32.40 -20.70 17.64
N PRO D 82 -32.64 -21.97 17.25
CA PRO D 82 -32.95 -22.24 15.84
C PRO D 82 -34.13 -21.43 15.30
N ASP D 83 -34.96 -20.88 16.18
CA ASP D 83 -36.00 -19.92 15.83
C ASP D 83 -35.70 -18.60 16.54
N ASN D 84 -36.67 -17.67 16.46
CA ASN D 84 -36.55 -16.36 17.11
C ASN D 84 -35.39 -15.57 16.51
N MET D 85 -35.27 -15.62 15.19
CA MET D 85 -34.23 -14.90 14.46
C MET D 85 -34.76 -13.72 13.66
N SER D 86 -35.97 -13.82 13.12
CA SER D 86 -36.53 -12.73 12.33
C SER D 86 -36.75 -11.49 13.19
N GLU D 87 -37.23 -11.67 14.42
CA GLU D 87 -37.48 -10.53 15.30
C GLU D 87 -36.18 -9.81 15.64
N TYR D 88 -35.09 -10.56 15.86
CA TYR D 88 -33.80 -9.99 16.18
C TYR D 88 -32.93 -9.77 14.96
N SER D 89 -33.49 -9.89 13.75
CA SER D 89 -32.72 -9.66 12.53
C SER D 89 -32.18 -8.23 12.45
N LYS D 90 -32.80 -7.29 13.16
CA LYS D 90 -32.26 -5.94 13.20
C LYS D 90 -31.15 -5.78 14.23
N GLN D 91 -31.08 -6.66 15.22
CA GLN D 91 -29.98 -6.66 16.18
C GLN D 91 -28.97 -7.77 15.93
N MET D 92 -29.36 -8.82 15.19
CA MET D 92 -28.40 -9.86 14.83
C MET D 92 -27.24 -9.29 14.03
N GLN D 93 -27.52 -8.33 13.15
CA GLN D 93 -26.48 -7.62 12.41
C GLN D 93 -25.83 -6.52 13.24
N ARG D 94 -26.43 -6.14 14.37
CA ARG D 94 -25.84 -5.19 15.29
C ARG D 94 -24.95 -5.84 16.33
N PHE D 95 -24.82 -7.16 16.32
CA PHE D 95 -23.96 -7.88 17.26
C PHE D 95 -23.03 -8.86 16.56
N ASN D 96 -22.97 -8.83 15.23
CA ASN D 96 -22.07 -9.61 14.38
C ASN D 96 -22.38 -11.11 14.40
N VAL D 97 -23.43 -11.54 15.08
CA VAL D 97 -23.77 -12.96 15.11
C VAL D 97 -24.50 -13.34 13.83
N GLY D 98 -24.43 -14.61 13.48
CA GLY D 98 -25.26 -15.16 12.42
C GLY D 98 -24.50 -15.64 11.20
N GLU D 99 -23.51 -14.87 10.77
CA GLU D 99 -22.76 -15.18 9.55
C GLU D 99 -21.41 -15.82 9.85
N ASP D 100 -20.55 -15.11 10.60
CA ASP D 100 -19.24 -15.66 10.94
C ASP D 100 -19.34 -16.58 12.16
N CYS D 101 -19.84 -16.04 13.27
CA CYS D 101 -20.13 -16.81 14.47
C CYS D 101 -21.61 -17.20 14.43
N PRO D 102 -21.97 -18.42 14.04
CA PRO D 102 -23.38 -18.73 13.81
C PRO D 102 -24.18 -18.88 15.09
N VAL D 103 -25.44 -19.27 14.95
CA VAL D 103 -26.34 -19.48 16.08
C VAL D 103 -26.75 -20.95 16.08
N PHE D 104 -26.49 -21.63 17.18
CA PHE D 104 -26.78 -23.05 17.33
C PHE D 104 -27.53 -23.29 18.63
N ASP D 105 -27.95 -24.53 18.84
CA ASP D 105 -28.71 -24.89 20.03
C ASP D 105 -27.88 -24.65 21.29
N GLY D 106 -28.53 -24.09 22.31
CA GLY D 106 -27.87 -23.86 23.59
C GLY D 106 -26.68 -22.92 23.50
N LEU D 107 -26.78 -21.88 22.68
CA LEU D 107 -25.67 -20.94 22.53
C LEU D 107 -25.40 -20.19 23.83
N PHE D 108 -26.40 -20.05 24.70
CA PHE D 108 -26.25 -19.40 25.99
C PHE D 108 -25.99 -20.40 27.12
N GLU D 109 -25.70 -21.65 26.78
CA GLU D 109 -25.41 -22.69 27.77
C GLU D 109 -23.95 -23.13 27.72
N PHE D 110 -23.43 -23.43 26.53
CA PHE D 110 -22.05 -23.86 26.40
C PHE D 110 -21.09 -22.77 26.89
N CYS D 111 -21.27 -21.54 26.39
CA CYS D 111 -20.41 -20.45 26.81
C CYS D 111 -20.59 -20.15 28.30
N GLN D 112 -21.83 -20.20 28.79
CA GLN D 112 -22.10 -19.91 30.19
C GLN D 112 -21.38 -20.91 31.10
N LEU D 113 -21.47 -22.19 30.77
CA LEU D 113 -20.81 -23.20 31.59
C LEU D 113 -19.30 -23.11 31.46
N SER D 114 -18.79 -22.78 30.27
CA SER D 114 -17.35 -22.63 30.11
C SER D 114 -16.81 -21.50 30.97
N THR D 115 -17.47 -20.34 30.96
CA THR D 115 -17.01 -19.24 31.79
C THR D 115 -17.25 -19.52 33.27
N GLY D 116 -18.28 -20.31 33.59
CA GLY D 116 -18.46 -20.73 34.97
C GLY D 116 -17.31 -21.57 35.47
N GLY D 117 -16.85 -22.53 34.66
CA GLY D 117 -15.66 -23.29 35.01
C GLY D 117 -14.42 -22.42 35.10
N SER D 118 -14.29 -21.46 34.19
CA SER D 118 -13.13 -20.57 34.21
C SER D 118 -13.09 -19.77 35.50
N VAL D 119 -14.22 -19.17 35.88
CA VAL D 119 -14.26 -18.39 37.13
C VAL D 119 -14.22 -19.30 38.35
N ALA D 120 -14.60 -20.58 38.21
CA ALA D 120 -14.43 -21.51 39.31
C ALA D 120 -12.96 -21.78 39.58
N GLY D 121 -12.19 -22.02 38.52
CA GLY D 121 -10.75 -22.14 38.68
C GLY D 121 -10.12 -20.86 39.20
N ALA D 122 -10.62 -19.71 38.74
CA ALA D 122 -10.14 -18.43 39.24
C ALA D 122 -10.38 -18.30 40.74
N VAL D 123 -11.58 -18.68 41.19
CA VAL D 123 -11.90 -18.60 42.62
C VAL D 123 -11.03 -19.57 43.41
N LYS D 124 -10.84 -20.79 42.88
CA LYS D 124 -10.02 -21.76 43.58
C LYS D 124 -8.58 -21.25 43.75
N LEU D 125 -8.01 -20.65 42.71
CA LEU D 125 -6.70 -20.04 42.88
C LEU D 125 -6.76 -18.81 43.79
N ASN D 126 -7.92 -18.17 43.90
CA ASN D 126 -8.02 -16.93 44.66
C ASN D 126 -7.91 -17.16 46.16
N ARG D 127 -8.21 -18.37 46.63
CA ARG D 127 -8.14 -18.71 48.05
C ARG D 127 -6.88 -19.49 48.39
N GLN D 128 -5.87 -19.46 47.53
CA GLN D 128 -4.60 -20.18 47.71
C GLN D 128 -4.82 -21.69 47.90
N GLN D 129 -5.97 -22.21 47.49
CA GLN D 129 -6.24 -23.63 47.63
C GLN D 129 -5.20 -24.46 46.87
N THR D 130 -5.11 -24.24 45.56
CA THR D 130 -4.11 -24.88 44.72
C THR D 130 -3.34 -23.80 43.97
N ASP D 131 -2.29 -24.22 43.26
CA ASP D 131 -1.45 -23.28 42.53
C ASP D 131 -1.52 -23.44 41.02
N MET D 132 -2.14 -24.51 40.52
CA MET D 132 -2.38 -24.67 39.09
C MET D 132 -3.80 -25.20 38.88
N ALA D 133 -4.50 -24.62 37.92
CA ALA D 133 -5.85 -25.07 37.57
C ALA D 133 -6.03 -24.98 36.07
N VAL D 134 -6.49 -26.09 35.47
CA VAL D 134 -6.73 -26.18 34.03
C VAL D 134 -8.23 -26.26 33.80
N ASN D 135 -8.73 -25.48 32.83
CA ASN D 135 -10.13 -25.57 32.38
C ASN D 135 -10.12 -25.41 30.87
N TRP D 136 -9.94 -26.53 30.16
CA TRP D 136 -9.80 -26.48 28.70
C TRP D 136 -11.02 -25.92 28.00
N ALA D 137 -12.12 -25.66 28.70
CA ALA D 137 -13.33 -25.15 28.07
C ALA D 137 -13.32 -23.64 27.90
N GLY D 138 -12.26 -22.97 28.35
CA GLY D 138 -12.10 -21.55 28.14
C GLY D 138 -11.58 -21.24 26.76
N GLY D 139 -10.67 -20.29 26.66
CA GLY D 139 -10.01 -20.01 25.39
C GLY D 139 -10.88 -19.33 24.35
N LEU D 140 -11.73 -18.40 24.77
CA LEU D 140 -12.53 -17.58 23.87
C LEU D 140 -12.07 -16.14 24.08
N HIS D 141 -11.08 -15.73 23.29
CA HIS D 141 -10.44 -14.43 23.45
C HIS D 141 -10.78 -13.45 22.35
N HIS D 142 -11.65 -13.83 21.42
CA HIS D 142 -12.01 -12.97 20.30
C HIS D 142 -13.22 -12.06 20.60
N ALA D 143 -14.18 -12.56 21.36
CA ALA D 143 -15.37 -11.79 21.70
C ALA D 143 -15.02 -10.42 22.24
N LYS D 144 -15.95 -9.47 22.07
CA LYS D 144 -15.76 -8.08 22.48
C LYS D 144 -16.92 -7.67 23.38
N LYS D 145 -16.85 -6.41 23.85
CA LYS D 145 -17.82 -5.91 24.82
C LYS D 145 -19.24 -5.95 24.27
N SER D 146 -19.41 -5.61 22.98
CA SER D 146 -20.73 -5.46 22.40
C SER D 146 -20.98 -6.35 21.19
N GLU D 147 -20.00 -7.10 20.73
CA GLU D 147 -20.17 -7.95 19.56
C GLU D 147 -19.37 -9.24 19.73
N ALA D 148 -19.67 -10.22 18.89
CA ALA D 148 -18.98 -11.50 18.88
C ALA D 148 -18.17 -11.64 17.60
N SER D 149 -17.03 -12.31 17.72
CA SER D 149 -16.14 -12.53 16.58
C SER D 149 -15.39 -13.84 16.79
N GLY D 150 -15.12 -14.52 15.69
CA GLY D 150 -14.30 -15.73 15.75
C GLY D 150 -14.90 -16.85 16.56
N PHE D 151 -16.19 -17.11 16.39
CA PHE D 151 -16.89 -18.21 17.06
C PHE D 151 -16.85 -18.07 18.58
N CYS D 152 -16.58 -16.86 19.08
CA CYS D 152 -16.45 -16.59 20.51
C CYS D 152 -17.56 -15.62 20.90
N TYR D 153 -18.61 -16.14 21.54
CA TYR D 153 -19.70 -15.30 22.02
C TYR D 153 -19.37 -14.66 23.36
N VAL D 154 -19.06 -15.48 24.36
CA VAL D 154 -18.70 -15.03 25.70
C VAL D 154 -17.21 -15.28 25.91
N ASN D 155 -16.50 -14.24 26.34
CA ASN D 155 -15.05 -14.30 26.49
C ASN D 155 -14.72 -14.67 27.93
N ASP D 156 -14.33 -15.93 28.14
CA ASP D 156 -14.08 -16.44 29.49
C ASP D 156 -12.86 -15.79 30.11
N ILE D 157 -11.84 -15.52 29.30
CA ILE D 157 -10.56 -15.03 29.82
C ILE D 157 -10.77 -13.68 30.52
N VAL D 158 -11.57 -12.80 29.91
CA VAL D 158 -11.77 -11.48 30.47
C VAL D 158 -12.50 -11.57 31.81
N LEU D 159 -13.50 -12.45 31.92
CA LEU D 159 -14.20 -12.61 33.19
C LEU D 159 -13.29 -13.19 34.25
N ALA D 160 -12.45 -14.17 33.88
CA ALA D 160 -11.50 -14.73 34.85
C ALA D 160 -10.51 -13.67 35.33
N ILE D 161 -10.02 -12.85 34.41
CA ILE D 161 -9.06 -11.81 34.79
C ILE D 161 -9.73 -10.77 35.67
N LEU D 162 -10.98 -10.43 35.39
CA LEU D 162 -11.72 -9.52 36.27
C LEU D 162 -11.90 -10.13 37.65
N GLU D 163 -12.16 -11.43 37.72
CA GLU D 163 -12.26 -12.11 39.01
C GLU D 163 -10.95 -12.02 39.78
N LEU D 164 -9.83 -12.25 39.11
CA LEU D 164 -8.53 -12.17 39.77
C LEU D 164 -8.07 -10.74 40.04
N LEU D 165 -8.69 -9.74 39.41
CA LEU D 165 -8.22 -8.36 39.49
C LEU D 165 -8.29 -7.79 40.90
N LYS D 166 -9.13 -8.37 41.77
CA LYS D 166 -9.27 -7.84 43.12
C LYS D 166 -8.29 -8.48 44.09
N TYR D 167 -8.20 -9.81 44.06
CA TYR D 167 -7.26 -10.50 44.95
C TYR D 167 -5.83 -10.29 44.51
N HIS D 168 -5.58 -10.28 43.20
CA HIS D 168 -4.26 -10.03 42.64
C HIS D 168 -4.28 -8.76 41.81
N GLN D 169 -3.19 -7.99 41.88
CA GLN D 169 -3.10 -6.70 41.20
C GLN D 169 -2.29 -6.78 39.91
N ARG D 170 -1.72 -7.93 39.59
CA ARG D 170 -0.90 -8.09 38.39
C ARG D 170 -1.13 -9.48 37.81
N VAL D 171 -1.69 -9.54 36.61
CA VAL D 171 -2.01 -10.80 35.96
C VAL D 171 -1.38 -10.83 34.58
N LEU D 172 -0.98 -12.02 34.15
CA LEU D 172 -0.51 -12.28 32.80
C LEU D 172 -1.56 -13.00 32.00
N TYR D 173 -1.58 -12.74 30.70
CA TYR D 173 -2.32 -13.55 29.74
C TYR D 173 -1.35 -13.90 28.62
N ILE D 174 -1.10 -15.19 28.43
CA ILE D 174 -0.18 -15.68 27.41
C ILE D 174 -0.97 -16.55 26.44
N ASP D 175 -1.02 -16.13 25.17
CA ASP D 175 -1.75 -16.84 24.14
C ASP D 175 -0.80 -17.25 23.03
N ILE D 176 -0.71 -18.56 22.79
CA ILE D 176 0.04 -19.09 21.66
C ILE D 176 -0.89 -19.54 20.54
N ASP D 177 -2.14 -19.08 20.55
CA ASP D 177 -3.05 -19.34 19.44
C ASP D 177 -2.60 -18.59 18.21
N ILE D 178 -2.84 -19.21 17.04
CA ILE D 178 -2.44 -18.58 15.78
C ILE D 178 -3.10 -17.21 15.62
N HIS D 179 -4.39 -17.12 15.96
CA HIS D 179 -5.13 -15.88 15.79
C HIS D 179 -4.84 -14.93 16.94
N HIS D 180 -4.68 -13.65 16.62
CA HIS D 180 -4.43 -12.63 17.63
C HIS D 180 -5.56 -12.57 18.65
N GLY D 181 -5.21 -12.39 19.91
CA GLY D 181 -6.20 -12.19 20.94
C GLY D 181 -6.59 -10.73 21.08
N ASP D 182 -7.70 -10.35 20.46
CA ASP D 182 -8.12 -8.95 20.43
C ASP D 182 -9.03 -8.59 21.59
N GLY D 183 -10.12 -9.33 21.78
CA GLY D 183 -11.02 -9.05 22.89
C GLY D 183 -10.34 -9.18 24.24
N VAL D 184 -9.54 -10.23 24.42
CA VAL D 184 -8.77 -10.40 25.65
C VAL D 184 -7.75 -9.29 25.83
N GLU D 185 -7.50 -8.49 24.80
CA GLU D 185 -6.62 -7.34 24.87
C GLU D 185 -7.37 -6.01 24.91
N GLU D 186 -8.47 -5.91 24.16
CA GLU D 186 -9.25 -4.67 24.17
C GLU D 186 -9.99 -4.49 25.49
N ALA D 187 -10.36 -5.60 26.15
CA ALA D 187 -11.11 -5.52 27.40
C ALA D 187 -10.29 -4.92 28.53
N PHE D 188 -8.96 -4.90 28.40
CA PHE D 188 -8.09 -4.28 29.39
C PHE D 188 -7.00 -3.46 28.71
N TYR D 189 -7.31 -2.87 27.55
CA TYR D 189 -6.30 -2.15 26.78
C TYR D 189 -5.79 -0.95 27.56
N THR D 190 -6.70 -0.10 28.05
CA THR D 190 -6.31 1.12 28.75
C THR D 190 -5.82 0.87 30.17
N THR D 191 -6.16 -0.27 30.76
CA THR D 191 -5.75 -0.55 32.14
C THR D 191 -4.27 -0.93 32.19
N ASP D 192 -3.63 -0.55 33.30
CA ASP D 192 -2.22 -0.85 33.53
C ASP D 192 -2.01 -2.04 34.46
N ARG D 193 -3.03 -2.87 34.65
CA ARG D 193 -2.96 -3.96 35.61
C ARG D 193 -2.67 -5.32 34.97
N VAL D 194 -3.10 -5.55 33.74
CA VAL D 194 -2.97 -6.84 33.07
C VAL D 194 -1.95 -6.74 31.96
N MET D 195 -1.09 -7.76 31.84
CA MET D 195 -0.11 -7.86 30.77
C MET D 195 -0.60 -8.91 29.78
N THR D 196 -0.98 -8.49 28.58
CA THR D 196 -1.39 -9.41 27.53
C THR D 196 -0.23 -9.67 26.59
N VAL D 197 -0.12 -10.92 26.14
CA VAL D 197 0.93 -11.35 25.22
C VAL D 197 0.30 -12.36 24.26
N SER D 198 0.44 -12.10 22.96
CA SER D 198 -0.14 -12.97 21.94
C SER D 198 0.87 -13.24 20.85
N PHE D 199 1.02 -14.51 20.48
CA PHE D 199 1.92 -14.94 19.42
C PHE D 199 1.05 -15.36 18.23
N HIS D 200 0.92 -14.46 17.25
CA HIS D 200 -0.06 -14.62 16.19
C HIS D 200 0.58 -14.38 14.83
N LYS D 201 -0.07 -14.89 13.79
CA LYS D 201 0.29 -14.51 12.43
C LYS D 201 -0.39 -13.21 12.06
N TYR D 202 0.39 -12.18 11.80
CA TYR D 202 -0.14 -10.93 11.27
C TYR D 202 -0.06 -10.95 9.74
N GLY D 203 -0.90 -10.15 9.11
CA GLY D 203 -0.84 -9.99 7.66
C GLY D 203 -1.99 -10.67 6.96
N GLU D 204 -3.00 -9.88 6.61
CA GLU D 204 -4.24 -10.35 5.98
C GLU D 204 -4.69 -11.70 6.54
N TYR D 205 -4.69 -11.79 7.86
CA TYR D 205 -5.26 -12.93 8.58
C TYR D 205 -6.57 -12.49 9.24
N PHE D 206 -7.16 -13.40 10.02
CA PHE D 206 -8.50 -13.16 10.55
C PHE D 206 -8.62 -11.87 11.35
N PRO D 207 -7.93 -11.71 12.50
CA PRO D 207 -8.22 -10.54 13.35
C PRO D 207 -7.92 -9.21 12.68
N GLY D 208 -6.92 -9.14 11.82
CA GLY D 208 -6.54 -7.88 11.22
C GLY D 208 -5.93 -6.89 12.19
N THR D 209 -5.67 -7.30 13.43
CA THR D 209 -5.09 -6.42 14.43
C THR D 209 -3.92 -7.10 15.11
N GLY D 210 -3.44 -6.54 16.21
CA GLY D 210 -2.29 -7.10 16.89
C GLY D 210 -1.00 -6.99 16.12
N ASP D 211 -0.78 -5.86 15.44
CA ASP D 211 0.46 -5.63 14.73
C ASP D 211 1.60 -5.41 15.72
N LEU D 212 2.79 -5.11 15.19
CA LEU D 212 3.93 -4.81 16.03
C LEU D 212 3.79 -3.44 16.69
N ARG D 213 2.97 -2.55 16.13
CA ARG D 213 2.90 -1.17 16.57
C ARG D 213 1.70 -0.88 17.47
N ASP D 214 0.65 -1.69 17.38
CA ASP D 214 -0.57 -1.47 18.16
C ASP D 214 -0.38 -2.06 19.55
N ILE D 215 0.26 -1.29 20.42
CA ILE D 215 0.53 -1.68 21.80
C ILE D 215 0.15 -0.54 22.71
N GLY D 216 -0.79 -0.79 23.62
CA GLY D 216 -1.09 0.13 24.69
C GLY D 216 -2.14 1.17 24.31
N ALA D 217 -2.70 1.79 25.34
CA ALA D 217 -3.66 2.88 25.17
C ALA D 217 -3.71 3.68 26.46
N GLY D 218 -3.25 4.92 26.42
CA GLY D 218 -3.33 5.77 27.59
C GLY D 218 -2.54 5.20 28.75
N LYS D 219 -3.17 5.12 29.92
CA LYS D 219 -2.52 4.54 31.09
C LYS D 219 -2.11 3.09 30.88
N GLY D 220 -2.73 2.41 29.93
CA GLY D 220 -2.32 1.06 29.56
C GLY D 220 -1.27 1.02 28.48
N LYS D 221 -0.59 2.14 28.24
CA LYS D 221 0.45 2.19 27.22
C LYS D 221 1.55 1.18 27.54
N TYR D 222 2.01 0.48 26.50
CA TYR D 222 3.06 -0.54 26.57
C TYR D 222 2.62 -1.78 27.33
N TYR D 223 1.38 -1.84 27.81
CA TYR D 223 0.88 -3.01 28.53
C TYR D 223 0.27 -4.04 27.58
N ALA D 224 1.04 -4.40 26.55
CA ALA D 224 0.63 -5.42 25.59
C ALA D 224 1.86 -5.85 24.80
N VAL D 225 1.81 -7.08 24.29
CA VAL D 225 2.92 -7.64 23.53
C VAL D 225 2.36 -8.50 22.40
N ASN D 226 2.81 -8.23 21.18
CA ASN D 226 2.33 -8.92 19.99
C ASN D 226 3.54 -9.48 19.24
N PHE D 227 3.49 -10.76 18.89
CA PHE D 227 4.54 -11.42 18.11
C PHE D 227 3.97 -11.83 16.77
N PRO D 228 4.20 -11.05 15.70
CA PRO D 228 3.74 -11.45 14.37
C PRO D 228 4.71 -12.43 13.71
N MET D 229 4.30 -13.69 13.62
CA MET D 229 5.06 -14.73 12.95
C MET D 229 4.61 -14.85 11.49
N ARG D 230 5.10 -15.87 10.80
CA ARG D 230 4.74 -16.13 9.41
C ARG D 230 4.52 -17.64 9.25
N ASP D 231 4.50 -18.09 8.00
CA ASP D 231 4.14 -19.47 7.69
C ASP D 231 5.31 -20.42 7.94
N GLY D 232 4.96 -21.66 8.27
CA GLY D 232 5.94 -22.73 8.37
C GLY D 232 6.95 -22.60 9.48
N ILE D 233 6.54 -22.08 10.64
CA ILE D 233 7.45 -22.01 11.78
C ILE D 233 7.67 -23.41 12.36
N ASP D 234 8.86 -23.63 12.90
CA ASP D 234 9.25 -24.92 13.44
C ASP D 234 9.53 -24.79 14.93
N ASP D 235 9.54 -25.94 15.62
CA ASP D 235 9.76 -25.94 17.06
C ASP D 235 11.17 -25.50 17.42
N GLU D 236 12.17 -25.94 16.66
CA GLU D 236 13.56 -25.63 16.98
C GLU D 236 13.80 -24.12 17.06
N SER D 237 13.00 -23.34 16.34
CA SER D 237 13.06 -21.89 16.44
C SER D 237 11.91 -21.31 17.27
N TYR D 238 10.74 -21.95 17.26
CA TYR D 238 9.61 -21.41 17.98
C TYR D 238 9.87 -21.40 19.49
N GLY D 239 10.41 -22.49 20.02
CA GLY D 239 10.71 -22.53 21.45
C GLY D 239 11.78 -21.52 21.84
N GLN D 240 12.84 -21.41 21.03
CA GLN D 240 13.92 -20.48 21.32
C GLN D 240 13.46 -19.04 21.20
N ILE D 241 12.47 -18.76 20.37
CA ILE D 241 11.93 -17.41 20.27
C ILE D 241 10.81 -17.16 21.28
N PHE D 242 10.25 -18.21 21.87
CA PHE D 242 9.11 -18.08 22.77
C PHE D 242 9.50 -18.02 24.24
N LYS D 243 10.44 -18.86 24.68
CA LYS D 243 10.81 -18.90 26.09
C LYS D 243 11.33 -17.57 26.61
N PRO D 244 12.27 -16.88 25.95
CA PRO D 244 12.80 -15.64 26.54
C PRO D 244 11.76 -14.54 26.69
N ILE D 245 10.67 -14.56 25.92
CA ILE D 245 9.64 -13.54 26.08
C ILE D 245 9.02 -13.61 27.47
N ILE D 246 8.64 -14.81 27.90
CA ILE D 246 8.11 -14.95 29.25
C ILE D 246 9.21 -14.76 30.27
N SER D 247 10.42 -15.29 29.99
CA SER D 247 11.53 -15.14 30.92
C SER D 247 11.84 -13.67 31.20
N LYS D 248 11.57 -12.79 30.24
CA LYS D 248 11.77 -11.36 30.39
C LYS D 248 10.56 -10.68 31.04
N VAL D 249 9.36 -11.01 30.57
CA VAL D 249 8.16 -10.32 31.04
C VAL D 249 7.90 -10.62 32.51
N MET D 250 8.16 -11.86 32.94
CA MET D 250 7.96 -12.19 34.35
C MET D 250 8.88 -11.38 35.24
N GLU D 251 10.17 -11.31 34.88
CA GLU D 251 11.13 -10.58 35.69
C GLU D 251 10.89 -9.07 35.63
N MET D 252 10.29 -8.57 34.53
CA MET D 252 10.06 -7.15 34.40
C MET D 252 8.70 -6.69 34.93
N TYR D 253 7.78 -7.62 35.23
CA TYR D 253 6.44 -7.25 35.64
C TYR D 253 6.19 -7.40 37.13
N GLN D 254 7.00 -8.18 37.84
CA GLN D 254 6.80 -8.50 39.24
C GLN D 254 5.35 -8.94 39.50
N PRO D 255 4.89 -10.00 38.83
CA PRO D 255 3.46 -10.31 38.81
C PRO D 255 2.99 -11.22 39.93
N SER D 256 1.70 -11.55 39.90
CA SER D 256 1.07 -12.42 40.89
C SER D 256 0.60 -13.74 40.29
N ALA D 257 -0.13 -13.70 39.18
CA ALA D 257 -0.69 -14.90 38.58
C ALA D 257 -0.64 -14.81 37.06
N VAL D 258 -0.75 -15.97 36.40
CA VAL D 258 -0.67 -16.07 34.95
C VAL D 258 -1.89 -16.82 34.45
N VAL D 259 -2.23 -16.56 33.17
CA VAL D 259 -3.27 -17.28 32.45
C VAL D 259 -2.63 -17.83 31.18
N LEU D 260 -2.85 -19.11 30.90
CA LEU D 260 -2.21 -19.81 29.79
C LEU D 260 -3.29 -20.25 28.80
N GLN D 261 -3.56 -19.42 27.80
CA GLN D 261 -4.41 -19.81 26.68
C GLN D 261 -3.58 -20.68 25.74
N CYS D 262 -3.93 -21.95 25.63
CA CYS D 262 -3.19 -22.92 24.81
C CYS D 262 -4.03 -23.27 23.60
N GLY D 263 -3.76 -22.62 22.47
CA GLY D 263 -4.44 -22.95 21.25
C GLY D 263 -3.78 -24.12 20.54
N ALA D 264 -4.52 -25.22 20.39
CA ALA D 264 -4.02 -26.41 19.74
C ALA D 264 -4.23 -26.39 18.23
N ASP D 265 -4.65 -25.26 17.67
CA ASP D 265 -4.61 -25.07 16.22
C ASP D 265 -3.24 -24.65 15.72
N SER D 266 -2.28 -24.42 16.63
CA SER D 266 -0.95 -23.95 16.27
C SER D 266 0.05 -25.08 16.07
N LEU D 267 -0.41 -26.25 15.62
CA LEU D 267 0.43 -27.41 15.39
C LEU D 267 0.23 -27.90 13.96
N SER D 268 0.99 -28.93 13.59
CA SER D 268 1.04 -29.37 12.20
C SER D 268 -0.28 -29.98 11.76
N GLY D 269 -0.56 -29.88 10.46
CA GLY D 269 -1.71 -30.51 9.85
C GLY D 269 -3.05 -29.95 10.26
N ASP D 270 -3.08 -28.86 11.00
CA ASP D 270 -4.34 -28.28 11.46
C ASP D 270 -5.05 -27.57 10.32
N ARG D 271 -6.35 -27.82 10.18
CA ARG D 271 -7.18 -27.03 9.28
C ARG D 271 -7.19 -25.58 9.72
N LEU D 272 -6.99 -24.67 8.77
CA LEU D 272 -6.78 -23.24 9.02
C LEU D 272 -5.53 -22.97 9.86
N GLY D 273 -4.67 -23.96 10.02
CA GLY D 273 -3.47 -23.82 10.82
C GLY D 273 -2.21 -23.79 9.99
N CYS D 274 -1.56 -22.62 9.94
CA CYS D 274 -0.41 -22.44 9.06
C CYS D 274 0.87 -22.98 9.68
N PHE D 275 1.03 -22.83 11.00
CA PHE D 275 2.24 -23.30 11.66
C PHE D 275 2.40 -24.81 11.49
N ASN D 276 3.59 -25.30 11.81
CA ASN D 276 3.90 -26.73 11.76
C ASN D 276 4.82 -27.05 12.94
N LEU D 277 4.22 -27.47 14.05
CA LEU D 277 4.96 -27.76 15.28
C LEU D 277 4.94 -29.25 15.57
N THR D 278 5.97 -29.70 16.29
CA THR D 278 6.13 -31.11 16.60
C THR D 278 5.38 -31.47 17.88
N VAL D 279 5.48 -32.74 18.27
CA VAL D 279 4.78 -33.21 19.48
C VAL D 279 5.36 -32.54 20.71
N LYS D 280 6.67 -32.70 20.92
CA LYS D 280 7.33 -32.11 22.08
C LYS D 280 7.62 -30.63 21.89
N GLY D 281 7.52 -30.12 20.67
CA GLY D 281 7.68 -28.68 20.46
C GLY D 281 6.56 -27.88 21.09
N HIS D 282 5.33 -28.39 21.02
CA HIS D 282 4.21 -27.70 21.66
C HIS D 282 4.33 -27.74 23.18
N ALA D 283 4.93 -28.79 23.73
CA ALA D 283 5.02 -28.95 25.18
C ALA D 283 6.15 -28.10 25.75
N LYS D 284 6.17 -26.81 25.42
CA LYS D 284 7.10 -25.86 26.02
C LYS D 284 6.40 -24.62 26.56
N CYS D 285 5.10 -24.47 26.36
CA CYS D 285 4.31 -23.43 27.01
C CYS D 285 3.62 -23.94 28.26
N VAL D 286 3.13 -25.19 28.23
CA VAL D 286 2.49 -25.80 29.39
C VAL D 286 3.49 -26.34 30.40
N GLU D 287 4.78 -26.28 30.10
CA GLU D 287 5.82 -26.80 30.99
C GLU D 287 6.75 -25.72 31.50
N VAL D 288 7.31 -24.89 30.61
CA VAL D 288 8.20 -23.82 31.04
C VAL D 288 7.46 -22.76 31.85
N VAL D 289 6.14 -22.66 31.69
CA VAL D 289 5.38 -21.73 32.51
C VAL D 289 5.30 -22.20 33.96
N LYS D 290 5.45 -23.50 34.19
CA LYS D 290 5.32 -24.03 35.54
C LYS D 290 6.53 -23.67 36.39
N THR D 291 7.70 -23.50 35.78
CA THR D 291 8.92 -23.24 36.54
C THR D 291 8.84 -21.93 37.30
N PHE D 292 8.05 -20.97 36.81
CA PHE D 292 7.97 -19.66 37.45
C PHE D 292 7.30 -19.71 38.82
N ASN D 293 6.62 -20.81 39.16
CA ASN D 293 6.10 -21.10 40.49
C ASN D 293 4.90 -20.23 40.87
N LEU D 294 4.36 -19.45 39.95
CA LEU D 294 3.22 -18.59 40.25
C LEU D 294 1.91 -19.32 39.98
N PRO D 295 0.82 -18.85 40.57
CA PRO D 295 -0.49 -19.43 40.26
C PRO D 295 -0.84 -19.25 38.79
N LEU D 296 -1.59 -20.20 38.25
CA LEU D 296 -1.82 -20.23 36.81
C LEU D 296 -3.19 -20.81 36.49
N LEU D 297 -3.96 -20.06 35.69
CA LEU D 297 -5.08 -20.66 34.98
C LEU D 297 -4.58 -21.27 33.68
N MET D 298 -5.34 -22.24 33.17
CA MET D 298 -5.00 -22.88 31.90
C MET D 298 -6.29 -23.14 31.13
N LEU D 299 -6.43 -22.49 29.98
CA LEU D 299 -7.59 -22.63 29.14
C LEU D 299 -7.17 -23.13 27.77
N GLY D 300 -8.12 -23.68 27.03
CA GLY D 300 -7.88 -24.16 25.67
C GLY D 300 -8.71 -23.40 24.67
N GLY D 301 -8.09 -23.01 23.57
CA GLY D 301 -8.74 -22.21 22.56
C GLY D 301 -9.12 -23.01 21.33
N GLY D 302 -9.09 -22.35 20.18
CA GLY D 302 -9.53 -22.99 18.96
C GLY D 302 -8.60 -24.12 18.54
N GLY D 303 -9.18 -25.10 17.86
CA GLY D 303 -8.44 -26.24 17.37
C GLY D 303 -9.29 -27.10 16.46
N TYR D 304 -8.74 -27.48 15.31
CA TYR D 304 -9.48 -28.21 14.29
C TYR D 304 -8.66 -29.42 13.87
N THR D 305 -9.18 -30.18 12.91
CA THR D 305 -8.62 -31.49 12.56
C THR D 305 -8.62 -32.40 13.79
N ILE D 306 -9.84 -32.76 14.20
CA ILE D 306 -10.15 -33.37 15.49
C ILE D 306 -9.10 -34.39 15.92
N ARG D 307 -8.69 -35.25 14.99
CA ARG D 307 -7.71 -36.29 15.30
C ARG D 307 -6.46 -35.71 15.93
N ASN D 308 -5.76 -34.84 15.21
CA ASN D 308 -4.50 -34.31 15.70
C ASN D 308 -4.69 -33.34 16.86
N VAL D 309 -5.70 -32.47 16.79
CA VAL D 309 -5.94 -31.50 17.85
C VAL D 309 -6.28 -32.22 19.16
N ALA D 310 -6.73 -33.47 19.09
CA ALA D 310 -6.98 -34.22 20.32
C ALA D 310 -5.76 -35.03 20.74
N ARG D 311 -5.11 -35.70 19.79
CA ARG D 311 -3.93 -36.51 20.13
C ARG D 311 -2.84 -35.64 20.75
N CYS D 312 -2.59 -34.46 20.17
CA CYS D 312 -1.61 -33.55 20.73
C CYS D 312 -2.08 -32.98 22.06
N TRP D 313 -3.39 -32.86 22.26
CA TRP D 313 -3.91 -32.34 23.51
C TRP D 313 -3.80 -33.34 24.64
N THR D 314 -3.74 -34.64 24.32
CA THR D 314 -3.71 -35.67 25.36
C THR D 314 -2.60 -35.41 26.37
N TYR D 315 -1.41 -35.05 25.89
CA TYR D 315 -0.22 -34.98 26.73
C TYR D 315 0.02 -33.59 27.29
N GLU D 316 -0.81 -32.61 26.94
CA GLU D 316 -0.70 -31.29 27.55
C GLU D 316 -0.93 -31.35 29.06
N THR D 317 -1.97 -32.08 29.47
CA THR D 317 -2.22 -32.27 30.90
C THR D 317 -1.04 -32.98 31.56
N ALA D 318 -0.49 -34.00 30.90
CA ALA D 318 0.62 -34.75 31.48
C ALA D 318 1.82 -33.84 31.73
N VAL D 319 2.18 -33.03 30.74
CA VAL D 319 3.26 -32.06 30.94
C VAL D 319 2.87 -30.99 31.95
N ALA D 320 1.58 -30.76 32.16
CA ALA D 320 1.14 -29.84 33.20
C ALA D 320 1.17 -30.45 34.60
N LEU D 321 1.29 -31.77 34.70
CA LEU D 321 1.35 -32.45 35.99
C LEU D 321 2.66 -33.17 36.26
N ASP D 322 3.54 -33.28 35.26
CA ASP D 322 4.87 -33.89 35.39
C ASP D 322 4.81 -35.39 35.63
N CYS D 323 4.14 -36.13 34.74
CA CYS D 323 4.21 -37.58 34.72
C CYS D 323 4.14 -38.04 33.26
N GLU D 324 5.16 -38.78 32.83
CA GLU D 324 5.26 -39.18 31.43
C GLU D 324 4.21 -40.24 31.11
N ILE D 325 3.49 -40.05 30.01
CA ILE D 325 2.49 -40.99 29.53
C ILE D 325 3.10 -41.80 28.38
N PRO D 326 3.14 -43.13 28.47
CA PRO D 326 3.82 -43.92 27.44
C PRO D 326 3.25 -43.65 26.05
N ASN D 327 4.15 -43.59 25.07
CA ASN D 327 3.77 -43.20 23.71
C ASN D 327 2.70 -44.13 23.12
N GLU D 328 2.68 -45.38 23.55
CA GLU D 328 1.65 -46.32 23.11
C GLU D 328 0.37 -46.07 23.88
N LEU D 329 -0.58 -45.36 23.26
CA LEU D 329 -1.79 -44.92 23.92
C LEU D 329 -2.86 -46.01 23.81
N PRO D 330 -3.99 -45.88 24.51
CA PRO D 330 -4.94 -46.98 24.59
C PRO D 330 -5.74 -47.14 23.30
N TYR D 331 -6.62 -48.15 23.31
CA TYR D 331 -7.50 -48.42 22.19
C TYR D 331 -8.66 -47.44 22.10
N ASN D 332 -9.01 -46.77 23.21
CA ASN D 332 -10.12 -45.83 23.27
C ASN D 332 -11.42 -46.47 22.79
N PHE D 342 -1.91 -46.51 13.56
CA PHE D 342 -2.15 -45.33 14.38
C PHE D 342 -1.04 -45.16 15.42
N LYS D 343 -0.83 -43.91 15.84
CA LYS D 343 0.20 -43.57 16.83
C LYS D 343 -0.10 -42.16 17.33
N LEU D 344 0.79 -41.63 18.16
CA LEU D 344 0.68 -40.28 18.69
C LEU D 344 1.96 -39.51 18.42
N HIS D 345 2.43 -39.57 17.18
CA HIS D 345 3.62 -38.85 16.75
C HIS D 345 3.34 -38.09 15.47
N ILE D 346 3.99 -36.94 15.32
CA ILE D 346 3.79 -36.05 14.17
C ILE D 346 5.16 -35.61 13.67
N SER D 347 5.15 -34.73 12.67
CA SER D 347 6.35 -34.19 12.06
C SER D 347 6.28 -32.68 12.04
N PRO D 348 7.43 -32.00 12.05
CA PRO D 348 7.46 -30.53 12.03
C PRO D 348 7.68 -29.96 10.63
N MET D 351 8.22 -29.02 4.57
CA MET D 351 7.84 -27.78 3.90
C MET D 351 8.91 -26.70 4.09
N THR D 352 8.52 -25.44 3.94
CA THR D 352 9.44 -24.32 4.02
C THR D 352 9.17 -23.51 5.29
N ASN D 353 10.05 -22.56 5.55
CA ASN D 353 9.95 -21.70 6.74
C ASN D 353 10.33 -20.28 6.31
N GLN D 354 9.30 -19.46 6.05
CA GLN D 354 9.53 -18.06 5.72
C GLN D 354 9.96 -17.21 6.92
N ASN D 355 9.90 -17.75 8.14
CA ASN D 355 10.30 -17.01 9.34
C ASN D 355 11.83 -16.92 9.38
N THR D 356 12.36 -15.96 8.62
CA THR D 356 13.80 -15.79 8.55
C THR D 356 14.37 -15.54 9.95
N PRO D 357 15.50 -16.17 10.30
CA PRO D 357 16.08 -15.93 11.63
C PRO D 357 16.42 -14.47 11.91
N GLU D 358 16.80 -13.70 10.89
CA GLU D 358 17.08 -12.29 11.08
C GLU D 358 15.83 -11.45 11.17
N TYR D 359 14.66 -12.04 10.96
CA TYR D 359 13.37 -11.39 11.16
C TYR D 359 12.80 -11.70 12.54
N MET D 360 12.80 -12.98 12.92
CA MET D 360 12.39 -13.36 14.27
C MET D 360 13.31 -12.74 15.31
N GLU D 361 14.61 -12.69 15.03
CA GLU D 361 15.54 -12.03 15.94
C GLU D 361 15.23 -10.54 16.02
N LYS D 362 14.88 -9.92 14.89
CA LYS D 362 14.55 -8.51 14.87
C LYS D 362 13.33 -8.24 15.75
N ILE D 363 12.29 -9.06 15.61
CA ILE D 363 11.08 -8.86 16.42
C ILE D 363 11.36 -9.15 17.88
N LYS D 364 12.21 -10.13 18.17
CA LYS D 364 12.57 -10.41 19.56
C LYS D 364 13.28 -9.22 20.19
N GLN D 365 14.22 -8.62 19.45
CA GLN D 365 14.91 -7.43 19.96
C GLN D 365 13.94 -6.26 20.13
N ARG D 366 13.00 -6.12 19.19
CA ARG D 366 12.01 -5.06 19.30
C ARG D 366 11.17 -5.22 20.56
N LEU D 367 10.72 -6.45 20.83
CA LEU D 367 9.94 -6.71 22.04
C LEU D 367 10.77 -6.48 23.29
N PHE D 368 12.03 -6.90 23.28
CA PHE D 368 12.90 -6.68 24.44
C PHE D 368 13.08 -5.20 24.71
N GLU D 369 13.24 -4.39 23.66
CA GLU D 369 13.40 -2.96 23.84
C GLU D 369 12.09 -2.29 24.26
N ASN D 370 10.96 -2.83 23.81
CA ASN D 370 9.67 -2.25 24.18
C ASN D 370 9.34 -2.54 25.64
N LEU D 371 9.65 -3.75 26.11
CA LEU D 371 9.34 -4.11 27.49
C LEU D 371 10.15 -3.26 28.48
N ARG D 372 11.40 -2.96 28.13
CA ARG D 372 12.25 -2.16 29.02
C ARG D 372 11.73 -0.73 29.18
N MET D 373 10.84 -0.29 28.32
CA MET D 373 10.28 1.05 28.42
C MET D 373 9.30 1.15 29.59
N3 A1ACV E . -4.01 21.12 14.85
C5 A1ACV E . -2.67 19.40 15.04
C6 A1ACV E . -1.38 18.58 14.93
C7 A1ACV E . -0.86 18.22 13.68
C8 A1ACV E . 0.33 17.46 13.59
C10 A1ACV E . 2.24 16.27 14.32
N12 A1ACV E . 3.61 15.46 16.29
C13 A1ACV E . 4.47 14.48 17.06
C15 A1ACV E . 4.62 12.13 18.16
C21 A1ACV E . 4.18 14.99 12.70
C22 A1ACV E . 5.27 14.26 11.79
C24 A1ACV E . 5.36 11.70 11.31
C26 A1ACV E . 6.19 10.09 12.92
C28 A1ACV E . 6.14 12.46 13.44
C1 A1ACV E . -6.14 20.06 15.83
C11 A1ACV E . 3.37 15.57 14.91
C14 A1ACV E . 3.73 13.14 17.42
C16 A1ACV E . 5.26 12.73 19.45
C18 A1ACV E . 5.98 14.07 19.12
C19 A1ACV E . 5.08 15.07 18.36
C23 A1ACV E . 5.59 12.79 12.18
C25 A1ACV E . 5.66 10.39 11.67
C27 A1ACV E . 6.43 11.14 13.81
C30 A1ACV E . 2.21 16.24 12.90
C32 A1ACV E . 0.49 17.43 15.99
C33 A1ACV E . -0.69 18.18 16.09
C9 A1ACV E . 1.05 17.03 14.76
N17 A1ACV E . 6.21 11.77 20.04
N2 A1ACV E . -4.66 20.07 15.40
N20 A1ACV E . 4.31 14.95 14.09
N29 A1ACV E . 3.14 15.62 12.06
N31 A1ACV E . 1.06 16.95 12.43
N34 A1ACV E . -3.88 18.97 15.53
N4 A1ACV E . -2.81 20.76 14.62
ZN ZN F . -9.62 21.57 13.83
N3 A1ACV G . -11.00 -19.76 13.10
C5 A1ACV G . -11.78 -18.08 11.92
C6 A1ACV G . -12.36 -17.34 10.72
C7 A1ACV G . -11.58 -17.09 9.58
C8 A1ACV G . -12.14 -16.39 8.47
C10 A1ACV G . -13.75 -15.24 7.19
N12 A1ACV G . -16.12 -14.36 7.06
C13 A1ACV G . -17.14 -13.31 6.75
C15 A1ACV G . -17.93 -10.87 7.14
C21 A1ACV G . -13.39 -14.18 4.59
C22 A1ACV G . -13.21 -13.56 3.12
C24 A1ACV G . -12.77 -11.05 2.60
C26 A1ACV G . -14.52 -9.36 2.67
C28 A1ACV G . -15.01 -11.68 3.17
C1 A1ACV G . -10.55 -18.50 15.28
C11 A1ACV G . -14.83 -14.56 6.51
C14 A1ACV G . -16.89 -11.95 7.47
C16 A1ACV G . -19.39 -11.33 7.43
C18 A1ACV G . -19.66 -12.70 6.74
C19 A1ACV G . -18.61 -13.77 7.07
C23 A1ACV G . -13.67 -12.08 2.96
C25 A1ACV G . -13.19 -9.72 2.46
C27 A1ACV G . -15.43 -10.36 3.03
C30 A1ACV G . -12.54 -15.31 6.44
C32 A1ACV G . -14.22 -16.21 9.64
C33 A1ACV G . -13.70 -16.89 10.74
C9 A1ACV G . -13.49 -15.92 8.47
N17 A1ACV G . -20.35 -10.31 6.96
N2 A1ACV G . -11.01 -18.63 13.84
N20 A1ACV G . -14.63 -14.04 5.23
N29 A1ACV G . -12.32 -14.80 5.15
N31 A1ACV G . -11.54 -16.00 7.21
N34 A1ACV G . -11.48 -17.55 13.15
N4 A1ACV G . -11.46 -19.48 11.94
ZN ZN H . -7.12 -20.03 17.10
#